data_7ZE3
#
_entry.id   7ZE3
#
_cell.length_a   1.00
_cell.length_b   1.00
_cell.length_c   1.00
_cell.angle_alpha   90.00
_cell.angle_beta   90.00
_cell.angle_gamma   90.00
#
_symmetry.space_group_name_H-M   'P 1'
#
loop_
_entity.id
_entity.type
_entity.pdbx_description
1 polymer 'Light-harvesting protein B-800-850 alpha chain'
2 polymer 'Light-harvesting protein B-800-850 beta chain'
3 polymer PucA-LH2-gamma
4 non-polymer 'BACTERIOCHLOROPHYLL A'
5 non-polymer "(3'E)-3',4'-didehydro-1,2-dihydro-psi,psi-caroten-1-ol"
6 water water
#
loop_
_entity_poly.entity_id
_entity_poly.type
_entity_poly.pdbx_seq_one_letter_code
_entity_poly.pdbx_strand_id
1 'polypeptide(L)' (CXM)NQGRIWTVVKPTVGLPLLLGSVAIMVFLVHFAVLTHTTWVAKFMNGKAAAIESSIKAV A,C,E,G,I,K,M,O,Q
2 'polypeptide(L)' MVDDPNKVWPTGLTIAESEELHKHVIDGSRIFVAIAIVAHFLAYVYSPWLH B,D,F,H,J,L,N,P,R
3 'polypeptide(L)'
;MSEEYKGHSGHPLILKQEGEYKGYSGEPLILKQEGEYKGYSGTPLILEQKGEYQSFSGTPLILKQEGEYRGFSGAPLILK
QDGEYKSFSGYPLLLNI
;
S
#
loop_
_chem_comp.id
_chem_comp.type
_chem_comp.name
_chem_comp.formula
BCL non-polymer 'BACTERIOCHLOROPHYLL A' 'C55 H74 Mg N4 O6'
ZE0 non-polymer (3'E)-3',4'-didehydro-1,2-dihydro-psi,psi-caroten-1-ol 'C40 H56 O'
#
# COMPACT_ATOMS: atom_id res chain seq x y z
N CXM A 1 -23.01 -5.94 -21.00
CA CXM A 1 -24.05 -6.94 -20.90
CB CXM A 1 -25.35 -6.48 -21.58
CG CXM A 1 -25.54 -4.99 -21.54
SD CXM A 1 -26.97 -4.39 -22.45
CE CXM A 1 -28.06 -5.79 -22.41
C CXM A 1 -23.69 -8.33 -21.52
O CXM A 1 -24.55 -9.25 -21.48
CN CXM A 1 -21.78 -5.99 -20.28
ON1 CXM A 1 -20.98 -4.99 -20.30
ON2 CXM A 1 -21.53 -7.04 -19.61
N ASN A 2 -22.48 -8.47 -22.04
CA ASN A 2 -21.98 -9.74 -22.53
C ASN A 2 -20.80 -10.27 -21.71
N GLN A 3 -20.39 -9.50 -20.71
CA GLN A 3 -19.27 -9.86 -19.85
C GLN A 3 -19.69 -10.61 -18.59
N GLY A 4 -20.94 -11.05 -18.51
CA GLY A 4 -21.48 -11.66 -17.30
C GLY A 4 -20.77 -12.90 -16.80
N ARG A 5 -19.88 -13.49 -17.59
CA ARG A 5 -19.08 -14.62 -17.14
C ARG A 5 -17.76 -14.20 -16.50
N ILE A 6 -17.51 -12.89 -16.37
CA ILE A 6 -16.31 -12.41 -15.69
C ILE A 6 -16.19 -12.97 -14.28
N TRP A 7 -17.31 -13.14 -13.59
CA TRP A 7 -17.32 -13.62 -12.21
C TRP A 7 -17.12 -15.12 -12.08
N THR A 8 -17.03 -15.87 -13.18
CA THR A 8 -16.56 -17.25 -13.09
C THR A 8 -15.03 -17.32 -13.01
N VAL A 9 -14.33 -16.24 -13.29
CA VAL A 9 -12.86 -16.24 -13.30
C VAL A 9 -12.26 -15.18 -12.40
N VAL A 10 -12.96 -14.09 -12.11
CA VAL A 10 -12.53 -13.11 -11.11
C VAL A 10 -13.41 -13.26 -9.87
N LYS A 11 -12.77 -13.47 -8.73
CA LYS A 11 -13.50 -13.68 -7.48
C LYS A 11 -14.29 -12.42 -7.12
N PRO A 12 -15.60 -12.55 -6.87
CA PRO A 12 -16.41 -11.36 -6.55
C PRO A 12 -15.93 -10.59 -5.33
N THR A 13 -15.46 -11.29 -4.29
CA THR A 13 -14.93 -10.63 -3.10
C THR A 13 -13.63 -9.88 -3.37
N VAL A 14 -13.02 -10.06 -4.54
CA VAL A 14 -11.96 -9.18 -5.02
C VAL A 14 -12.52 -8.11 -5.96
N GLY A 15 -13.16 -8.55 -7.04
CA GLY A 15 -13.50 -7.65 -8.13
C GLY A 15 -14.61 -6.66 -7.83
N LEU A 16 -15.59 -7.05 -7.01
CA LEU A 16 -16.63 -6.09 -6.63
C LEU A 16 -16.10 -4.99 -5.70
N PRO A 17 -15.30 -5.28 -4.66
CA PRO A 17 -14.61 -4.17 -3.96
C PRO A 17 -13.73 -3.33 -4.88
N LEU A 18 -12.94 -3.97 -5.74
CA LEU A 18 -12.10 -3.24 -6.67
C LEU A 18 -12.92 -2.39 -7.65
N LEU A 19 -14.05 -2.91 -8.12
CA LEU A 19 -14.93 -2.12 -8.98
C LEU A 19 -15.46 -0.89 -8.26
N LEU A 20 -16.21 -1.10 -7.18
CA LEU A 20 -16.83 0.01 -6.45
C LEU A 20 -15.78 0.96 -5.85
N GLY A 21 -14.70 0.40 -5.32
CA GLY A 21 -13.61 1.23 -4.84
C GLY A 21 -12.97 2.11 -5.91
N SER A 22 -12.68 1.53 -7.07
CA SER A 22 -12.10 2.31 -8.16
C SER A 22 -13.06 3.38 -8.68
N VAL A 23 -14.34 3.08 -8.76
CA VAL A 23 -15.32 4.08 -9.18
C VAL A 23 -15.36 5.25 -8.20
N ALA A 24 -15.43 4.95 -6.91
CA ALA A 24 -15.39 6.01 -5.88
C ALA A 24 -14.09 6.81 -5.92
N ILE A 25 -12.94 6.14 -6.01
CA ILE A 25 -11.66 6.83 -6.12
C ILE A 25 -11.67 7.80 -7.30
N MET A 26 -12.09 7.33 -8.46
CA MET A 26 -12.00 8.12 -9.68
C MET A 26 -13.08 9.19 -9.80
N VAL A 27 -14.24 9.01 -9.16
CA VAL A 27 -15.15 10.14 -8.93
C VAL A 27 -14.45 11.26 -8.17
N PHE A 28 -13.74 10.93 -7.10
CA PHE A 28 -13.04 11.94 -6.32
C PHE A 28 -11.91 12.61 -7.10
N LEU A 29 -11.14 11.83 -7.85
CA LEU A 29 -10.13 12.41 -8.74
C LEU A 29 -10.72 13.42 -9.72
N VAL A 30 -11.89 13.14 -10.29
CA VAL A 30 -12.52 14.09 -11.20
C VAL A 30 -12.95 15.36 -10.46
N HIS A 31 -13.56 15.22 -9.28
CA HIS A 31 -13.91 16.40 -8.49
C HIS A 31 -12.69 17.24 -8.12
N PHE A 32 -11.61 16.60 -7.64
CA PHE A 32 -10.38 17.33 -7.35
C PHE A 32 -9.77 17.98 -8.59
N ALA A 33 -9.80 17.30 -9.73
CA ALA A 33 -9.32 17.91 -10.96
C ALA A 33 -10.09 19.17 -11.33
N VAL A 34 -11.42 19.09 -11.34
CA VAL A 34 -12.24 20.25 -11.68
C VAL A 34 -12.16 21.34 -10.62
N LEU A 35 -12.17 20.95 -9.35
CA LEU A 35 -12.02 21.92 -8.25
C LEU A 35 -10.72 22.70 -8.35
N THR A 36 -9.61 22.03 -8.61
CA THR A 36 -8.33 22.71 -8.66
C THR A 36 -8.07 23.47 -9.96
N HIS A 37 -8.80 23.16 -11.03
CA HIS A 37 -8.58 23.81 -12.32
C HIS A 37 -9.74 24.68 -12.77
N THR A 38 -10.61 25.11 -11.84
CA THR A 38 -11.64 26.09 -12.16
C THR A 38 -11.74 27.10 -11.02
N THR A 39 -12.34 28.25 -11.33
CA THR A 39 -12.70 29.22 -10.32
C THR A 39 -14.10 29.01 -9.74
N TRP A 40 -15.05 28.55 -10.55
CA TRP A 40 -16.46 28.64 -10.20
C TRP A 40 -16.89 27.62 -9.15
N VAL A 41 -16.17 26.51 -9.01
CA VAL A 41 -16.48 25.56 -7.94
C VAL A 41 -16.07 26.11 -6.58
N ALA A 42 -14.85 26.65 -6.49
CA ALA A 42 -14.42 27.35 -5.27
C ALA A 42 -15.33 28.52 -4.93
N LYS A 43 -15.72 29.32 -5.94
CA LYS A 43 -16.68 30.39 -5.72
C LYS A 43 -18.01 29.84 -5.20
N PHE A 44 -18.43 28.69 -5.70
CA PHE A 44 -19.64 28.05 -5.18
C PHE A 44 -19.47 27.60 -3.73
N MET A 45 -18.34 26.96 -3.41
CA MET A 45 -18.07 26.58 -2.03
C MET A 45 -17.94 27.80 -1.13
N ASN A 46 -17.26 28.84 -1.60
CA ASN A 46 -17.03 30.03 -0.79
C ASN A 46 -18.30 30.86 -0.62
N GLY A 47 -19.24 30.76 -1.55
CA GLY A 47 -20.52 31.43 -1.42
C GLY A 47 -20.37 32.94 -1.35
N LYS A 48 -21.23 33.56 -0.55
CA LYS A 48 -21.14 34.98 -0.26
C LYS A 48 -19.78 35.37 0.32
N ASP B 3 -22.34 -31.51 -16.16
CA ASP B 3 -22.43 -30.88 -17.48
C ASP B 3 -22.03 -29.41 -17.43
N ASP B 4 -21.58 -28.90 -18.57
CA ASP B 4 -21.03 -27.56 -18.77
C ASP B 4 -21.78 -26.48 -17.99
N PRO B 5 -23.10 -26.32 -18.16
CA PRO B 5 -23.80 -25.24 -17.44
C PRO B 5 -23.78 -25.37 -15.94
N ASN B 6 -23.57 -26.58 -15.40
CA ASN B 6 -23.57 -26.80 -13.96
C ASN B 6 -22.16 -26.94 -13.40
N LYS B 7 -21.14 -26.73 -14.22
CA LYS B 7 -19.77 -26.60 -13.72
C LYS B 7 -19.68 -25.49 -12.69
N VAL B 8 -19.07 -25.79 -11.55
CA VAL B 8 -18.71 -24.79 -10.56
C VAL B 8 -17.27 -24.36 -10.85
N TRP B 9 -17.11 -23.12 -11.29
CA TRP B 9 -15.82 -22.61 -11.73
C TRP B 9 -14.93 -22.30 -10.52
N PRO B 10 -13.63 -22.09 -10.74
CA PRO B 10 -12.71 -21.86 -9.61
C PRO B 10 -13.08 -20.72 -8.68
N THR B 11 -13.93 -19.78 -9.11
CA THR B 11 -14.44 -18.78 -8.18
C THR B 11 -15.55 -19.31 -7.27
N GLY B 12 -16.00 -20.54 -7.47
CA GLY B 12 -17.12 -21.06 -6.72
C GLY B 12 -18.49 -20.67 -7.22
N LEU B 13 -18.59 -20.15 -8.44
CA LEU B 13 -19.87 -19.76 -9.03
C LEU B 13 -20.15 -20.59 -10.27
N THR B 14 -21.44 -20.81 -10.53
CA THR B 14 -21.85 -21.23 -11.86
C THR B 14 -21.90 -20.04 -12.81
N ILE B 15 -22.00 -20.35 -14.11
CA ILE B 15 -22.25 -19.31 -15.11
C ILE B 15 -23.54 -18.57 -14.82
N ALA B 16 -24.60 -19.30 -14.45
CA ALA B 16 -25.87 -18.65 -14.14
C ALA B 16 -25.80 -17.77 -12.91
N GLU B 17 -25.08 -18.20 -11.88
CA GLU B 17 -24.84 -17.34 -10.72
C GLU B 17 -24.00 -16.12 -11.09
N SER B 18 -22.94 -16.34 -11.89
CA SER B 18 -22.14 -15.23 -12.39
C SER B 18 -22.97 -14.23 -13.19
N GLU B 19 -23.85 -14.72 -14.04
CA GLU B 19 -24.70 -13.86 -14.85
C GLU B 19 -25.74 -13.13 -14.00
N GLU B 20 -26.28 -13.80 -12.98
CA GLU B 20 -27.15 -13.08 -12.03
C GLU B 20 -26.39 -12.02 -11.25
N LEU B 21 -25.15 -12.32 -10.83
CA LEU B 21 -24.33 -11.29 -10.17
C LEU B 21 -24.09 -10.10 -11.09
N HIS B 22 -23.65 -10.36 -12.33
CA HIS B 22 -23.39 -9.28 -13.29
C HIS B 22 -24.65 -8.50 -13.62
N LYS B 23 -25.82 -9.14 -13.50
CA LYS B 23 -27.08 -8.45 -13.70
C LYS B 23 -27.28 -7.31 -12.70
N HIS B 24 -26.76 -7.48 -11.47
CA HIS B 24 -26.71 -6.36 -10.53
C HIS B 24 -25.69 -5.30 -10.94
N VAL B 25 -24.53 -5.72 -11.44
CA VAL B 25 -23.48 -4.78 -11.85
C VAL B 25 -23.94 -3.88 -13.00
N ILE B 26 -24.61 -4.45 -14.00
CA ILE B 26 -25.11 -3.63 -15.10
C ILE B 26 -26.23 -2.69 -14.66
N ASP B 27 -27.16 -3.18 -13.85
CA ASP B 27 -28.24 -2.33 -13.36
C ASP B 27 -27.71 -1.15 -12.54
N GLY B 28 -26.78 -1.42 -11.62
CA GLY B 28 -26.09 -0.35 -10.91
C GLY B 28 -25.41 0.67 -11.81
N SER B 29 -24.68 0.19 -12.82
CA SER B 29 -24.04 1.08 -13.79
C SER B 29 -25.05 1.97 -14.51
N ARG B 30 -26.22 1.43 -14.86
CA ARG B 30 -27.24 2.26 -15.49
C ARG B 30 -27.81 3.32 -14.55
N ILE B 31 -28.06 2.96 -13.28
CA ILE B 31 -28.51 3.95 -12.30
C ILE B 31 -27.46 5.02 -12.04
N PHE B 32 -26.19 4.61 -11.92
CA PHE B 32 -25.10 5.56 -11.78
C PHE B 32 -25.06 6.58 -12.92
N VAL B 33 -25.13 6.11 -14.16
CA VAL B 33 -25.14 6.99 -15.33
C VAL B 33 -26.37 7.90 -15.34
N ALA B 34 -27.53 7.37 -14.95
CA ALA B 34 -28.73 8.20 -14.89
C ALA B 34 -28.59 9.35 -13.89
N ILE B 35 -28.07 9.07 -12.70
CA ILE B 35 -27.78 10.12 -11.73
C ILE B 35 -26.75 11.10 -12.27
N ALA B 36 -25.68 10.58 -12.88
CA ALA B 36 -24.64 11.43 -13.44
C ALA B 36 -25.14 12.31 -14.58
N ILE B 37 -26.06 11.80 -15.40
CA ILE B 37 -26.65 12.61 -16.46
C ILE B 37 -27.40 13.82 -15.88
N VAL B 38 -28.17 13.62 -14.81
CA VAL B 38 -28.85 14.73 -14.16
C VAL B 38 -27.86 15.69 -13.50
N ALA B 39 -26.79 15.17 -12.89
CA ALA B 39 -25.73 16.02 -12.37
C ALA B 39 -25.08 16.88 -13.45
N HIS B 40 -24.81 16.32 -14.62
CA HIS B 40 -24.30 17.11 -15.74
C HIS B 40 -25.33 18.10 -16.28
N PHE B 41 -26.61 17.73 -16.28
CA PHE B 41 -27.65 18.69 -16.65
C PHE B 41 -27.74 19.85 -15.67
N LEU B 42 -27.71 19.57 -14.36
CA LEU B 42 -27.67 20.64 -13.37
C LEU B 42 -26.44 21.53 -13.53
N ALA B 43 -25.27 20.93 -13.76
CA ALA B 43 -24.07 21.71 -14.06
C ALA B 43 -24.24 22.57 -15.29
N TYR B 44 -24.84 22.04 -16.35
CA TYR B 44 -25.13 22.84 -17.54
C TYR B 44 -26.07 24.00 -17.25
N VAL B 45 -27.08 23.80 -16.40
CA VAL B 45 -28.01 24.87 -16.10
C VAL B 45 -27.37 25.95 -15.23
N TYR B 46 -26.60 25.56 -14.22
CA TYR B 46 -26.14 26.50 -13.21
C TYR B 46 -24.67 26.88 -13.29
N SER B 47 -23.82 26.01 -13.81
CA SER B 47 -22.42 26.39 -13.96
C SER B 47 -22.18 27.13 -15.27
N PRO B 48 -21.05 27.84 -15.38
CA PRO B 48 -20.67 28.45 -16.66
C PRO B 48 -20.16 27.48 -17.72
N TRP B 49 -20.15 26.17 -17.42
CA TRP B 49 -19.37 25.18 -18.15
C TRP B 49 -19.49 25.30 -19.67
N LEU B 50 -20.72 25.24 -20.20
CA LEU B 50 -20.89 25.30 -21.65
C LEU B 50 -21.48 26.61 -22.14
N HIS B 51 -21.54 27.63 -21.30
CA HIS B 51 -22.16 28.89 -21.70
C HIS B 51 -21.15 29.76 -22.47
N GLU C 4 3.55 -13.37 39.06
CA GLU C 4 2.91 -12.12 38.64
C GLU C 4 3.95 -11.04 38.36
N TYR C 5 3.72 -10.28 37.31
CA TYR C 5 4.60 -9.17 36.96
C TYR C 5 4.47 -8.04 37.98
N LYS C 6 5.62 -7.57 38.47
CA LYS C 6 5.64 -6.46 39.43
C LYS C 6 5.51 -5.11 38.74
N GLY C 7 6.23 -4.90 37.64
CA GLY C 7 6.38 -3.59 37.05
C GLY C 7 7.16 -2.61 37.92
N HIS C 8 7.29 -1.39 37.41
CA HIS C 8 8.03 -0.32 38.06
C HIS C 8 7.19 0.92 38.29
N SER C 9 5.86 0.77 38.34
CA SER C 9 4.96 1.92 38.32
C SER C 9 3.79 1.72 39.28
N GLY C 10 4.05 1.04 40.40
CA GLY C 10 3.07 0.82 41.44
C GLY C 10 2.02 -0.23 41.12
N HIS C 11 1.05 -0.32 42.03
CA HIS C 11 0.05 -1.39 42.11
C HIS C 11 -1.31 -0.79 42.46
N PRO C 12 -2.41 -1.31 41.91
CA PRO C 12 -2.53 -2.37 40.89
C PRO C 12 -2.09 -1.99 39.48
N LEU C 13 -1.92 -2.97 38.62
CA LEU C 13 -1.75 -2.73 37.19
C LEU C 13 -2.97 -3.07 36.35
N ILE C 14 -3.92 -3.87 36.84
CA ILE C 14 -5.13 -4.21 36.10
C ILE C 14 -6.33 -4.32 37.03
N LEU C 15 -7.51 -4.23 36.43
CA LEU C 15 -8.79 -4.36 37.10
C LEU C 15 -9.63 -5.46 36.45
N LYS C 16 -10.37 -6.21 37.28
CA LYS C 16 -11.21 -7.29 36.76
C LYS C 16 -12.36 -7.52 37.73
N GLN C 17 -13.46 -8.07 37.19
CA GLN C 17 -14.59 -8.50 38.00
C GLN C 17 -15.19 -9.77 37.41
N GLU C 18 -15.90 -10.52 38.27
CA GLU C 18 -16.35 -11.86 37.94
C GLU C 18 -17.60 -11.87 37.06
N GLY C 19 -18.55 -10.97 37.31
CA GLY C 19 -19.86 -11.08 36.71
C GLY C 19 -20.01 -10.60 35.28
N GLU C 20 -19.60 -9.36 35.02
CA GLU C 20 -19.89 -8.70 33.75
C GLU C 20 -18.93 -7.54 33.59
N TYR C 21 -18.90 -6.98 32.38
CA TYR C 21 -18.11 -5.78 32.16
C TYR C 21 -18.64 -4.63 33.01
N LYS C 22 -17.81 -4.16 33.94
CA LYS C 22 -18.09 -2.98 34.75
C LYS C 22 -17.63 -1.74 33.99
N GLY C 23 -18.49 -1.29 33.07
CA GLY C 23 -18.17 -0.08 32.34
C GLY C 23 -18.31 1.16 33.20
N TYR C 24 -17.57 2.20 32.81
CA TYR C 24 -17.52 3.42 33.59
C TYR C 24 -18.58 4.45 33.19
N SER C 25 -19.03 4.43 31.94
CA SER C 25 -19.89 5.47 31.38
C SER C 25 -21.37 5.16 31.53
N GLY C 26 -21.78 4.62 32.68
CA GLY C 26 -23.16 4.26 32.93
C GLY C 26 -23.66 3.05 32.16
N GLU C 27 -24.98 2.87 32.21
CA GLU C 27 -25.68 1.71 31.68
C GLU C 27 -27.05 2.17 31.22
N PRO C 28 -27.61 1.58 30.14
CA PRO C 28 -27.10 0.50 29.26
C PRO C 28 -25.88 0.86 28.43
N LEU C 29 -24.97 -0.09 28.24
CA LEU C 29 -23.93 0.01 27.22
C LEU C 29 -24.34 -0.58 25.87
N ILE C 30 -25.30 -1.52 25.84
CA ILE C 30 -25.78 -2.09 24.59
C ILE C 30 -27.28 -2.34 24.66
N LEU C 31 -27.89 -2.45 23.49
CA LEU C 31 -29.27 -2.88 23.31
C LEU C 31 -29.30 -4.30 22.74
N LYS C 32 -30.19 -5.13 23.28
CA LYS C 32 -30.35 -6.49 22.81
C LYS C 32 -31.52 -6.61 21.84
N GLN C 33 -31.59 -7.77 21.18
CA GLN C 33 -32.54 -8.00 20.09
C GLN C 33 -32.95 -9.47 20.14
N GLU C 34 -34.20 -9.73 20.52
CA GLU C 34 -34.74 -11.08 20.54
C GLU C 34 -35.35 -11.51 19.21
N GLY C 35 -35.61 -10.59 18.29
CA GLY C 35 -36.31 -10.95 17.07
C GLY C 35 -35.83 -10.24 15.83
N GLU C 36 -36.77 -9.70 15.05
CA GLU C 36 -36.44 -8.94 13.85
C GLU C 36 -35.59 -7.73 14.22
N TYR C 37 -34.80 -7.27 13.24
CA TYR C 37 -34.01 -6.06 13.43
C TYR C 37 -34.94 -4.85 13.58
N LYS C 38 -34.79 -4.14 14.69
CA LYS C 38 -35.55 -2.92 14.99
C LYS C 38 -34.71 -1.71 14.58
N GLY C 39 -34.86 -1.31 13.31
CA GLY C 39 -34.12 -0.15 12.85
C GLY C 39 -34.72 1.16 13.33
N TYR C 40 -33.93 2.22 13.22
CA TYR C 40 -34.30 3.55 13.66
C TYR C 40 -34.72 4.49 12.54
N SER C 41 -34.69 4.03 11.29
CA SER C 41 -34.98 4.85 10.13
C SER C 41 -36.19 4.35 9.36
N GLY C 42 -37.17 3.80 10.07
CA GLY C 42 -38.39 3.31 9.45
C GLY C 42 -38.19 2.04 8.65
N THR C 43 -39.27 1.61 8.02
CA THR C 43 -39.35 0.35 7.28
C THR C 43 -40.08 0.56 5.96
N PRO C 44 -39.82 -0.28 4.94
CA PRO C 44 -38.83 -1.37 4.89
C PRO C 44 -37.37 -0.90 4.86
N LEU C 45 -36.46 -1.75 5.33
CA LEU C 45 -35.03 -1.50 5.18
C LEU C 45 -34.44 -2.18 3.95
N ILE C 46 -35.02 -3.31 3.53
CA ILE C 46 -34.57 -4.00 2.33
C ILE C 46 -35.78 -4.41 1.49
N LEU C 47 -35.51 -4.66 0.22
CA LEU C 47 -36.50 -5.18 -0.71
C LEU C 47 -36.26 -6.68 -0.93
N GLU C 48 -37.32 -7.47 -0.78
CA GLU C 48 -37.21 -8.91 -0.95
C GLU C 48 -37.20 -9.26 -2.43
N GLN C 49 -36.43 -10.29 -2.78
CA GLN C 49 -36.42 -10.86 -4.13
C GLN C 49 -36.91 -12.29 -4.07
N LYS C 50 -38.06 -12.55 -4.70
CA LYS C 50 -38.69 -13.87 -4.65
C LYS C 50 -38.20 -14.79 -5.76
N GLY C 51 -37.73 -14.24 -6.88
CA GLY C 51 -37.24 -15.05 -7.98
C GLY C 51 -36.14 -14.38 -8.77
N GLU C 52 -36.35 -14.24 -10.07
CA GLU C 52 -35.38 -13.54 -10.92
C GLU C 52 -35.32 -12.05 -10.55
N TYR C 53 -34.14 -11.47 -10.71
CA TYR C 53 -33.86 -10.10 -10.29
C TYR C 53 -34.73 -9.11 -11.03
N GLN C 54 -35.70 -8.51 -10.32
CA GLN C 54 -36.64 -7.53 -10.87
C GLN C 54 -35.97 -6.15 -10.95
N SER C 55 -35.01 -6.05 -11.87
CA SER C 55 -34.19 -4.87 -12.06
C SER C 55 -34.97 -3.58 -12.25
N PHE C 56 -34.32 -2.46 -11.95
CA PHE C 56 -34.72 -1.16 -12.48
C PHE C 56 -34.08 -0.96 -13.85
N SER C 57 -34.15 0.27 -14.37
CA SER C 57 -33.43 0.70 -15.57
C SER C 57 -33.72 -0.16 -16.80
N GLY C 58 -34.88 -0.82 -16.82
CA GLY C 58 -35.35 -1.56 -17.98
C GLY C 58 -34.62 -2.85 -18.28
N THR C 59 -35.19 -3.64 -19.19
CA THR C 59 -34.71 -4.93 -19.65
C THR C 59 -34.65 -4.95 -21.17
N PRO C 60 -33.68 -5.69 -21.76
CA PRO C 60 -32.70 -6.60 -21.16
C PRO C 60 -31.60 -5.92 -20.35
N LEU C 61 -30.86 -6.72 -19.59
CA LEU C 61 -29.90 -6.21 -18.63
C LEU C 61 -28.59 -6.96 -18.75
N ILE C 62 -28.64 -8.19 -19.25
CA ILE C 62 -27.49 -8.85 -19.85
C ILE C 62 -27.90 -9.46 -21.19
N LEU C 63 -26.90 -9.72 -22.02
CA LEU C 63 -27.07 -10.46 -23.27
C LEU C 63 -26.76 -11.93 -23.05
N LYS C 64 -27.70 -12.79 -23.44
CA LYS C 64 -27.50 -14.22 -23.31
C LYS C 64 -26.49 -14.73 -24.33
N GLN C 65 -25.80 -15.81 -23.96
CA GLN C 65 -24.87 -16.49 -24.85
C GLN C 65 -25.10 -17.99 -24.76
N GLU C 66 -25.18 -18.64 -25.92
CA GLU C 66 -25.52 -20.05 -26.03
C GLU C 66 -24.57 -20.77 -26.98
N GLY C 67 -23.36 -20.24 -27.12
CA GLY C 67 -22.34 -20.84 -27.96
C GLY C 67 -21.01 -20.12 -27.84
N GLU C 68 -20.24 -20.09 -28.91
CA GLU C 68 -18.99 -19.33 -28.93
C GLU C 68 -19.26 -17.84 -28.77
N TYR C 69 -18.25 -17.12 -28.30
CA TYR C 69 -18.36 -15.67 -28.15
C TYR C 69 -18.46 -14.99 -29.51
N ARG C 70 -19.43 -14.08 -29.63
CA ARG C 70 -19.56 -13.22 -30.80
C ARG C 70 -18.94 -11.86 -30.50
N GLY C 71 -17.94 -11.49 -31.28
CA GLY C 71 -17.36 -10.16 -31.16
C GLY C 71 -18.32 -9.09 -31.67
N PHE C 72 -18.17 -7.90 -31.10
CA PHE C 72 -18.72 -6.68 -31.68
C PHE C 72 -17.76 -5.99 -32.64
N SER C 73 -16.53 -6.48 -32.76
CA SER C 73 -15.48 -5.83 -33.53
C SER C 73 -14.94 -6.71 -34.64
N GLY C 74 -15.77 -7.60 -35.16
CA GLY C 74 -15.41 -8.41 -36.32
C GLY C 74 -14.45 -9.54 -35.99
N ALA C 75 -14.53 -10.63 -36.76
CA ALA C 75 -13.69 -11.80 -36.76
C ALA C 75 -12.44 -11.61 -37.61
N PRO C 76 -11.35 -12.33 -37.31
CA PRO C 76 -11.12 -13.15 -36.12
C PRO C 76 -10.76 -12.32 -34.89
N LEU C 77 -11.03 -12.82 -33.69
CA LEU C 77 -10.53 -12.24 -32.46
C LEU C 77 -9.23 -12.87 -31.98
N ILE C 78 -8.95 -14.10 -32.39
CA ILE C 78 -7.80 -14.86 -31.89
C ILE C 78 -7.12 -15.50 -33.09
N LEU C 79 -5.80 -15.59 -33.03
CA LEU C 79 -5.01 -16.38 -33.97
C LEU C 79 -4.66 -17.72 -33.33
N LYS C 80 -5.00 -18.81 -34.03
CA LYS C 80 -4.72 -20.14 -33.53
C LYS C 80 -3.23 -20.45 -33.60
N GLN C 81 -2.83 -21.49 -32.87
CA GLN C 81 -1.47 -22.01 -32.91
C GLN C 81 -1.52 -23.54 -32.95
N ASP C 82 -0.68 -24.12 -33.78
CA ASP C 82 -0.43 -25.56 -33.72
C ASP C 82 1.03 -25.81 -34.10
N GLY C 83 1.58 -26.90 -33.58
CA GLY C 83 2.99 -27.18 -33.71
C GLY C 83 3.88 -26.32 -32.81
N GLU C 84 4.07 -25.06 -33.16
CA GLU C 84 4.99 -24.22 -32.43
C GLU C 84 4.60 -22.75 -32.59
N TYR C 85 5.15 -21.92 -31.71
CA TYR C 85 4.91 -20.48 -31.76
C TYR C 85 5.54 -19.89 -33.03
N LYS C 86 4.71 -19.24 -33.84
CA LYS C 86 5.18 -18.51 -35.01
C LYS C 86 5.75 -17.16 -34.58
N SER C 87 7.01 -16.91 -34.93
CA SER C 87 7.62 -15.61 -34.65
C SER C 87 7.06 -14.53 -35.57
N PHE C 88 6.76 -13.37 -34.99
CA PHE C 88 6.50 -12.15 -35.74
C PHE C 88 7.75 -11.31 -35.95
N SER C 89 8.91 -11.77 -35.48
CA SER C 89 10.12 -10.96 -35.49
C SER C 89 11.34 -11.80 -35.86
N GLY C 90 11.15 -12.74 -36.78
CA GLY C 90 12.25 -13.57 -37.26
C GLY C 90 12.70 -14.64 -36.27
N TYR C 91 13.74 -15.36 -36.69
CA TYR C 91 14.28 -16.52 -36.00
C TYR C 91 15.80 -16.45 -35.93
N PRO C 92 16.40 -17.01 -34.85
CA PRO C 92 15.77 -17.67 -33.70
C PRO C 92 15.13 -16.70 -32.71
N LEU C 93 14.22 -17.18 -31.87
CA LEU C 93 13.75 -16.42 -30.71
C LEU C 93 14.47 -16.79 -29.43
N LEU C 94 15.29 -17.85 -29.43
CA LEU C 94 16.02 -18.27 -28.24
C LEU C 94 17.40 -18.77 -28.64
N LEU C 95 18.29 -18.79 -27.66
CA LEU C 95 19.50 -19.61 -27.70
C LEU C 95 19.40 -20.69 -26.64
N ASN C 96 19.85 -21.89 -26.97
CA ASN C 96 19.73 -23.04 -26.08
C ASN C 96 20.99 -23.89 -26.18
N ILE C 97 21.18 -24.73 -25.17
CA ILE C 97 22.36 -25.58 -25.07
C ILE C 97 22.45 -26.54 -26.25
N CXM D 1 -3.59 -11.15 -30.28
CA CXM D 1 -4.37 -12.28 -30.69
CB CXM D 1 -4.96 -12.08 -32.10
CG CXM D 1 -5.30 -10.63 -32.34
SD CXM D 1 -5.82 -10.25 -34.02
CE CXM D 1 -6.92 -11.57 -34.40
C CXM D 1 -3.57 -13.63 -30.71
O CXM D 1 -4.22 -14.72 -30.79
CN CXM D 1 -3.19 -10.89 -28.94
ON1 CXM D 1 -2.63 -9.78 -28.64
ON2 CXM D 1 -3.44 -11.79 -28.07
N ASN D 2 -2.25 -13.55 -30.63
CA ASN D 2 -1.41 -14.74 -30.49
C ASN D 2 -1.01 -15.00 -29.04
N GLN D 3 -1.35 -14.08 -28.14
CA GLN D 3 -1.07 -14.22 -26.72
C GLN D 3 -2.20 -14.91 -25.96
N GLY D 4 -3.16 -15.51 -26.66
CA GLY D 4 -4.35 -16.09 -26.06
C GLY D 4 -4.15 -17.12 -24.96
N ARG D 5 -2.96 -17.72 -24.88
CA ARG D 5 -2.66 -18.69 -23.83
C ARG D 5 -2.16 -18.07 -22.54
N ILE D 6 -2.01 -16.74 -22.49
CA ILE D 6 -1.47 -16.07 -21.31
C ILE D 6 -2.20 -16.50 -20.03
N TRP D 7 -3.51 -16.71 -20.12
CA TRP D 7 -4.32 -17.14 -19.00
C TRP D 7 -4.15 -18.60 -18.62
N THR D 8 -3.27 -19.35 -19.27
CA THR D 8 -2.85 -20.63 -18.73
C THR D 8 -1.75 -20.50 -17.69
N VAL D 9 -1.07 -19.36 -17.65
CA VAL D 9 0.06 -19.16 -16.75
C VAL D 9 -0.06 -17.92 -15.88
N VAL D 10 -0.92 -16.96 -16.22
CA VAL D 10 -1.29 -15.85 -15.35
C VAL D 10 -2.73 -16.03 -14.91
N LYS D 11 -2.97 -16.00 -13.60
CA LYS D 11 -4.31 -16.25 -13.08
C LYS D 11 -5.27 -15.14 -13.51
N PRO D 12 -6.43 -15.48 -14.07
CA PRO D 12 -7.40 -14.45 -14.46
C PRO D 12 -7.80 -13.49 -13.34
N THR D 13 -8.04 -13.99 -12.13
CA THR D 13 -8.40 -13.13 -11.01
C THR D 13 -7.26 -12.23 -10.56
N VAL D 14 -6.05 -12.43 -11.07
CA VAL D 14 -4.95 -11.49 -10.88
C VAL D 14 -4.81 -10.56 -12.08
N GLY D 15 -4.61 -11.14 -13.26
CA GLY D 15 -4.27 -10.35 -14.45
C GLY D 15 -5.40 -9.52 -15.01
N LEU D 16 -6.65 -9.98 -14.90
CA LEU D 16 -7.76 -9.17 -15.39
C LEU D 16 -8.01 -7.93 -14.55
N PRO D 17 -8.06 -8.00 -13.21
CA PRO D 17 -8.09 -6.75 -12.43
C PRO D 17 -6.88 -5.85 -12.65
N LEU D 18 -5.69 -6.44 -12.75
CA LEU D 18 -4.49 -5.66 -13.05
C LEU D 18 -4.58 -4.98 -14.42
N LEU D 19 -5.08 -5.69 -15.43
CA LEU D 19 -5.23 -5.08 -16.75
C LEU D 19 -6.21 -3.91 -16.73
N LEU D 20 -7.46 -4.17 -16.31
CA LEU D 20 -8.47 -3.12 -16.32
C LEU D 20 -8.10 -1.97 -15.38
N GLY D 21 -7.57 -2.28 -14.21
CA GLY D 21 -7.11 -1.24 -13.30
C GLY D 21 -5.93 -0.42 -13.82
N SER D 22 -4.94 -1.07 -14.42
CA SER D 22 -3.84 -0.34 -15.04
C SER D 22 -4.31 0.57 -16.18
N VAL D 23 -5.25 0.11 -17.00
CA VAL D 23 -5.76 0.95 -18.08
C VAL D 23 -6.50 2.16 -17.53
N ALA D 24 -7.34 1.96 -16.51
CA ALA D 24 -7.98 3.09 -15.84
C ALA D 24 -6.97 4.07 -15.25
N ILE D 25 -5.92 3.56 -14.62
CA ILE D 25 -4.84 4.42 -14.12
C ILE D 25 -4.18 5.20 -15.25
N MET D 26 -3.82 4.50 -16.33
CA MET D 26 -3.20 5.15 -17.48
C MET D 26 -4.08 6.23 -18.11
N VAL D 27 -5.38 5.97 -18.21
CA VAL D 27 -6.31 7.00 -18.70
C VAL D 27 -6.25 8.26 -17.85
N PHE D 28 -6.36 8.10 -16.52
CA PHE D 28 -6.33 9.25 -15.62
C PHE D 28 -4.99 9.97 -15.62
N LEU D 29 -3.88 9.22 -15.68
CA LEU D 29 -2.57 9.85 -15.79
C LEU D 29 -2.45 10.71 -17.05
N VAL D 30 -2.97 10.25 -18.18
CA VAL D 30 -2.94 11.08 -19.40
C VAL D 30 -3.84 12.30 -19.28
N HIS D 31 -5.04 12.15 -18.72
CA HIS D 31 -5.90 13.32 -18.48
C HIS D 31 -5.24 14.35 -17.58
N PHE D 32 -4.63 13.91 -16.47
CA PHE D 32 -3.92 14.84 -15.59
C PHE D 32 -2.72 15.48 -16.27
N ALA D 33 -1.96 14.70 -17.05
CA ALA D 33 -0.84 15.27 -17.81
C ALA D 33 -1.30 16.37 -18.76
N VAL D 34 -2.35 16.12 -19.54
CA VAL D 34 -2.83 17.12 -20.49
C VAL D 34 -3.52 18.29 -19.78
N LEU D 35 -4.29 18.01 -18.74
CA LEU D 35 -4.93 19.07 -17.96
C LEU D 35 -3.93 20.01 -17.33
N THR D 36 -2.82 19.49 -16.81
CA THR D 36 -1.83 20.35 -16.17
C THR D 36 -0.89 21.05 -17.14
N HIS D 37 -0.63 20.47 -18.31
CA HIS D 37 0.29 21.06 -19.27
C HIS D 37 -0.40 21.76 -20.45
N THR D 38 -1.68 22.09 -20.32
CA THR D 38 -2.35 22.89 -21.35
C THR D 38 -3.23 23.93 -20.67
N THR D 39 -3.59 24.96 -21.41
CA THR D 39 -4.59 25.93 -20.98
C THR D 39 -6.01 25.57 -21.40
N TRP D 40 -6.18 24.92 -22.55
CA TRP D 40 -7.50 24.84 -23.17
C TRP D 40 -8.42 23.87 -22.45
N VAL D 41 -7.88 22.84 -21.81
CA VAL D 41 -8.72 21.94 -21.02
C VAL D 41 -9.27 22.65 -19.79
N ALA D 42 -8.41 23.37 -19.08
CA ALA D 42 -8.86 24.19 -17.95
C ALA D 42 -9.86 25.25 -18.39
N LYS D 43 -9.57 25.95 -19.50
CA LYS D 43 -10.54 26.90 -20.06
C LYS D 43 -11.85 26.22 -20.43
N PHE D 44 -11.80 24.99 -20.94
CA PHE D 44 -13.02 24.24 -21.21
C PHE D 44 -13.78 23.92 -19.92
N MET D 45 -13.07 23.46 -18.89
CA MET D 45 -13.71 23.24 -17.60
C MET D 45 -14.22 24.55 -16.99
N ASN D 46 -13.43 25.63 -17.11
CA ASN D 46 -13.83 26.89 -16.49
C ASN D 46 -14.98 27.55 -17.22
N GLY D 47 -15.13 27.29 -18.51
CA GLY D 47 -16.27 27.76 -19.26
C GLY D 47 -16.33 29.27 -19.36
N LYS D 48 -17.55 29.80 -19.36
CA LYS D 48 -17.80 31.23 -19.45
C LYS D 48 -17.02 32.04 -18.41
N ASP E 3 -4.14 -35.96 -23.80
CA ASP E 3 -3.99 -35.16 -22.59
C ASP E 3 -3.93 -33.67 -22.92
N ASP E 4 -2.80 -33.25 -23.51
CA ASP E 4 -2.44 -31.83 -23.66
C ASP E 4 -3.59 -30.92 -24.05
N PRO E 5 -4.39 -31.18 -25.10
CA PRO E 5 -5.48 -30.26 -25.44
C PRO E 5 -6.56 -30.19 -24.38
N ASN E 6 -6.64 -31.16 -23.47
CA ASN E 6 -7.56 -31.14 -22.35
C ASN E 6 -6.86 -30.93 -21.02
N LYS E 7 -5.55 -30.65 -21.05
CA LYS E 7 -4.80 -30.37 -19.84
C LYS E 7 -5.35 -29.16 -19.12
N VAL E 8 -5.55 -29.29 -17.81
CA VAL E 8 -5.85 -28.15 -16.95
C VAL E 8 -4.54 -27.60 -16.41
N TRP E 9 -4.25 -26.34 -16.75
CA TRP E 9 -3.00 -25.70 -16.40
C TRP E 9 -3.08 -25.14 -14.97
N PRO E 10 -1.93 -24.77 -14.37
CA PRO E 10 -1.93 -24.30 -12.97
C PRO E 10 -2.91 -23.18 -12.65
N THR E 11 -3.34 -22.42 -13.65
CA THR E 11 -4.37 -21.41 -13.41
C THR E 11 -5.77 -22.00 -13.33
N GLY E 12 -5.93 -23.30 -13.57
CA GLY E 12 -7.23 -23.92 -13.57
C GLY E 12 -8.02 -23.78 -14.85
N LEU E 13 -7.38 -23.40 -15.95
CA LEU E 13 -8.03 -23.28 -17.25
C LEU E 13 -7.40 -24.27 -18.22
N THR E 14 -8.20 -24.73 -19.19
CA THR E 14 -7.63 -25.31 -20.38
C THR E 14 -7.13 -24.23 -21.33
N ILE E 15 -6.38 -24.66 -22.35
CA ILE E 15 -6.01 -23.76 -23.45
C ILE E 15 -7.25 -23.18 -24.12
N ALA E 16 -8.27 -24.01 -24.35
CA ALA E 16 -9.51 -23.53 -24.96
C ALA E 16 -10.20 -22.48 -24.10
N GLU E 17 -10.26 -22.70 -22.79
CA GLU E 17 -10.87 -21.71 -21.90
C GLU E 17 -10.02 -20.45 -21.81
N SER E 18 -8.69 -20.60 -21.82
CA SER E 18 -7.80 -19.46 -21.88
C SER E 18 -8.02 -18.62 -23.14
N GLU E 19 -8.07 -19.27 -24.30
CA GLU E 19 -8.33 -18.57 -25.55
C GLU E 19 -9.74 -18.00 -25.64
N GLU E 20 -10.73 -18.67 -25.04
CA GLU E 20 -12.06 -18.07 -24.94
C GLU E 20 -12.06 -16.82 -24.06
N LEU E 21 -11.33 -16.85 -22.95
CA LEU E 21 -11.18 -15.65 -22.12
C LEU E 21 -10.50 -14.52 -22.88
N HIS E 22 -9.40 -14.82 -23.56
CA HIS E 22 -8.68 -13.81 -24.33
C HIS E 22 -9.51 -13.25 -25.47
N LYS E 23 -10.51 -14.01 -25.95
CA LYS E 23 -11.43 -13.49 -26.94
C LYS E 23 -12.16 -12.25 -26.45
N HIS E 24 -12.54 -12.23 -25.17
CA HIS E 24 -13.12 -11.03 -24.56
C HIS E 24 -12.08 -9.92 -24.40
N VAL E 25 -10.85 -10.26 -24.04
CA VAL E 25 -9.79 -9.26 -23.89
C VAL E 25 -9.53 -8.52 -25.20
N ILE E 26 -9.39 -9.26 -26.30
CA ILE E 26 -9.15 -8.64 -27.60
C ILE E 26 -10.36 -7.80 -28.04
N ASP E 27 -11.56 -8.34 -27.91
CA ASP E 27 -12.76 -7.60 -28.29
C ASP E 27 -12.92 -6.31 -27.50
N GLY E 28 -12.70 -6.36 -26.18
CA GLY E 28 -12.71 -5.16 -25.36
C GLY E 28 -11.67 -4.13 -25.74
N SER E 29 -10.44 -4.58 -26.02
CA SER E 29 -9.40 -3.68 -26.50
C SER E 29 -9.78 -2.98 -27.80
N ARG E 30 -10.40 -3.69 -28.74
CA ARG E 30 -10.83 -3.06 -29.98
C ARG E 30 -11.94 -2.04 -29.78
N ILE E 31 -12.91 -2.33 -28.91
CA ILE E 31 -13.93 -1.34 -28.58
C ILE E 31 -13.32 -0.12 -27.90
N PHE E 32 -12.38 -0.34 -26.99
CA PHE E 32 -11.67 0.76 -26.35
C PHE E 32 -10.99 1.69 -27.35
N VAL E 33 -10.22 1.12 -28.29
CA VAL E 33 -9.58 1.91 -29.33
C VAL E 33 -10.59 2.64 -30.20
N ALA E 34 -11.72 1.98 -30.53
CA ALA E 34 -12.73 2.64 -31.34
C ALA E 34 -13.32 3.87 -30.66
N ILE E 35 -13.63 3.77 -29.38
CA ILE E 35 -14.09 4.93 -28.62
C ILE E 35 -13.00 6.00 -28.52
N ALA E 36 -11.76 5.57 -28.28
CA ALA E 36 -10.64 6.52 -28.21
C ALA E 36 -10.38 7.23 -29.54
N ILE E 37 -10.52 6.51 -30.66
CA ILE E 37 -10.40 7.16 -31.97
C ILE E 37 -11.44 8.27 -32.14
N VAL E 38 -12.69 8.00 -31.76
CA VAL E 38 -13.72 9.05 -31.81
C VAL E 38 -13.39 10.20 -30.86
N ALA E 39 -12.90 9.89 -29.67
CA ALA E 39 -12.49 10.95 -28.74
C ALA E 39 -11.36 11.81 -29.28
N HIS E 40 -10.38 11.21 -29.94
CA HIS E 40 -9.34 12.00 -30.61
C HIS E 40 -9.86 12.78 -31.81
N PHE E 41 -10.83 12.21 -32.54
CA PHE E 41 -11.49 12.96 -33.61
C PHE E 41 -12.24 14.18 -33.07
N LEU E 42 -13.00 14.01 -31.99
CA LEU E 42 -13.66 15.13 -31.35
C LEU E 42 -12.66 16.18 -30.84
N ALA E 43 -11.56 15.72 -30.23
CA ALA E 43 -10.50 16.64 -29.82
C ALA E 43 -9.89 17.39 -31.00
N TYR E 44 -9.70 16.70 -32.13
CA TYR E 44 -9.21 17.37 -33.33
C TYR E 44 -10.19 18.40 -33.87
N VAL E 45 -11.50 18.09 -33.84
CA VAL E 45 -12.49 19.05 -34.31
C VAL E 45 -12.57 20.27 -33.38
N TYR E 46 -12.67 20.05 -32.07
CA TYR E 46 -12.98 21.14 -31.15
C TYR E 46 -11.78 21.73 -30.43
N SER E 47 -10.74 20.96 -30.17
CA SER E 47 -9.61 21.54 -29.48
C SER E 47 -8.62 22.16 -30.44
N PRO E 48 -7.77 23.08 -29.96
CA PRO E 48 -6.69 23.63 -30.80
C PRO E 48 -5.55 22.66 -31.10
N TRP E 49 -5.65 21.41 -30.65
CA TRP E 49 -4.52 20.48 -30.59
C TRP E 49 -3.70 20.47 -31.88
N LEU E 50 -4.32 20.18 -33.02
CA LEU E 50 -3.57 20.09 -34.27
C LEU E 50 -3.91 21.21 -35.25
N HIS E 51 -4.51 22.29 -34.78
CA HIS E 51 -4.85 23.41 -35.65
C HIS E 51 -3.63 24.29 -35.90
N CXM F 1 17.65 -14.02 -24.86
CA CXM F 1 17.34 -15.25 -25.53
CB CXM F 1 17.79 -15.21 -27.01
CG CXM F 1 17.24 -14.02 -27.74
SD CXM F 1 17.95 -13.73 -29.37
CE CXM F 1 18.32 -15.36 -29.92
C CXM F 1 18.01 -16.50 -24.89
O CXM F 1 17.64 -17.66 -25.25
CN CXM F 1 17.05 -13.62 -23.63
ON1 CXM F 1 17.20 -12.44 -23.19
ON2 CXM F 1 16.36 -14.50 -23.01
N ASN F 2 18.95 -16.28 -23.98
CA ASN F 2 19.55 -17.36 -23.21
C ASN F 2 18.97 -17.49 -21.80
N GLN F 3 18.03 -16.62 -21.46
CA GLN F 3 17.41 -16.61 -20.14
C GLN F 3 16.11 -17.40 -20.07
N GLY F 4 15.84 -18.24 -21.08
CA GLY F 4 14.55 -18.90 -21.19
C GLY F 4 14.16 -19.79 -20.04
N ARG F 5 15.12 -20.21 -19.20
CA ARG F 5 14.83 -20.99 -18.02
C ARG F 5 14.46 -20.17 -16.79
N ILE F 6 14.41 -18.84 -16.91
CA ILE F 6 13.99 -17.99 -15.80
C ILE F 6 12.63 -18.42 -15.25
N TRP F 7 11.72 -18.83 -16.12
CA TRP F 7 10.38 -19.25 -15.73
C TRP F 7 10.32 -20.64 -15.10
N THR F 8 11.45 -21.33 -14.96
CA THR F 8 11.48 -22.49 -14.08
C THR F 8 11.69 -22.12 -12.62
N VAL F 9 12.16 -20.90 -12.34
CA VAL F 9 12.46 -20.49 -10.98
C VAL F 9 11.67 -19.26 -10.55
N VAL F 10 11.22 -18.41 -11.47
CA VAL F 10 10.28 -17.33 -11.17
C VAL F 10 8.91 -17.70 -11.71
N LYS F 11 7.90 -17.62 -10.87
CA LYS F 11 6.55 -18.02 -11.24
C LYS F 11 5.99 -17.08 -12.31
N PRO F 12 5.50 -17.60 -13.43
CA PRO F 12 4.96 -16.73 -14.50
C PRO F 12 3.84 -15.81 -14.04
N THR F 13 2.97 -16.25 -13.14
CA THR F 13 1.91 -15.38 -12.64
C THR F 13 2.43 -14.26 -11.73
N VAL F 14 3.70 -14.30 -11.36
CA VAL F 14 4.37 -13.20 -10.69
C VAL F 14 5.17 -12.38 -11.69
N GLY F 15 6.13 -13.02 -12.37
CA GLY F 15 7.07 -12.31 -13.21
C GLY F 15 6.49 -11.65 -14.45
N LEU F 16 5.47 -12.26 -15.06
CA LEU F 16 4.86 -11.64 -16.24
C LEU F 16 4.04 -10.41 -15.91
N PRO F 17 3.15 -10.41 -14.90
CA PRO F 17 2.53 -9.12 -14.51
C PRO F 17 3.53 -8.08 -14.05
N LEU F 18 4.57 -8.49 -13.31
CA LEU F 18 5.63 -7.57 -12.91
C LEU F 18 6.37 -7.00 -14.11
N LEU F 19 6.72 -7.85 -15.08
CA LEU F 19 7.39 -7.38 -16.29
C LEU F 19 6.52 -6.37 -17.05
N LEU F 20 5.30 -6.77 -17.41
CA LEU F 20 4.43 -5.90 -18.20
C LEU F 20 4.07 -4.63 -17.45
N GLY F 21 3.76 -4.74 -16.16
CA GLY F 21 3.47 -3.57 -15.36
C GLY F 21 4.65 -2.63 -15.15
N SER F 22 5.83 -3.18 -14.86
CA SER F 22 7.02 -2.34 -14.71
C SER F 22 7.36 -1.57 -15.99
N VAL F 23 7.23 -2.22 -17.15
CA VAL F 23 7.43 -1.52 -18.42
C VAL F 23 6.41 -0.40 -18.60
N ALA F 24 5.13 -0.70 -18.37
CA ALA F 24 4.09 0.33 -18.47
C ALA F 24 4.33 1.49 -17.50
N ILE F 25 4.72 1.20 -16.27
CA ILE F 25 5.05 2.27 -15.32
C ILE F 25 6.19 3.14 -15.85
N MET F 26 7.28 2.51 -16.26
CA MET F 26 8.49 3.22 -16.67
C MET F 26 8.40 3.84 -18.06
N VAL F 27 7.49 3.37 -18.92
CA VAL F 27 7.10 4.15 -20.10
C VAL F 27 6.53 5.50 -19.68
N PHE F 28 5.58 5.49 -18.74
CA PHE F 28 4.95 6.73 -18.26
C PHE F 28 5.94 7.66 -17.55
N LEU F 29 6.88 7.10 -16.79
CA LEU F 29 7.92 7.92 -16.18
C LEU F 29 8.75 8.68 -17.22
N VAL F 30 9.12 8.03 -18.33
CA VAL F 30 9.86 8.73 -19.37
C VAL F 30 9.01 9.81 -20.05
N HIS F 31 7.73 9.53 -20.31
CA HIS F 31 6.84 10.58 -20.82
C HIS F 31 6.73 11.77 -19.86
N PHE F 32 6.48 11.51 -18.58
CA PHE F 32 6.39 12.59 -17.61
C PHE F 32 7.72 13.34 -17.45
N ALA F 33 8.85 12.62 -17.46
CA ALA F 33 10.14 13.28 -17.41
C ALA F 33 10.35 14.24 -18.58
N VAL F 34 10.12 13.77 -19.81
CA VAL F 34 10.30 14.62 -20.99
C VAL F 34 9.23 15.70 -21.06
N LEU F 35 8.00 15.39 -20.66
CA LEU F 35 6.94 16.40 -20.64
C LEU F 35 7.24 17.55 -19.70
N THR F 36 7.81 17.27 -18.53
CA THR F 36 8.07 18.32 -17.56
C THR F 36 9.38 19.06 -17.82
N HIS F 37 10.37 18.41 -18.45
CA HIS F 37 11.65 19.04 -18.71
C HIS F 37 11.84 19.50 -20.16
N THR F 38 10.75 19.73 -20.90
CA THR F 38 10.84 20.34 -22.21
C THR F 38 9.68 21.32 -22.38
N THR F 39 9.83 22.22 -23.36
CA THR F 39 8.74 23.09 -23.78
C THR F 39 7.93 22.55 -24.95
N TRP F 40 8.55 21.79 -25.85
CA TRP F 40 7.92 21.48 -27.13
C TRP F 40 6.80 20.46 -27.00
N VAL F 41 6.88 19.56 -26.03
CA VAL F 41 5.80 18.60 -25.81
C VAL F 41 4.54 19.31 -25.31
N ALA F 42 4.69 20.22 -24.35
CA ALA F 42 3.56 21.00 -23.87
C ALA F 42 2.98 21.89 -24.96
N LYS F 43 3.85 22.50 -25.79
CA LYS F 43 3.38 23.23 -26.96
C LYS F 43 2.60 22.35 -27.92
N PHE F 44 3.08 21.13 -28.15
CA PHE F 44 2.34 20.17 -28.96
C PHE F 44 0.98 19.82 -28.36
N MET F 45 0.93 19.58 -27.06
CA MET F 45 -0.35 19.33 -26.41
C MET F 45 -1.24 20.56 -26.43
N ASN F 46 -0.67 21.75 -26.27
CA ASN F 46 -1.48 22.96 -26.24
C ASN F 46 -1.91 23.38 -27.63
N GLY F 47 -1.14 23.02 -28.66
CA GLY F 47 -1.53 23.27 -30.04
C GLY F 47 -1.64 24.75 -30.34
N LYS F 48 -2.67 25.09 -31.11
CA LYS F 48 -2.99 26.48 -31.42
C LYS F 48 -3.41 27.24 -30.17
N ASP G 3 13.28 -38.99 -15.77
CA ASP G 3 12.89 -37.85 -14.94
C ASP G 3 13.45 -36.55 -15.49
N ASP G 4 14.79 -36.41 -15.43
CA ASP G 4 15.53 -35.15 -15.56
C ASP G 4 14.96 -34.24 -16.64
N PRO G 5 14.89 -34.66 -17.92
CA PRO G 5 14.36 -33.74 -18.94
C PRO G 5 12.88 -33.41 -18.76
N ASN G 6 12.13 -34.21 -18.01
CA ASN G 6 10.72 -34.00 -17.75
C ASN G 6 10.45 -33.46 -16.36
N LYS G 7 11.49 -33.11 -15.62
CA LYS G 7 11.35 -32.51 -14.29
C LYS G 7 10.41 -31.32 -14.32
N VAL G 8 9.37 -31.38 -13.48
CA VAL G 8 8.56 -30.21 -13.17
C VAL G 8 9.25 -29.39 -12.10
N TRP G 9 9.63 -28.17 -12.44
CA TRP G 9 10.29 -27.27 -11.51
C TRP G 9 9.27 -26.60 -10.59
N PRO G 10 9.72 -25.99 -9.48
CA PRO G 10 8.77 -25.47 -8.49
C PRO G 10 7.74 -24.49 -9.03
N THR G 11 7.99 -23.85 -10.18
CA THR G 11 6.97 -23.00 -10.78
C THR G 11 5.85 -23.78 -11.45
N GLY G 12 5.96 -25.11 -11.54
CA GLY G 12 4.99 -25.90 -12.27
C GLY G 12 5.20 -25.98 -13.75
N LEU G 13 6.39 -25.61 -14.24
CA LEU G 13 6.70 -25.64 -15.66
C LEU G 13 7.86 -26.59 -15.91
N THR G 14 7.83 -27.26 -17.06
CA THR G 14 9.04 -27.89 -17.56
C THR G 14 9.96 -26.85 -18.19
N ILE G 15 11.19 -27.29 -18.47
CA ILE G 15 12.14 -26.47 -19.22
C ILE G 15 11.58 -26.09 -20.58
N ALA G 16 10.95 -27.05 -21.26
CA ALA G 16 10.33 -26.76 -22.56
C ALA G 16 9.20 -25.74 -22.45
N GLU G 17 8.33 -25.91 -21.45
CA GLU G 17 7.27 -24.92 -21.23
C GLU G 17 7.84 -23.56 -20.87
N SER G 18 8.90 -23.54 -20.06
CA SER G 18 9.57 -22.29 -19.73
C SER G 18 10.12 -21.60 -20.98
N GLU G 19 10.83 -22.36 -21.82
CA GLU G 19 11.42 -21.79 -23.03
C GLU G 19 10.36 -21.39 -24.06
N GLU G 20 9.28 -22.17 -24.17
CA GLU G 20 8.15 -21.74 -24.98
C GLU G 20 7.54 -20.43 -24.46
N LEU G 21 7.39 -20.30 -23.14
CA LEU G 21 6.88 -19.05 -22.58
C LEU G 21 7.82 -17.89 -22.88
N HIS G 22 9.13 -18.09 -22.69
CA HIS G 22 10.11 -17.03 -22.97
C HIS G 22 10.13 -16.66 -24.45
N LYS G 23 9.74 -17.59 -25.33
CA LYS G 23 9.62 -17.28 -26.75
C LYS G 23 8.64 -16.13 -27.00
N HIS G 24 7.51 -16.12 -26.29
CA HIS G 24 6.61 -14.98 -26.34
C HIS G 24 7.22 -13.72 -25.76
N VAL G 25 8.03 -13.85 -24.72
CA VAL G 25 8.66 -12.70 -24.09
C VAL G 25 9.66 -12.03 -25.03
N ILE G 26 10.51 -12.82 -25.69
CA ILE G 26 11.46 -12.27 -26.66
C ILE G 26 10.74 -11.64 -27.86
N ASP G 27 9.71 -12.31 -28.38
CA ASP G 27 8.96 -11.76 -29.51
C ASP G 27 8.27 -10.45 -29.14
N GLY G 28 7.60 -10.42 -27.99
CA GLY G 28 7.01 -9.17 -27.51
C GLY G 28 8.01 -8.05 -27.28
N SER G 29 9.18 -8.38 -26.74
CA SER G 29 10.24 -7.38 -26.60
C SER G 29 10.69 -6.81 -27.95
N ARG G 30 10.86 -7.67 -28.95
CA ARG G 30 11.26 -7.20 -30.27
C ARG G 30 10.18 -6.33 -30.94
N ILE G 31 8.92 -6.70 -30.81
CA ILE G 31 7.84 -5.86 -31.34
C ILE G 31 7.81 -4.50 -30.63
N PHE G 32 7.98 -4.50 -29.31
CA PHE G 32 8.04 -3.25 -28.55
C PHE G 32 9.15 -2.33 -29.05
N VAL G 33 10.36 -2.86 -29.22
CA VAL G 33 11.48 -2.07 -29.73
C VAL G 33 11.20 -1.53 -31.13
N ALA G 34 10.61 -2.35 -32.00
CA ALA G 34 10.30 -1.89 -33.35
C ALA G 34 9.36 -0.71 -33.35
N ILE G 35 8.27 -0.77 -32.57
CA ILE G 35 7.35 0.35 -32.44
C ILE G 35 8.06 1.57 -31.85
N ALA G 36 8.90 1.34 -30.83
CA ALA G 36 9.67 2.43 -30.22
C ALA G 36 10.64 3.09 -31.18
N ILE G 37 11.31 2.29 -32.02
CA ILE G 37 12.18 2.85 -33.05
C ILE G 37 11.42 3.80 -33.98
N VAL G 38 10.22 3.41 -34.41
CA VAL G 38 9.40 4.30 -35.24
C VAL G 38 9.01 5.56 -34.48
N ALA G 39 8.61 5.44 -33.21
CA ALA G 39 8.31 6.61 -32.39
C ALA G 39 9.51 7.54 -32.24
N HIS G 40 10.71 6.98 -32.04
CA HIS G 40 11.91 7.81 -32.02
C HIS G 40 12.19 8.46 -33.37
N PHE G 41 11.98 7.73 -34.46
CA PHE G 41 12.12 8.31 -35.79
C PHE G 41 11.11 9.43 -36.04
N LEU G 42 9.86 9.22 -35.64
CA LEU G 42 8.85 10.29 -35.71
C LEU G 42 9.26 11.52 -34.90
N ALA G 43 9.79 11.31 -33.70
CA ALA G 43 10.34 12.41 -32.92
C ALA G 43 11.52 13.08 -33.61
N TYR G 44 12.41 12.30 -34.22
CA TYR G 44 13.51 12.88 -34.97
C TYR G 44 13.03 13.72 -36.16
N VAL G 45 11.94 13.32 -36.81
CA VAL G 45 11.42 14.10 -37.92
C VAL G 45 10.69 15.35 -37.44
N TYR G 46 9.74 15.20 -36.53
CA TYR G 46 8.82 16.29 -36.20
C TYR G 46 9.21 17.09 -34.96
N SER G 47 9.92 16.50 -34.01
CA SER G 47 10.32 17.27 -32.85
C SER G 47 11.68 17.94 -33.06
N PRO G 48 11.99 18.97 -32.26
CA PRO G 48 13.32 19.59 -32.32
C PRO G 48 14.44 18.76 -31.71
N TRP G 49 14.15 17.55 -31.21
CA TRP G 49 15.03 16.78 -30.36
C TRP G 49 16.50 16.79 -30.80
N LEU G 50 16.80 16.33 -32.01
CA LEU G 50 18.19 16.27 -32.47
C LEU G 50 18.51 17.31 -33.53
N HIS G 51 17.67 18.33 -33.68
CA HIS G 51 17.88 19.32 -34.74
C HIS G 51 18.96 20.33 -34.35
N CXM H 1 30.91 -13.55 -7.20
CA CXM H 1 31.24 -14.87 -7.70
CB CXM H 1 32.49 -14.85 -8.61
CG CXM H 1 32.44 -13.74 -9.62
SD CXM H 1 33.95 -13.56 -10.59
CE CXM H 1 34.66 -15.17 -10.50
C CXM H 1 31.52 -15.91 -6.58
O CXM H 1 32.13 -16.98 -6.87
CN CXM H 1 29.64 -13.19 -6.69
ON1 CXM H 1 29.36 -11.97 -6.46
ON2 CXM H 1 28.80 -14.13 -6.47
N ASN H 2 31.09 -15.62 -5.35
CA ASN H 2 31.18 -16.58 -4.26
C ASN H 2 29.87 -16.67 -3.48
N GLN H 3 28.89 -15.87 -3.88
CA GLN H 3 27.60 -15.80 -3.23
C GLN H 3 26.57 -16.75 -3.83
N GLY H 4 26.99 -17.66 -4.71
CA GLY H 4 26.08 -18.49 -5.48
C GLY H 4 25.18 -19.40 -4.68
N ARG H 5 25.48 -19.63 -3.40
CA ARG H 5 24.58 -20.41 -2.55
C ARG H 5 23.44 -19.58 -1.96
N ILE H 6 23.39 -18.28 -2.22
CA ILE H 6 22.33 -17.43 -1.67
C ILE H 6 20.94 -17.91 -2.10
N TRP H 7 20.85 -18.56 -3.26
CA TRP H 7 19.58 -19.08 -3.76
C TRP H 7 19.15 -20.40 -3.10
N THR H 8 19.99 -20.97 -2.22
CA THR H 8 19.51 -22.02 -1.34
C THR H 8 18.78 -21.47 -0.12
N VAL H 9 18.94 -20.18 0.17
CA VAL H 9 18.31 -19.58 1.34
C VAL H 9 17.36 -18.44 0.99
N VAL H 10 17.51 -17.82 -0.18
CA VAL H 10 16.56 -16.82 -0.69
C VAL H 10 15.84 -17.42 -1.88
N LYS H 11 14.51 -17.39 -1.86
CA LYS H 11 13.71 -17.95 -2.94
C LYS H 11 13.95 -17.18 -4.23
N PRO H 12 14.31 -17.87 -5.33
CA PRO H 12 14.51 -17.18 -6.60
C PRO H 12 13.32 -16.36 -7.08
N THR H 13 12.10 -16.85 -6.89
CA THR H 13 10.90 -16.09 -7.25
C THR H 13 10.68 -14.87 -6.37
N VAL H 14 11.46 -14.70 -5.31
CA VAL H 14 11.51 -13.45 -4.57
C VAL H 14 12.74 -12.63 -4.95
N GLY H 15 13.93 -13.22 -4.80
CA GLY H 15 15.15 -12.47 -4.96
C GLY H 15 15.44 -11.99 -6.38
N LEU H 16 15.09 -12.80 -7.38
CA LEU H 16 15.31 -12.34 -8.76
C LEU H 16 14.35 -11.22 -9.18
N PRO H 17 13.05 -11.30 -8.93
CA PRO H 17 12.20 -10.12 -9.20
C PRO H 17 12.61 -8.89 -8.40
N LEU H 18 12.99 -9.05 -7.14
CA LEU H 18 13.49 -7.93 -6.34
C LEU H 18 14.80 -7.37 -6.90
N LEU H 19 15.72 -8.23 -7.29
CA LEU H 19 16.99 -7.76 -7.86
C LEU H 19 16.76 -6.96 -9.13
N LEU H 20 16.05 -7.54 -10.10
CA LEU H 20 15.79 -6.83 -11.36
C LEU H 20 14.94 -5.58 -11.15
N GLY H 21 13.89 -5.68 -10.32
CA GLY H 21 13.10 -4.51 -9.99
C GLY H 21 13.85 -3.41 -9.28
N SER H 22 14.73 -3.78 -8.35
CA SER H 22 15.53 -2.77 -7.65
C SER H 22 16.50 -2.05 -8.58
N VAL H 23 17.20 -2.78 -9.44
CA VAL H 23 18.08 -2.16 -10.42
C VAL H 23 17.30 -1.24 -11.35
N ALA H 24 16.15 -1.69 -11.85
CA ALA H 24 15.28 -0.84 -12.67
C ALA H 24 14.85 0.42 -11.93
N ILE H 25 14.34 0.30 -10.71
CA ILE H 25 13.96 1.48 -9.94
C ILE H 25 15.13 2.45 -9.78
N MET H 26 16.28 1.93 -9.34
CA MET H 26 17.42 2.78 -9.00
C MET H 26 18.18 3.31 -10.21
N VAL H 27 18.12 2.64 -11.37
CA VAL H 27 18.51 3.29 -12.63
C VAL H 27 17.68 4.55 -12.87
N PHE H 28 16.35 4.45 -12.72
CA PHE H 28 15.49 5.60 -12.92
C PHE H 28 15.75 6.71 -11.91
N LEU H 29 16.05 6.35 -10.67
CA LEU H 29 16.43 7.34 -9.67
C LEU H 29 17.69 8.13 -10.06
N VAL H 30 18.72 7.44 -10.56
CA VAL H 30 19.90 8.16 -11.03
C VAL H 30 19.60 9.05 -12.22
N HIS H 31 18.76 8.58 -13.16
CA HIS H 31 18.35 9.44 -14.27
C HIS H 31 17.60 10.68 -13.78
N PHE H 32 16.61 10.50 -12.92
CA PHE H 32 15.87 11.66 -12.38
C PHE H 32 16.76 12.57 -11.55
N ALA H 33 17.70 12.02 -10.78
CA ALA H 33 18.66 12.85 -10.06
C ALA H 33 19.45 13.75 -11.01
N VAL H 34 20.14 13.15 -11.98
CA VAL H 34 20.97 13.92 -12.92
C VAL H 34 20.13 14.83 -13.80
N LEU H 35 18.93 14.37 -14.19
CA LEU H 35 18.01 15.21 -14.96
C LEU H 35 17.64 16.48 -14.21
N THR H 36 17.33 16.38 -12.92
CA THR H 36 16.86 17.54 -12.18
C THR H 36 17.98 18.45 -11.67
N HIS H 37 19.21 17.94 -11.55
CA HIS H 37 20.32 18.74 -11.06
C HIS H 37 21.34 19.10 -12.12
N THR H 38 20.92 19.16 -13.39
CA THR H 38 21.77 19.64 -14.47
C THR H 38 20.94 20.44 -15.45
N THR H 39 21.62 21.25 -16.26
CA THR H 39 21.02 21.88 -17.42
C THR H 39 21.13 21.07 -18.71
N TRP H 40 22.25 20.36 -18.88
CA TRP H 40 22.59 19.82 -20.21
C TRP H 40 21.71 18.64 -20.60
N VAL H 41 21.16 17.90 -19.64
CA VAL H 41 20.24 16.82 -19.97
C VAL H 41 18.92 17.39 -20.50
N ALA H 42 18.37 18.39 -19.81
CA ALA H 42 17.17 19.06 -20.30
C ALA H 42 17.41 19.76 -21.62
N LYS H 43 18.59 20.37 -21.79
CA LYS H 43 18.95 20.95 -23.08
C LYS H 43 18.97 19.89 -24.19
N PHE H 44 19.53 18.72 -23.90
CA PHE H 44 19.51 17.61 -24.86
C PHE H 44 18.09 17.18 -25.20
N MET H 45 17.22 17.04 -24.19
CA MET H 45 15.82 16.71 -24.47
C MET H 45 15.11 17.82 -25.24
N ASN H 46 15.39 19.08 -24.89
CA ASN H 46 14.69 20.19 -25.54
C ASN H 46 15.22 20.46 -26.95
N GLY H 47 16.46 20.08 -27.23
CA GLY H 47 17.00 20.19 -28.57
C GLY H 47 17.02 21.61 -29.09
N LYS H 48 16.70 21.75 -30.37
CA LYS H 48 16.56 23.07 -30.98
C LYS H 48 15.40 23.86 -30.34
N ASP I 3 24.26 -37.56 1.06
CA ASP I 3 23.22 -36.57 1.24
C ASP I 3 23.63 -35.20 0.71
N ASP I 4 24.59 -34.56 1.41
CA ASP I 4 24.87 -33.13 1.36
C ASP I 4 24.79 -32.54 -0.06
N PRO I 5 25.55 -33.05 -1.04
CA PRO I 5 25.48 -32.44 -2.38
C PRO I 5 24.12 -32.60 -3.05
N ASN I 6 23.31 -33.56 -2.61
CA ASN I 6 21.98 -33.79 -3.16
C ASN I 6 20.88 -33.15 -2.33
N LYS I 7 21.22 -32.52 -1.22
CA LYS I 7 20.23 -31.89 -0.34
C LYS I 7 19.41 -30.86 -1.11
N VAL I 8 18.09 -31.02 -1.08
CA VAL I 8 17.17 -30.00 -1.55
C VAL I 8 16.93 -29.03 -0.40
N TRP I 9 17.37 -27.79 -0.57
CA TRP I 9 17.22 -26.74 0.43
C TRP I 9 15.80 -26.18 0.38
N PRO I 10 15.36 -25.48 1.43
CA PRO I 10 13.95 -25.06 1.50
C PRO I 10 13.46 -24.25 0.32
N THR I 11 14.35 -23.57 -0.41
CA THR I 11 13.95 -22.88 -1.63
C THR I 11 13.58 -23.83 -2.75
N GLY I 12 13.86 -25.11 -2.60
CA GLY I 12 13.61 -26.09 -3.64
C GLY I 12 14.76 -26.28 -4.62
N LEU I 13 15.95 -25.79 -4.29
CA LEU I 13 17.11 -25.89 -5.15
C LEU I 13 18.20 -26.70 -4.45
N THR I 14 18.98 -27.43 -5.24
CA THR I 14 20.25 -27.91 -4.75
C THR I 14 21.30 -26.81 -4.82
N ILE I 15 22.46 -27.08 -4.21
CA ILE I 15 23.60 -26.17 -4.31
C ILE I 15 24.02 -25.98 -5.77
N ALA I 16 24.07 -27.06 -6.54
CA ALA I 16 24.45 -26.96 -7.94
C ALA I 16 23.44 -26.16 -8.76
N GLU I 17 22.14 -26.36 -8.48
CA GLU I 17 21.12 -25.53 -9.12
C GLU I 17 21.23 -24.07 -8.71
N SER I 18 21.50 -23.82 -7.43
CA SER I 18 21.72 -22.46 -6.95
C SER I 18 22.91 -21.79 -7.64
N GLU I 19 24.03 -22.50 -7.75
CA GLU I 19 25.22 -21.93 -8.36
C GLU I 19 25.09 -21.77 -9.88
N GLU I 20 24.35 -22.64 -10.55
CA GLU I 20 24.05 -22.42 -11.95
C GLU I 20 23.12 -21.23 -12.17
N LEU I 21 22.12 -21.06 -11.32
CA LEU I 21 21.28 -19.86 -11.38
C LEU I 21 22.09 -18.59 -11.17
N HIS I 22 22.95 -18.58 -10.14
CA HIS I 22 23.79 -17.41 -9.88
C HIS I 22 24.75 -17.12 -11.02
N LYS I 23 25.18 -18.15 -11.76
CA LYS I 23 26.03 -17.92 -12.92
C LYS I 23 25.35 -17.05 -13.97
N HIS I 24 24.04 -17.19 -14.13
CA HIS I 24 23.28 -16.25 -14.96
C HIS I 24 23.25 -14.86 -14.36
N VAL I 25 23.10 -14.76 -13.03
CA VAL I 25 23.13 -13.47 -12.34
C VAL I 25 24.47 -12.77 -12.51
N ILE I 26 25.56 -13.51 -12.33
CA ILE I 26 26.90 -12.94 -12.51
C ILE I 26 27.13 -12.48 -13.94
N ASP I 27 26.84 -13.34 -14.92
CA ASP I 27 27.05 -12.97 -16.32
C ASP I 27 26.14 -11.82 -16.74
N GLY I 28 24.90 -11.80 -16.26
CA GLY I 28 24.03 -10.67 -16.50
C GLY I 28 24.54 -9.36 -15.93
N SER I 29 25.12 -9.42 -14.72
CA SER I 29 25.75 -8.25 -14.13
C SER I 29 26.94 -7.74 -14.96
N ARG I 30 27.77 -8.66 -15.46
CA ARG I 30 28.87 -8.27 -16.34
C ARG I 30 28.39 -7.60 -17.62
N ILE I 31 27.30 -8.10 -18.22
CA ILE I 31 26.74 -7.45 -19.39
C ILE I 31 26.24 -6.05 -19.07
N PHE I 32 25.49 -5.91 -17.98
CA PHE I 32 25.00 -4.61 -17.52
C PHE I 32 26.13 -3.60 -17.34
N VAL I 33 27.20 -4.01 -16.67
CA VAL I 33 28.37 -3.14 -16.48
C VAL I 33 28.98 -2.72 -17.81
N ALA I 34 29.14 -3.67 -18.74
CA ALA I 34 29.70 -3.35 -20.06
C ALA I 34 28.85 -2.31 -20.79
N ILE I 35 27.53 -2.50 -20.81
CA ILE I 35 26.65 -1.51 -21.43
C ILE I 35 26.75 -0.16 -20.73
N ALA I 36 26.81 -0.16 -19.40
CA ALA I 36 26.95 1.07 -18.64
C ALA I 36 28.30 1.76 -18.86
N ILE I 37 29.38 0.99 -19.00
CA ILE I 37 30.67 1.57 -19.34
C ILE I 37 30.63 2.32 -20.66
N VAL I 38 29.98 1.76 -21.68
CA VAL I 38 29.82 2.46 -22.94
C VAL I 38 28.97 3.72 -22.79
N ALA I 39 27.87 3.64 -22.05
CA ALA I 39 27.05 4.82 -21.79
C ALA I 39 27.82 5.93 -21.07
N HIS I 40 28.70 5.57 -20.12
CA HIS I 40 29.54 6.57 -19.48
C HIS I 40 30.60 7.13 -20.43
N PHE I 41 31.20 6.29 -21.27
CA PHE I 41 32.10 6.77 -22.31
C PHE I 41 31.39 7.72 -23.28
N LEU I 42 30.19 7.36 -23.73
CA LEU I 42 29.42 8.25 -24.59
C LEU I 42 29.12 9.59 -23.92
N ALA I 43 28.71 9.54 -22.65
CA ALA I 43 28.45 10.78 -21.90
C ALA I 43 29.72 11.60 -21.69
N TYR I 44 30.86 10.95 -21.47
CA TYR I 44 32.13 11.65 -21.44
C TYR I 44 32.45 12.34 -22.76
N VAL I 45 32.17 11.68 -23.88
CA VAL I 45 32.43 12.29 -25.19
C VAL I 45 31.47 13.44 -25.48
N TYR I 46 30.17 13.21 -25.31
CA TYR I 46 29.18 14.15 -25.82
C TYR I 46 28.59 15.09 -24.77
N SER I 47 28.69 14.77 -23.50
CA SER I 47 28.22 15.71 -22.49
C SER I 47 29.38 16.54 -21.93
N PRO I 48 29.08 17.67 -21.28
CA PRO I 48 30.11 18.46 -20.60
C PRO I 48 30.65 17.83 -19.32
N TRP I 49 30.17 16.65 -18.94
CA TRP I 49 30.34 16.10 -17.60
C TRP I 49 31.75 16.27 -17.02
N LEU I 50 32.78 15.81 -17.72
CA LEU I 50 34.14 15.94 -17.22
C LEU I 50 34.98 16.93 -18.03
N HIS I 51 34.35 17.78 -18.82
CA HIS I 51 35.11 18.69 -19.68
C HIS I 51 35.70 19.85 -18.87
N CXM J 1 29.93 -10.02 14.48
CA CXM J 1 30.45 -11.36 14.50
CB CXM J 1 32.00 -11.38 14.43
CG CXM J 1 32.57 -10.02 14.14
SD CXM J 1 34.35 -9.89 14.32
CE CXM J 1 34.88 -11.58 14.25
C CXM J 1 30.05 -12.20 15.76
O CXM J 1 30.81 -13.14 16.14
CN CXM J 1 28.58 -9.70 14.23
ON1 CXM J 1 28.22 -8.49 14.00
ON2 CXM J 1 27.73 -10.66 14.23
N ASN J 2 28.92 -11.87 16.37
CA ASN J 2 28.40 -12.64 17.51
C ASN J 2 26.88 -12.75 17.41
N GLN J 3 26.32 -12.15 16.37
CA GLN J 3 24.89 -12.16 16.08
C GLN J 3 24.49 -13.29 15.14
N GLY J 4 25.40 -14.19 14.78
CA GLY J 4 25.14 -15.15 13.72
C GLY J 4 24.12 -16.22 14.01
N ARG J 5 23.53 -16.26 15.20
CA ARG J 5 22.34 -17.06 15.44
C ARG J 5 21.05 -16.32 15.09
N ILE J 6 21.15 -15.09 14.60
CA ILE J 6 19.98 -14.34 14.14
C ILE J 6 19.17 -15.13 13.10
N TRP J 7 19.87 -15.87 12.23
CA TRP J 7 19.21 -16.62 11.16
C TRP J 7 18.56 -17.92 11.64
N THR J 8 18.69 -18.28 12.92
CA THR J 8 17.83 -19.32 13.47
C THR J 8 16.44 -18.81 13.84
N VAL J 9 16.28 -17.49 13.94
CA VAL J 9 15.00 -16.92 14.36
C VAL J 9 14.44 -15.92 13.35
N VAL J 10 15.25 -15.35 12.47
CA VAL J 10 14.77 -14.58 11.32
C VAL J 10 15.00 -15.39 10.05
N LYS J 11 13.95 -15.54 9.26
CA LYS J 11 14.04 -16.30 8.01
C LYS J 11 14.96 -15.60 7.03
N PRO J 12 15.99 -16.27 6.51
CA PRO J 12 16.91 -15.62 5.55
C PRO J 12 16.23 -15.06 4.32
N THR J 13 15.19 -15.72 3.81
CA THR J 13 14.43 -15.21 2.68
C THR J 13 13.61 -13.98 3.02
N VAL J 14 13.49 -13.62 4.29
CA VAL J 14 12.98 -12.33 4.72
C VAL J 14 14.11 -11.34 5.02
N GLY J 15 15.05 -11.75 5.89
CA GLY J 15 16.03 -10.81 6.42
C GLY J 15 17.14 -10.41 5.47
N LEU J 16 17.59 -11.31 4.61
CA LEU J 16 18.60 -10.94 3.62
C LEU J 16 18.07 -9.98 2.55
N PRO J 17 16.88 -10.19 1.99
CA PRO J 17 16.32 -9.16 1.09
C PRO J 17 16.05 -7.83 1.79
N LEU J 18 15.53 -7.87 3.02
CA LEU J 18 15.32 -6.65 3.79
C LEU J 18 16.65 -5.95 4.12
N LEU J 19 17.69 -6.72 4.45
CA LEU J 19 19.00 -6.13 4.70
C LEU J 19 19.54 -5.43 3.45
N LEU J 20 19.74 -6.18 2.37
CA LEU J 20 20.31 -5.62 1.14
C LEU J 20 19.45 -4.51 0.57
N GLY J 21 18.13 -4.69 0.58
CA GLY J 21 17.23 -3.64 0.13
C GLY J 21 17.28 -2.36 0.95
N SER J 22 17.30 -2.48 2.28
CA SER J 22 17.38 -1.31 3.14
C SER J 22 18.72 -0.57 3.00
N VAL J 23 19.82 -1.32 2.88
CA VAL J 23 21.11 -0.70 2.61
C VAL J 23 21.09 0.09 1.30
N ALA J 24 20.59 -0.54 0.23
CA ALA J 24 20.47 0.15 -1.05
C ALA J 24 19.58 1.39 -0.98
N ILE J 25 18.41 1.27 -0.33
CA ILE J 25 17.54 2.43 -0.15
C ILE J 25 18.27 3.56 0.55
N MET J 26 18.94 3.27 1.65
CA MET J 26 19.55 4.29 2.48
C MET J 26 20.89 4.81 1.94
N VAL J 27 21.58 4.02 1.12
CA VAL J 27 22.64 4.59 0.27
C VAL J 27 22.08 5.69 -0.62
N PHE J 28 20.94 5.45 -1.27
CA PHE J 28 20.33 6.45 -2.13
C PHE J 28 19.84 7.66 -1.36
N LEU J 29 19.26 7.45 -0.18
CA LEU J 29 18.86 8.56 0.68
C LEU J 29 20.03 9.47 1.04
N VAL J 30 21.19 8.90 1.38
CA VAL J 30 22.37 9.73 1.65
C VAL J 30 22.83 10.48 0.40
N HIS J 31 22.86 9.82 -0.76
CA HIS J 31 23.18 10.53 -2.00
C HIS J 31 22.20 11.67 -2.29
N PHE J 32 20.90 11.41 -2.18
CA PHE J 32 19.91 12.46 -2.38
C PHE J 32 20.03 13.58 -1.35
N ALA J 33 20.34 13.25 -0.11
CA ALA J 33 20.55 14.27 0.91
C ALA J 33 21.72 15.19 0.56
N VAL J 34 22.91 14.61 0.32
CA VAL J 34 24.08 15.40 -0.03
C VAL J 34 23.90 16.12 -1.36
N LEU J 35 23.27 15.47 -2.33
CA LEU J 35 22.98 16.13 -3.62
C LEU J 35 22.09 17.36 -3.46
N THR J 36 21.05 17.28 -2.65
CA THR J 36 20.11 18.39 -2.53
C THR J 36 20.58 19.46 -1.55
N HIS J 37 21.55 19.18 -0.68
CA HIS J 37 22.03 20.14 0.29
C HIS J 37 23.48 20.55 0.07
N THR J 38 23.98 20.42 -1.16
CA THR J 38 25.28 20.96 -1.53
C THR J 38 25.17 21.58 -2.92
N THR J 39 26.18 22.38 -3.28
CA THR J 39 26.36 22.86 -4.64
C THR J 39 27.36 22.04 -5.46
N TRP J 40 28.37 21.47 -4.80
CA TRP J 40 29.50 20.91 -5.53
C TRP J 40 29.17 19.58 -6.22
N VAL J 41 28.17 18.85 -5.72
CA VAL J 41 27.74 17.63 -6.39
C VAL J 41 27.00 17.95 -7.68
N ALA J 42 26.03 18.86 -7.62
CA ALA J 42 25.36 19.33 -8.83
C ALA J 42 26.34 19.98 -9.79
N LYS J 43 27.29 20.76 -9.27
CA LYS J 43 28.35 21.33 -10.10
C LYS J 43 29.17 20.25 -10.79
N PHE J 44 29.45 19.16 -10.08
CA PHE J 44 30.15 18.02 -10.70
C PHE J 44 29.30 17.34 -11.76
N MET J 45 28.01 17.10 -11.47
CA MET J 45 27.12 16.54 -12.48
C MET J 45 26.99 17.47 -13.69
N ASN J 46 26.87 18.77 -13.45
CA ASN J 46 26.69 19.72 -14.55
C ASN J 46 27.94 19.92 -15.38
N GLY J 47 29.11 19.55 -14.84
CA GLY J 47 30.37 19.64 -15.53
C GLY J 47 30.67 21.05 -16.01
N LYS J 48 31.34 21.13 -17.16
CA LYS J 48 31.67 22.42 -17.77
C LYS J 48 30.42 23.20 -18.13
N ASP K 3 20.96 -33.79 20.78
CA ASP K 3 19.91 -32.95 20.22
C ASP K 3 20.43 -31.56 19.85
N ASP K 4 20.66 -30.73 20.87
CA ASP K 4 20.77 -29.28 20.76
C ASP K 4 21.61 -28.81 19.57
N PRO K 5 22.88 -29.23 19.44
CA PRO K 5 23.67 -28.75 18.30
C PRO K 5 23.17 -29.23 16.94
N ASN K 6 22.29 -30.23 16.89
CA ASN K 6 21.71 -30.71 15.65
C ASN K 6 20.24 -30.32 15.51
N LYS K 7 19.73 -29.47 16.40
CA LYS K 7 18.38 -28.95 16.27
C LYS K 7 18.22 -28.15 14.98
N VAL K 8 17.10 -28.35 14.31
CA VAL K 8 16.69 -27.51 13.18
C VAL K 8 15.65 -26.52 13.68
N TRP K 9 15.94 -25.24 13.53
CA TRP K 9 15.11 -24.16 14.05
C TRP K 9 13.98 -23.84 13.08
N PRO K 10 12.98 -23.07 13.52
CA PRO K 10 11.82 -22.80 12.64
C PRO K 10 12.17 -22.09 11.33
N THR K 11 13.36 -21.51 11.21
CA THR K 11 13.79 -20.99 9.91
C THR K 11 14.29 -22.08 8.96
N GLY K 12 14.38 -23.33 9.42
CA GLY K 12 14.90 -24.39 8.58
C GLY K 12 16.41 -24.49 8.53
N LEU K 13 17.11 -23.89 9.48
CA LEU K 13 18.56 -23.94 9.55
C LEU K 13 18.99 -24.56 10.87
N THR K 14 20.14 -25.23 10.85
CA THR K 14 20.86 -25.46 12.09
C THR K 14 21.59 -24.19 12.52
N ILE K 15 22.14 -24.24 13.74
CA ILE K 15 23.00 -23.15 14.20
C ILE K 15 24.22 -23.02 13.30
N ALA K 16 24.86 -24.15 12.97
CA ALA K 16 26.04 -24.12 12.12
C ALA K 16 25.75 -23.54 10.73
N GLU K 17 24.60 -23.91 10.16
CA GLU K 17 24.18 -23.29 8.89
C GLU K 17 23.89 -21.81 9.07
N SER K 18 23.27 -21.43 10.18
CA SER K 18 23.04 -20.02 10.49
C SER K 18 24.35 -19.24 10.64
N GLU K 19 25.30 -19.80 11.39
CA GLU K 19 26.58 -19.12 11.59
C GLU K 19 27.41 -19.06 10.32
N GLU K 20 27.35 -20.11 9.48
CA GLU K 20 28.00 -20.04 8.18
C GLU K 20 27.36 -19.02 7.25
N LEU K 21 26.03 -18.92 7.26
CA LEU K 21 25.36 -17.86 6.53
C LEU K 21 25.81 -16.47 6.98
N HIS K 22 25.84 -16.24 8.29
CA HIS K 22 26.25 -14.94 8.82
C HIS K 22 27.70 -14.59 8.47
N LYS K 23 28.56 -15.59 8.33
CA LYS K 23 29.92 -15.34 7.90
C LYS K 23 30.00 -14.67 6.54
N HIS K 24 29.08 -15.00 5.62
CA HIS K 24 28.96 -14.25 4.38
C HIS K 24 28.47 -12.83 4.62
N VAL K 25 27.49 -12.66 5.51
CA VAL K 25 26.95 -11.33 5.81
C VAL K 25 28.00 -10.42 6.42
N ILE K 26 28.83 -10.95 7.33
CA ILE K 26 29.92 -10.19 7.91
C ILE K 26 30.96 -9.83 6.86
N ASP K 27 31.39 -10.80 6.05
CA ASP K 27 32.39 -10.54 5.01
C ASP K 27 31.88 -9.53 3.98
N GLY K 28 30.62 -9.63 3.58
CA GLY K 28 30.03 -8.62 2.72
C GLY K 28 30.00 -7.23 3.33
N SER K 29 29.65 -7.13 4.61
CA SER K 29 29.73 -5.86 5.32
C SER K 29 31.13 -5.27 5.34
N ARG K 30 32.15 -6.11 5.55
CA ARG K 30 33.53 -5.62 5.50
C ARG K 30 33.92 -5.09 4.13
N ILE K 31 33.55 -5.79 3.05
CA ILE K 31 33.85 -5.31 1.71
C ILE K 31 33.10 -4.01 1.41
N PHE K 32 31.83 -3.93 1.78
CA PHE K 32 31.07 -2.69 1.63
C PHE K 32 31.73 -1.53 2.37
N VAL K 33 32.16 -1.74 3.61
CA VAL K 33 32.89 -0.73 4.37
C VAL K 33 34.21 -0.35 3.69
N ALA K 34 34.96 -1.36 3.23
CA ALA K 34 36.23 -1.08 2.55
C ALA K 34 36.05 -0.23 1.29
N ILE K 35 35.03 -0.53 0.48
CA ILE K 35 34.76 0.29 -0.70
C ILE K 35 34.32 1.70 -0.31
N ALA K 36 33.46 1.80 0.71
CA ALA K 36 33.01 3.10 1.20
C ALA K 36 34.15 3.95 1.77
N ILE K 37 35.10 3.33 2.47
CA ILE K 37 36.27 4.05 2.95
C ILE K 37 37.05 4.70 1.81
N VAL K 38 37.27 3.97 0.71
CA VAL K 38 37.96 4.55 -0.44
C VAL K 38 37.12 5.63 -1.12
N ALA K 39 35.81 5.42 -1.25
CA ALA K 39 34.93 6.46 -1.77
C ALA K 39 34.96 7.74 -0.93
N HIS K 40 35.04 7.59 0.39
CA HIS K 40 35.22 8.74 1.27
C HIS K 40 36.59 9.38 1.12
N PHE K 41 37.64 8.57 0.98
CA PHE K 41 38.97 9.09 0.69
C PHE K 41 39.02 9.86 -0.63
N LEU K 42 38.40 9.32 -1.68
CA LEU K 42 38.33 10.04 -2.96
C LEU K 42 37.58 11.36 -2.83
N ALA K 43 36.44 11.35 -2.12
CA ALA K 43 35.70 12.59 -1.88
C ALA K 43 36.52 13.59 -1.07
N TYR K 44 37.30 13.11 -0.10
CA TYR K 44 38.21 14.01 0.61
C TYR K 44 39.25 14.65 -0.31
N VAL K 45 39.85 13.86 -1.21
CA VAL K 45 40.85 14.40 -2.12
C VAL K 45 40.23 15.40 -3.10
N TYR K 46 39.12 15.03 -3.73
CA TYR K 46 38.61 15.82 -4.85
C TYR K 46 37.48 16.78 -4.49
N SER K 47 36.71 16.50 -3.46
CA SER K 47 35.63 17.41 -3.11
C SER K 47 36.11 18.47 -2.12
N PRO K 48 35.35 19.57 -1.97
CA PRO K 48 35.66 20.55 -0.92
C PRO K 48 35.36 20.10 0.50
N TRP K 49 34.84 18.87 0.68
CA TRP K 49 34.20 18.46 1.93
C TRP K 49 34.95 18.84 3.20
N LEU K 50 36.23 18.51 3.31
CA LEU K 50 36.97 18.84 4.52
C LEU K 50 38.13 19.80 4.28
N HIS K 51 38.11 20.52 3.16
CA HIS K 51 39.21 21.41 2.83
C HIS K 51 39.07 22.75 3.56
N CXM L 1 14.89 -4.78 30.10
CA CXM L 1 15.42 -6.07 30.46
CB CXM L 1 16.64 -5.93 31.40
CG CXM L 1 17.25 -4.55 31.34
SD CXM L 1 18.59 -4.25 32.48
CE CXM L 1 18.96 -5.86 33.12
C CXM L 1 14.39 -7.00 31.18
O CXM L 1 14.69 -8.22 31.38
CN CXM L 1 14.02 -4.57 29.00
ON1 CXM L 1 13.72 -3.40 28.62
ON2 CXM L 1 13.55 -5.61 28.42
N ASN L 2 13.24 -6.44 31.56
CA ASN L 2 12.17 -7.22 32.16
C ASN L 2 11.09 -7.60 31.13
N GLN L 3 11.28 -7.16 29.89
CA GLN L 3 10.39 -7.47 28.79
C GLN L 3 10.82 -8.70 28.00
N GLY L 4 11.73 -9.52 28.53
CA GLY L 4 12.31 -10.62 27.79
C GLY L 4 11.34 -11.70 27.36
N ARG L 5 10.11 -11.71 27.86
CA ARG L 5 9.07 -12.61 27.37
C ARG L 5 8.29 -12.06 26.18
N ILE L 6 8.64 -10.89 25.67
CA ILE L 6 7.98 -10.34 24.48
C ILE L 6 8.05 -11.32 23.32
N TRP L 7 9.17 -12.05 23.18
CA TRP L 7 9.35 -13.01 22.10
C TRP L 7 8.62 -14.32 22.30
N THR L 8 7.88 -14.51 23.38
CA THR L 8 6.92 -15.61 23.46
C THR L 8 5.59 -15.27 22.81
N VAL L 9 5.33 -13.98 22.55
CA VAL L 9 4.05 -13.55 22.01
C VAL L 9 4.18 -12.71 20.76
N VAL L 10 5.36 -12.15 20.47
CA VAL L 10 5.67 -11.52 19.19
C VAL L 10 6.70 -12.39 18.46
N LYS L 11 6.39 -12.75 17.22
CA LYS L 11 7.28 -13.61 16.45
C LYS L 11 8.59 -12.88 16.16
N PRO L 12 9.75 -13.47 16.49
CA PRO L 12 11.03 -12.79 16.22
C PRO L 12 11.26 -12.43 14.77
N THR L 13 10.83 -13.28 13.83
CA THR L 13 10.95 -12.96 12.41
C THR L 13 10.00 -11.85 11.96
N VAL L 14 9.10 -11.41 12.83
CA VAL L 14 8.33 -10.18 12.63
C VAL L 14 8.96 -9.02 13.39
N GLY L 15 9.12 -9.19 14.71
CA GLY L 15 9.48 -8.06 15.55
C GLY L 15 10.92 -7.60 15.43
N LEU L 16 11.86 -8.53 15.22
CA LEU L 16 13.25 -8.11 15.02
C LEU L 16 13.46 -7.33 13.73
N PRO L 17 12.91 -7.76 12.58
CA PRO L 17 12.95 -6.87 11.41
C PRO L 17 12.23 -5.55 11.61
N LEU L 18 11.06 -5.57 12.23
CA LEU L 18 10.34 -4.34 12.55
C LEU L 18 11.12 -3.44 13.49
N LEU L 19 11.81 -4.01 14.47
CA LEU L 19 12.65 -3.21 15.36
C LEU L 19 13.79 -2.54 14.61
N LEU L 20 14.68 -3.34 14.01
CA LEU L 20 15.84 -2.79 13.33
C LEU L 20 15.46 -1.88 12.17
N GLY L 21 14.41 -2.24 11.43
CA GLY L 21 13.90 -1.36 10.39
C GLY L 21 13.36 -0.04 10.90
N SER L 22 12.54 -0.08 11.95
CA SER L 22 12.02 1.17 12.53
C SER L 22 13.13 2.05 13.10
N VAL L 23 14.14 1.45 13.74
CA VAL L 23 15.28 2.22 14.22
C VAL L 23 16.00 2.90 13.07
N ALA L 24 16.37 2.13 12.04
CA ALA L 24 17.04 2.71 10.86
C ALA L 24 16.19 3.78 10.17
N ILE L 25 14.89 3.55 10.01
CA ILE L 25 14.01 4.57 9.44
C ILE L 25 14.08 5.85 10.25
N MET L 26 13.90 5.75 11.56
CA MET L 26 13.77 6.92 12.42
C MET L 26 15.11 7.60 12.72
N VAL L 27 16.22 6.88 12.67
CA VAL L 27 17.53 7.53 12.57
C VAL L 27 17.59 8.47 11.37
N PHE L 28 17.17 7.99 10.21
CA PHE L 28 17.18 8.82 9.00
C PHE L 28 16.23 10.02 9.11
N LEU L 29 15.05 9.81 9.67
CA LEU L 29 14.14 10.92 9.92
C LEU L 29 14.76 12.01 10.78
N VAL L 30 15.52 11.63 11.82
CA VAL L 30 16.20 12.64 12.63
C VAL L 30 17.29 13.37 11.85
N HIS L 31 18.13 12.64 11.10
CA HIS L 31 19.12 13.30 10.25
C HIS L 31 18.48 14.26 9.25
N PHE L 32 17.37 13.86 8.60
CA PHE L 32 16.68 14.76 7.69
C PHE L 32 16.07 15.96 8.40
N ALA L 33 15.49 15.76 9.58
CA ALA L 33 14.97 16.88 10.37
C ALA L 33 16.05 17.91 10.69
N VAL L 34 17.18 17.44 11.23
CA VAL L 34 18.27 18.36 11.57
C VAL L 34 18.92 18.96 10.32
N LEU L 35 19.10 18.15 9.27
CA LEU L 35 19.67 18.67 8.01
C LEU L 35 18.80 19.75 7.39
N THR L 36 17.48 19.61 7.44
CA THR L 36 16.62 20.59 6.80
C THR L 36 16.31 21.81 7.66
N HIS L 37 16.43 21.70 8.99
CA HIS L 37 16.15 22.82 9.87
C HIS L 37 17.39 23.43 10.50
N THR L 38 18.58 23.18 9.95
CA THR L 38 19.79 23.87 10.37
C THR L 38 20.57 24.31 9.14
N THR L 39 21.50 25.24 9.35
CA THR L 39 22.47 25.63 8.34
C THR L 39 23.81 24.93 8.47
N TRP L 40 24.21 24.55 9.69
CA TRP L 40 25.58 24.13 9.94
C TRP L 40 25.86 22.74 9.39
N VAL L 41 24.85 21.87 9.28
CA VAL L 41 25.05 20.56 8.69
C VAL L 41 25.28 20.68 7.18
N ALA L 42 24.45 21.47 6.50
CA ALA L 42 24.64 21.72 5.08
C ALA L 42 25.98 22.39 4.80
N LYS L 43 26.38 23.36 5.64
CA LYS L 43 27.71 23.95 5.53
C LYS L 43 28.81 22.91 5.70
N PHE L 44 28.63 21.97 6.62
CA PHE L 44 29.60 20.88 6.76
C PHE L 44 29.63 19.98 5.52
N MET L 45 28.45 19.63 4.99
CA MET L 45 28.42 18.87 3.74
C MET L 45 29.02 19.64 2.58
N ASN L 46 28.74 20.95 2.49
CA ASN L 46 29.22 21.75 1.38
C ASN L 46 30.72 22.01 1.46
N GLY L 47 31.30 21.95 2.66
CA GLY L 47 32.72 22.13 2.83
C GLY L 47 33.21 23.48 2.38
N LYS L 48 34.44 23.52 1.86
CA LYS L 48 35.03 24.72 1.31
C LYS L 48 34.14 25.37 0.25
N ASP M 3 5.71 -27.94 33.67
CA ASP M 3 5.15 -27.45 32.43
C ASP M 3 5.80 -26.13 32.01
N ASP M 4 5.53 -25.06 32.77
CA ASP M 4 5.83 -23.69 32.36
C ASP M 4 7.19 -23.49 31.70
N PRO M 5 8.31 -23.90 32.29
CA PRO M 5 9.61 -23.66 31.62
C PRO M 5 9.77 -24.43 30.32
N ASN M 6 9.05 -25.54 30.13
CA ASN M 6 9.17 -26.35 28.93
C ASN M 6 8.13 -26.02 27.87
N LYS M 7 7.13 -25.23 28.22
CA LYS M 7 6.08 -24.85 27.26
C LYS M 7 6.69 -24.14 26.05
N VAL M 8 6.37 -24.64 24.86
CA VAL M 8 6.69 -23.96 23.61
C VAL M 8 5.51 -23.04 23.28
N TRP M 9 5.77 -21.73 23.35
CA TRP M 9 4.73 -20.73 23.13
C TRP M 9 4.44 -20.58 21.64
N PRO M 10 3.32 -19.90 21.28
CA PRO M 10 2.92 -19.83 19.86
C PRO M 10 3.98 -19.29 18.90
N THR M 11 4.99 -18.59 19.39
CA THR M 11 6.08 -18.18 18.52
C THR M 11 7.08 -19.29 18.24
N GLY M 12 6.96 -20.42 18.92
CA GLY M 12 7.94 -21.48 18.80
C GLY M 12 9.14 -21.39 19.72
N LEU M 13 9.11 -20.52 20.72
CA LEU M 13 10.19 -20.36 21.68
C LEU M 13 9.71 -20.75 23.07
N THR M 14 10.64 -21.27 23.87
CA THR M 14 10.46 -21.28 25.30
C THR M 14 10.73 -19.90 25.88
N ILE M 15 10.30 -19.70 27.13
CA ILE M 15 10.63 -18.47 27.84
C ILE M 15 12.14 -18.29 27.96
N ALA M 16 12.86 -19.37 28.26
CA ALA M 16 14.32 -19.31 28.33
C ALA M 16 14.94 -18.86 27.01
N GLU M 17 14.46 -19.41 25.89
CA GLU M 17 14.97 -18.98 24.58
C GLU M 17 14.51 -17.57 24.23
N SER M 18 13.28 -17.22 24.61
CA SER M 18 12.81 -15.84 24.43
C SER M 18 13.67 -14.84 25.17
N GLU M 19 13.98 -15.11 26.44
CA GLU M 19 14.79 -14.22 27.23
C GLU M 19 16.26 -14.21 26.80
N GLU M 20 16.78 -15.34 26.33
CA GLU M 20 18.11 -15.35 25.75
C GLU M 20 18.19 -14.55 24.45
N LEU M 21 17.14 -14.60 23.63
CA LEU M 21 17.06 -13.70 22.48
C LEU M 21 17.04 -12.25 22.90
N HIS M 22 16.21 -11.90 23.88
CA HIS M 22 16.11 -10.52 24.35
C HIS M 22 17.43 -10.02 24.95
N LYS M 23 18.24 -10.93 25.49
CA LYS M 23 19.58 -10.57 25.94
C LYS M 23 20.41 -9.96 24.81
N HIS M 24 20.29 -10.50 23.59
CA HIS M 24 20.94 -9.87 22.44
C HIS M 24 20.32 -8.52 22.10
N VAL M 25 18.99 -8.41 22.20
CA VAL M 25 18.31 -7.14 21.95
C VAL M 25 18.75 -6.06 22.92
N ILE M 26 18.88 -6.41 24.20
CA ILE M 26 19.36 -5.46 25.22
C ILE M 26 20.81 -5.08 24.97
N ASP M 27 21.68 -6.06 24.75
CA ASP M 27 23.09 -5.77 24.49
C ASP M 27 23.28 -4.94 23.23
N GLY M 28 22.49 -5.20 22.19
CA GLY M 28 22.53 -4.36 21.00
C GLY M 28 22.07 -2.93 21.24
N SER M 29 20.99 -2.75 22.00
CA SER M 29 20.55 -1.43 22.42
C SER M 29 21.62 -0.66 23.19
N ARG M 30 22.32 -1.34 24.10
CA ARG M 30 23.40 -0.68 24.85
C ARG M 30 24.55 -0.23 23.96
N ILE M 31 24.99 -1.07 23.03
CA ILE M 31 26.04 -0.66 22.09
C ILE M 31 25.58 0.51 21.22
N PHE M 32 24.35 0.46 20.73
CA PHE M 32 23.78 1.56 19.96
C PHE M 32 23.78 2.87 20.76
N VAL M 33 23.33 2.83 22.01
CA VAL M 33 23.36 4.01 22.88
C VAL M 33 24.79 4.51 23.12
N ALA M 34 25.72 3.59 23.38
CA ALA M 34 27.11 4.00 23.58
C ALA M 34 27.68 4.74 22.37
N ILE M 35 27.45 4.22 21.17
CA ILE M 35 27.89 4.90 19.95
C ILE M 35 27.19 6.25 19.78
N ALA M 36 25.88 6.29 20.03
CA ALA M 36 25.12 7.54 19.94
C ALA M 36 25.59 8.59 20.94
N ILE M 37 25.98 8.17 22.15
CA ILE M 37 26.52 9.11 23.13
C ILE M 37 27.78 9.78 22.61
N VAL M 38 28.72 8.99 22.07
CA VAL M 38 29.92 9.54 21.45
C VAL M 38 29.57 10.47 20.28
N ALA M 39 28.58 10.10 19.46
CA ALA M 39 28.15 10.97 18.38
C ALA M 39 27.63 12.31 18.87
N HIS M 40 26.91 12.33 19.99
CA HIS M 40 26.48 13.60 20.58
C HIS M 40 27.63 14.36 21.23
N PHE M 41 28.60 13.66 21.81
CA PHE M 41 29.80 14.32 22.30
C PHE M 41 30.60 14.97 21.17
N LEU M 42 30.82 14.24 20.08
CA LEU M 42 31.47 14.81 18.89
C LEU M 42 30.71 16.02 18.36
N ALA M 43 29.39 15.95 18.31
CA ALA M 43 28.58 17.11 17.92
C ALA M 43 28.76 18.27 18.90
N TYR M 44 28.78 17.99 20.20
CA TYR M 44 28.99 19.05 21.19
C TYR M 44 30.35 19.72 21.03
N VAL M 45 31.39 18.95 20.70
CA VAL M 45 32.71 19.54 20.49
C VAL M 45 32.75 20.37 19.21
N TYR M 46 32.33 19.81 18.08
CA TYR M 46 32.57 20.44 16.80
C TYR M 46 31.39 21.24 16.25
N SER M 47 30.17 20.88 16.58
CA SER M 47 29.02 21.64 16.09
C SER M 47 28.70 22.81 17.00
N PRO M 48 27.95 23.80 16.50
CA PRO M 48 27.49 24.91 17.35
C PRO M 48 26.33 24.54 18.28
N TRP M 49 25.94 23.27 18.34
CA TRP M 49 24.66 22.84 18.89
C TRP M 49 24.35 23.47 20.25
N LEU M 50 25.21 23.27 21.24
CA LEU M 50 24.96 23.82 22.57
C LEU M 50 25.83 25.02 22.90
N HIS M 51 26.43 25.65 21.89
CA HIS M 51 27.33 26.78 22.14
C HIS M 51 26.53 28.07 22.26
N CXM N 1 -6.79 -0.34 32.22
CA CXM N 1 -6.56 -1.38 33.19
CB CXM N 1 -6.34 -0.79 34.60
CG CXM N 1 -5.20 0.17 34.66
SD CXM N 1 -4.98 0.97 36.26
CE CXM N 1 -5.57 -0.24 37.40
C CXM N 1 -7.72 -2.40 33.27
O CXM N 1 -7.55 -3.48 33.93
CN CXM N 1 -6.60 -0.50 30.82
ON1 CXM N 1 -6.65 0.51 30.03
ON2 CXM N 1 -6.37 -1.68 30.38
N ASN N 2 -8.85 -2.09 32.65
CA ASN N 2 -9.97 -3.02 32.53
C ASN N 2 -10.11 -3.61 31.13
N GLN N 3 -9.18 -3.27 30.23
CA GLN N 3 -9.17 -3.77 28.86
C GLN N 3 -8.24 -4.96 28.68
N GLY N 4 -7.79 -5.59 29.77
CA GLY N 4 -6.79 -6.64 29.71
C GLY N 4 -7.20 -7.90 28.96
N ARG N 5 -8.47 -8.03 28.57
CA ARG N 5 -8.90 -9.15 27.72
C ARG N 5 -8.77 -8.85 26.23
N ILE N 6 -8.32 -7.66 25.85
CA ILE N 6 -8.09 -7.32 24.44
C ILE N 6 -7.23 -8.35 23.73
N TRP N 7 -6.26 -8.95 24.43
CA TRP N 7 -5.36 -9.94 23.85
C TRP N 7 -5.94 -11.34 23.76
N THR N 8 -7.18 -11.56 24.19
CA THR N 8 -7.86 -12.80 23.84
C THR N 8 -8.48 -12.75 22.44
N VAL N 9 -8.67 -11.55 21.89
CA VAL N 9 -9.31 -11.39 20.59
C VAL N 9 -8.43 -10.68 19.58
N VAL N 10 -7.43 -9.92 20.00
CA VAL N 10 -6.43 -9.35 19.10
C VAL N 10 -5.11 -10.09 19.30
N LYS N 11 -4.55 -10.59 18.21
CA LYS N 11 -3.32 -11.38 18.28
C LYS N 11 -2.16 -10.52 18.77
N PRO N 12 -1.47 -10.93 19.84
CA PRO N 12 -0.34 -10.14 20.35
C PRO N 12 0.73 -9.81 19.31
N THR N 13 1.06 -10.76 18.42
CA THR N 13 2.04 -10.52 17.37
C THR N 13 1.53 -9.58 16.28
N VAL N 14 0.26 -9.17 16.35
CA VAL N 14 -0.26 -8.06 15.55
C VAL N 14 -0.38 -6.80 16.39
N GLY N 15 -1.11 -6.89 17.51
CA GLY N 15 -1.47 -5.70 18.26
C GLY N 15 -0.30 -5.03 18.97
N LEU N 16 0.66 -5.81 19.46
CA LEU N 16 1.83 -5.21 20.09
C LEU N 16 2.75 -4.51 19.10
N PRO N 17 3.13 -5.08 17.96
CA PRO N 17 3.84 -4.29 16.95
C PRO N 17 3.07 -3.07 16.46
N LEU N 18 1.76 -3.20 16.25
CA LEU N 18 0.94 -2.05 15.87
C LEU N 18 0.91 -0.98 16.95
N LEU N 19 0.75 -1.37 18.22
CA LEU N 19 0.74 -0.41 19.31
C LEU N 19 2.06 0.35 19.40
N LEU N 20 3.17 -0.37 19.57
CA LEU N 20 4.47 0.27 19.67
C LEU N 20 4.82 1.06 18.42
N GLY N 21 4.56 0.48 17.24
CA GLY N 21 4.82 1.20 16.00
C GLY N 21 3.99 2.44 15.80
N SER N 22 2.70 2.39 16.15
CA SER N 22 1.86 3.59 16.06
C SER N 22 2.33 4.69 17.01
N VAL N 23 2.68 4.33 18.24
CA VAL N 23 3.21 5.31 19.19
C VAL N 23 4.49 5.95 18.65
N ALA N 24 5.45 5.13 18.23
CA ALA N 24 6.70 5.65 17.67
C ALA N 24 6.47 6.53 16.44
N ILE N 25 5.58 6.11 15.54
CA ILE N 25 5.24 6.95 14.39
C ILE N 25 4.70 8.31 14.84
N MET N 26 3.74 8.29 15.75
CA MET N 26 3.03 9.51 16.14
C MET N 26 3.80 10.39 17.12
N VAL N 27 4.78 9.84 17.85
CA VAL N 27 5.80 10.68 18.49
C VAL N 27 6.51 11.56 17.46
N PHE N 28 6.98 10.94 16.38
CA PHE N 28 7.69 11.68 15.32
C PHE N 28 6.79 12.71 14.64
N LEU N 29 5.51 12.38 14.43
CA LEU N 29 4.57 13.36 13.90
C LEU N 29 4.45 14.60 14.80
N VAL N 30 4.41 14.42 16.12
CA VAL N 30 4.37 15.58 17.01
C VAL N 30 5.67 16.37 16.98
N HIS N 31 6.83 15.70 16.97
CA HIS N 31 8.09 16.43 16.80
C HIS N 31 8.15 17.20 15.50
N PHE N 32 7.79 16.58 14.38
CA PHE N 32 7.76 17.30 13.10
C PHE N 32 6.73 18.43 13.09
N ALA N 33 5.58 18.23 13.72
CA ALA N 33 4.60 19.32 13.84
C ALA N 33 5.17 20.52 14.58
N VAL N 34 5.75 20.29 15.76
CA VAL N 34 6.31 21.39 16.55
C VAL N 34 7.57 21.97 15.91
N LEU N 35 8.41 21.13 15.33
CA LEU N 35 9.61 21.61 14.62
C LEU N 35 9.27 22.53 13.45
N THR N 36 8.20 22.22 12.71
CA THR N 36 7.87 23.02 11.53
C THR N 36 7.00 24.24 11.85
N HIS N 37 6.28 24.26 12.97
CA HIS N 37 5.43 25.38 13.31
C HIS N 37 5.98 26.22 14.46
N THR N 38 7.25 26.09 14.80
CA THR N 38 7.89 26.98 15.76
C THR N 38 9.24 27.41 15.23
N THR N 39 9.78 28.48 15.82
CA THR N 39 11.15 28.90 15.57
C THR N 39 12.15 28.38 16.58
N TRP N 40 11.72 28.17 17.83
CA TRP N 40 12.68 27.95 18.92
C TRP N 40 13.32 26.57 18.85
N VAL N 41 12.61 25.57 18.31
CA VAL N 41 13.23 24.26 18.13
C VAL N 41 14.32 24.31 17.07
N ALA N 42 14.04 24.98 15.95
CA ALA N 42 15.06 25.17 14.91
C ALA N 42 16.26 25.97 15.44
N LYS N 43 15.99 27.04 16.19
CA LYS N 43 17.07 27.77 16.87
C LYS N 43 17.88 26.87 17.79
N PHE N 44 17.20 26.01 18.56
CA PHE N 44 17.90 25.08 19.44
C PHE N 44 18.77 24.10 18.65
N MET N 45 18.24 23.54 17.56
CA MET N 45 19.06 22.67 16.71
C MET N 45 20.19 23.45 16.05
N ASN N 46 19.91 24.67 15.59
CA ASN N 46 20.93 25.45 14.90
C ASN N 46 22.01 25.95 15.85
N GLY N 47 21.70 26.10 17.12
CA GLY N 47 22.70 26.54 18.10
C GLY N 47 23.21 27.93 17.78
N LYS N 48 24.50 28.12 18.03
CA LYS N 48 25.13 29.43 17.78
C LYS N 48 25.18 29.74 16.30
N ASP O 3 -14.76 -24.32 32.24
CA ASP O 3 -14.15 -23.93 30.98
C ASP O 3 -13.49 -22.57 31.09
N ASP O 4 -14.32 -21.54 31.29
CA ASP O 4 -13.93 -20.13 31.12
C ASP O 4 -12.55 -19.78 31.68
N PRO O 5 -12.17 -20.16 32.90
CA PRO O 5 -10.82 -19.84 33.38
C PRO O 5 -9.72 -20.55 32.62
N ASN O 6 -10.03 -21.64 31.91
CA ASN O 6 -9.05 -22.43 31.18
C ASN O 6 -9.26 -22.41 29.68
N LYS O 7 -10.37 -21.85 29.19
CA LYS O 7 -10.61 -21.73 27.76
C LYS O 7 -9.47 -20.98 27.09
N VAL O 8 -8.94 -21.56 26.01
CA VAL O 8 -7.98 -20.90 25.16
C VAL O 8 -8.72 -20.23 24.01
N TRP O 9 -8.49 -18.93 23.85
CA TRP O 9 -9.16 -18.12 22.84
C TRP O 9 -8.40 -18.17 21.54
N PRO O 10 -9.01 -17.71 20.43
CA PRO O 10 -8.36 -17.84 19.11
C PRO O 10 -6.97 -17.23 19.01
N THR O 11 -6.58 -16.33 19.92
CA THR O 11 -5.22 -15.82 19.92
C THR O 11 -4.22 -16.79 20.51
N GLY O 12 -4.67 -17.88 21.12
CA GLY O 12 -3.79 -18.80 21.82
C GLY O 12 -3.50 -18.45 23.26
N LEU O 13 -4.19 -17.46 23.84
CA LEU O 13 -4.02 -17.08 25.23
C LEU O 13 -5.27 -17.41 26.02
N THR O 14 -5.08 -17.74 27.29
CA THR O 14 -6.16 -17.66 28.26
C THR O 14 -6.41 -16.20 28.64
N ILE O 15 -7.54 -15.99 29.34
CA ILE O 15 -7.79 -14.70 29.98
C ILE O 15 -6.66 -14.33 30.93
N ALA O 16 -6.16 -15.30 31.69
CA ALA O 16 -5.06 -15.05 32.61
C ALA O 16 -3.81 -14.57 31.88
N GLU O 17 -3.44 -15.24 30.79
CA GLU O 17 -2.26 -14.82 30.03
C GLU O 17 -2.49 -13.50 29.30
N SER O 18 -3.71 -13.25 28.83
CA SER O 18 -4.04 -11.94 28.27
C SER O 18 -3.89 -10.83 29.31
N GLU O 19 -4.40 -11.06 30.51
CA GLU O 19 -4.28 -10.07 31.59
C GLU O 19 -2.84 -9.89 32.06
N GLU O 20 -2.06 -10.97 32.09
CA GLU O 20 -0.62 -10.82 32.35
C GLU O 20 0.10 -10.06 31.24
N LEU O 21 -0.25 -10.29 29.99
CA LEU O 21 0.35 -9.51 28.90
C LEU O 21 -0.02 -8.04 29.00
N HIS O 22 -1.29 -7.74 29.25
CA HIS O 22 -1.73 -6.35 29.39
C HIS O 22 -1.09 -5.68 30.59
N LYS O 23 -0.72 -6.46 31.61
CA LYS O 23 0.02 -5.94 32.75
C LYS O 23 1.31 -5.24 32.33
N HIS O 24 2.03 -5.82 31.36
CA HIS O 24 3.19 -5.16 30.79
C HIS O 24 2.83 -3.92 29.97
N VAL O 25 1.69 -3.94 29.29
CA VAL O 25 1.26 -2.78 28.49
C VAL O 25 0.94 -1.59 29.38
N ILE O 26 0.20 -1.81 30.46
CA ILE O 26 -0.10 -0.74 31.41
C ILE O 26 1.16 -0.21 32.07
N ASP O 27 2.07 -1.10 32.49
CA ASP O 27 3.33 -0.65 33.07
C ASP O 27 4.16 0.16 32.08
N GLY O 28 4.27 -0.31 30.85
CA GLY O 28 4.95 0.46 29.82
C GLY O 28 4.31 1.80 29.50
N SER O 29 2.98 1.85 29.49
CA SER O 29 2.27 3.12 29.33
C SER O 29 2.56 4.09 30.45
N ARG O 30 2.58 3.62 31.70
CA ARG O 30 2.90 4.49 32.83
C ARG O 30 4.33 5.01 32.79
N ILE O 31 5.31 4.15 32.49
CA ILE O 31 6.69 4.59 32.35
C ILE O 31 6.85 5.60 31.23
N PHE O 32 6.19 5.36 30.10
CA PHE O 32 6.20 6.31 28.99
C PHE O 32 5.68 7.69 29.39
N VAL O 33 4.53 7.73 30.07
CA VAL O 33 3.96 9.00 30.52
C VAL O 33 4.86 9.69 31.56
N ALA O 34 5.49 8.92 32.43
CA ALA O 34 6.44 9.50 33.39
C ALA O 34 7.61 10.19 32.69
N ILE O 35 8.23 9.53 31.71
CA ILE O 35 9.30 10.15 30.95
C ILE O 35 8.81 11.38 30.19
N ALA O 36 7.59 11.31 29.65
CA ALA O 36 7.00 12.46 28.97
C ALA O 36 6.76 13.65 29.90
N ILE O 37 6.28 13.40 31.12
CA ILE O 37 6.09 14.47 32.10
C ILE O 37 7.40 15.18 32.43
N VAL O 38 8.49 14.43 32.60
CA VAL O 38 9.80 15.04 32.78
C VAL O 38 10.21 15.88 31.57
N ALA O 39 10.01 15.34 30.37
CA ALA O 39 10.30 16.09 29.15
C ALA O 39 9.46 17.36 29.06
N HIS O 40 8.19 17.27 29.47
CA HIS O 40 7.33 18.45 29.54
C HIS O 40 7.82 19.47 30.56
N PHE O 41 8.28 19.02 31.72
CA PHE O 41 8.84 19.95 32.70
C PHE O 41 10.09 20.66 32.17
N LEU O 42 11.02 19.90 31.58
CA LEU O 42 12.19 20.50 30.94
C LEU O 42 11.82 21.48 29.85
N ALA O 43 10.79 21.17 29.05
CA ALA O 43 10.33 22.12 28.04
C ALA O 43 9.69 23.36 28.65
N TYR O 44 8.92 23.20 29.73
CA TYR O 44 8.39 24.36 30.44
C TYR O 44 9.50 25.22 31.05
N VAL O 45 10.57 24.60 31.53
CA VAL O 45 11.71 25.35 32.04
C VAL O 45 12.44 26.09 30.92
N TYR O 46 12.87 25.36 29.89
CA TYR O 46 13.81 25.92 28.92
C TYR O 46 13.16 26.50 27.66
N SER O 47 12.03 25.97 27.23
CA SER O 47 11.42 26.53 26.03
C SER O 47 10.55 27.74 26.37
N PRO O 48 10.29 28.61 25.39
CA PRO O 48 9.33 29.71 25.58
C PRO O 48 7.88 29.27 25.65
N TRP O 49 7.60 27.96 25.59
CA TRP O 49 6.25 27.45 25.33
C TRP O 49 5.18 28.14 26.17
N LEU O 50 5.29 28.06 27.50
CA LEU O 50 4.28 28.66 28.36
C LEU O 50 4.75 29.94 29.04
N HIS O 51 5.88 30.48 28.63
CA HIS O 51 6.42 31.68 29.26
C HIS O 51 5.60 32.90 28.86
N CXM P 1 -24.99 0.97 19.84
CA CXM P 1 -25.38 0.04 20.86
CB CXM P 1 -26.23 0.73 21.98
CG CXM P 1 -25.62 2.03 22.44
SD CXM P 1 -26.62 2.93 23.64
CE CXM P 1 -27.15 1.66 24.74
C CXM P 1 -26.23 -1.16 20.34
O CXM P 1 -26.33 -2.21 21.05
CN CXM P 1 -23.97 0.72 18.90
ON1 CXM P 1 -23.52 1.65 18.14
ON2 CXM P 1 -23.50 -0.47 18.85
N ASN P 2 -26.80 -1.01 19.15
CA ASN P 2 -27.51 -2.09 18.48
C ASN P 2 -26.65 -2.81 17.44
N GLN P 3 -25.43 -2.34 17.23
CA GLN P 3 -24.49 -2.94 16.30
C GLN P 3 -23.61 -4.03 16.94
N GLY P 4 -23.96 -4.49 18.14
CA GLY P 4 -23.10 -5.40 18.89
C GLY P 4 -22.75 -6.70 18.18
N ARG P 5 -23.56 -7.14 17.22
CA ARG P 5 -23.25 -8.35 16.47
C ARG P 5 -22.19 -8.18 15.40
N ILE P 6 -21.73 -6.95 15.14
CA ILE P 6 -20.70 -6.69 14.13
C ILE P 6 -19.52 -7.66 14.25
N TRP P 7 -19.16 -8.03 15.48
CA TRP P 7 -18.03 -8.93 15.71
C TRP P 7 -18.36 -10.40 15.51
N THR P 8 -19.57 -10.75 15.10
CA THR P 8 -19.81 -12.09 14.58
C THR P 8 -19.38 -12.24 13.13
N VAL P 9 -19.29 -11.14 12.39
CA VAL P 9 -18.97 -11.18 10.98
C VAL P 9 -17.68 -10.46 10.63
N VAL P 10 -17.22 -9.52 11.44
CA VAL P 10 -15.89 -8.90 11.29
C VAL P 10 -14.97 -9.43 12.38
N LYS P 11 -13.80 -9.90 11.97
CA LYS P 11 -12.84 -10.48 12.91
C LYS P 11 -12.31 -9.41 13.86
N PRO P 12 -12.40 -9.61 15.18
CA PRO P 12 -11.85 -8.64 16.13
C PRO P 12 -10.39 -8.28 15.92
N THR P 13 -9.54 -9.24 15.58
CA THR P 13 -8.14 -8.98 15.28
C THR P 13 -7.93 -8.19 14.00
N VAL P 14 -9.00 -7.87 13.28
CA VAL P 14 -8.96 -6.92 12.17
C VAL P 14 -9.68 -5.62 12.53
N GLY P 15 -10.94 -5.71 12.94
CA GLY P 15 -11.75 -4.53 13.13
C GLY P 15 -11.39 -3.66 14.32
N LEU P 16 -10.90 -4.27 15.41
CA LEU P 16 -10.43 -3.45 16.54
C LEU P 16 -9.13 -2.71 16.25
N PRO P 17 -8.07 -3.35 15.71
CA PRO P 17 -6.92 -2.55 15.28
C PRO P 17 -7.25 -1.49 14.24
N LEU P 18 -8.14 -1.79 13.31
CA LEU P 18 -8.58 -0.79 12.34
C LEU P 18 -9.40 0.32 12.98
N LEU P 19 -10.28 -0.01 13.92
CA LEU P 19 -11.04 1.03 14.62
C LEU P 19 -10.12 1.97 15.40
N LEU P 20 -9.27 1.42 16.25
CA LEU P 20 -8.37 2.25 17.06
C LEU P 20 -7.37 3.01 16.19
N GLY P 21 -6.77 2.32 15.21
CA GLY P 21 -5.85 2.99 14.31
C GLY P 21 -6.46 4.06 13.44
N SER P 22 -7.69 3.83 12.95
CA SER P 22 -8.35 4.85 12.14
C SER P 22 -8.70 6.10 12.95
N VAL P 23 -9.19 5.92 14.17
CA VAL P 23 -9.45 7.06 15.04
C VAL P 23 -8.16 7.82 15.35
N ALA P 24 -7.10 7.09 15.72
CA ALA P 24 -5.81 7.72 15.98
C ALA P 24 -5.27 8.48 14.76
N ILE P 25 -5.32 7.86 13.59
CA ILE P 25 -4.92 8.56 12.36
C ILE P 25 -5.75 9.83 12.16
N MET P 26 -7.06 9.72 12.28
CA MET P 26 -7.96 10.83 11.96
C MET P 26 -8.05 11.88 13.06
N VAL P 27 -7.73 11.53 14.31
CA VAL P 27 -7.40 12.54 15.33
C VAL P 27 -6.26 13.42 14.87
N PHE P 28 -5.16 12.81 14.42
CA PHE P 28 -4.00 13.56 13.96
C PHE P 28 -4.30 14.40 12.72
N LEU P 29 -5.14 13.90 11.82
CA LEU P 29 -5.57 14.69 10.67
C LEU P 29 -6.31 15.96 11.08
N VAL P 30 -7.19 15.89 12.08
CA VAL P 30 -7.85 17.10 12.57
C VAL P 30 -6.86 18.07 13.24
N HIS P 31 -5.92 17.55 14.03
CA HIS P 31 -4.86 18.42 14.58
C HIS P 31 -4.06 19.11 13.49
N PHE P 32 -3.55 18.35 12.51
CA PHE P 32 -2.79 18.96 11.41
C PHE P 32 -3.63 19.93 10.59
N ALA P 33 -4.91 19.64 10.39
CA ALA P 33 -5.79 20.58 9.70
C ALA P 33 -5.85 21.93 10.42
N VAL P 34 -6.23 21.91 11.70
CA VAL P 34 -6.35 23.14 12.48
C VAL P 34 -5.00 23.81 12.70
N LEU P 35 -3.95 23.01 12.94
CA LEU P 35 -2.60 23.55 13.07
C LEU P 35 -2.15 24.35 11.85
N THR P 36 -2.47 23.88 10.65
CA THR P 36 -2.02 24.55 9.44
C THR P 36 -2.95 25.67 8.97
N HIS P 37 -4.23 25.64 9.35
CA HIS P 37 -5.19 26.65 8.91
C HIS P 37 -5.56 27.64 10.01
N THR P 38 -4.74 27.78 11.06
CA THR P 38 -4.92 28.82 12.05
C THR P 38 -3.58 29.43 12.39
N THR P 39 -3.63 30.61 13.01
CA THR P 39 -2.45 31.23 13.61
C THR P 39 -2.27 30.88 15.08
N TRP P 40 -3.35 30.70 15.83
CA TRP P 40 -3.27 30.68 17.28
C TRP P 40 -2.68 29.38 17.84
N VAL P 41 -2.82 28.27 17.12
CA VAL P 41 -2.16 27.03 17.56
C VAL P 41 -0.66 27.16 17.42
N ALA P 42 -0.18 27.73 16.31
CA ALA P 42 1.24 28.00 16.15
C ALA P 42 1.77 28.98 17.19
N LYS P 43 1.01 30.04 17.45
CA LYS P 43 1.34 30.95 18.56
C LYS P 43 1.46 30.20 19.88
N PHE P 44 0.50 29.34 20.19
CA PHE P 44 0.57 28.55 21.41
C PHE P 44 1.82 27.66 21.45
N MET P 45 2.14 26.99 20.34
CA MET P 45 3.35 26.19 20.30
C MET P 45 4.60 27.05 20.37
N ASN P 46 4.59 28.20 19.70
CA ASN P 46 5.77 29.06 19.67
C ASN P 46 5.95 29.82 20.98
N GLY P 47 4.86 30.09 21.68
CA GLY P 47 4.91 30.75 22.97
C GLY P 47 5.47 32.16 22.88
N LYS P 48 6.25 32.53 23.88
CA LYS P 48 6.94 33.82 23.86
C LYS P 48 7.92 33.92 22.70
N ASP Q 3 -29.31 -24.54 20.44
CA ASP Q 3 -28.47 -24.45 19.25
C ASP Q 3 -28.09 -22.99 18.96
N ASP Q 4 -29.05 -22.25 18.41
CA ASP Q 4 -28.77 -20.95 17.79
C ASP Q 4 -27.89 -20.03 18.64
N PRO Q 5 -28.20 -19.74 19.91
CA PRO Q 5 -27.33 -18.82 20.67
C PRO Q 5 -25.93 -19.36 20.91
N ASN Q 6 -25.72 -20.67 20.80
CA ASN Q 6 -24.40 -21.27 20.93
C ASN Q 6 -23.68 -21.44 19.60
N LYS Q 7 -24.26 -20.98 18.51
CA LYS Q 7 -23.57 -20.95 17.22
C LYS Q 7 -22.27 -20.15 17.34
N VAL Q 8 -21.17 -20.80 17.01
CA VAL Q 8 -19.87 -20.13 16.86
C VAL Q 8 -19.80 -19.62 15.43
N TRP Q 9 -19.87 -18.28 15.28
CA TRP Q 9 -19.86 -17.66 13.98
C TRP Q 9 -18.46 -17.70 13.37
N PRO Q 10 -18.33 -17.42 12.04
CA PRO Q 10 -17.03 -17.55 11.38
C PRO Q 10 -15.87 -16.80 12.02
N THR Q 11 -16.15 -15.75 12.79
CA THR Q 11 -15.10 -15.06 13.53
C THR Q 11 -14.64 -15.81 14.76
N GLY Q 12 -15.30 -16.90 15.14
CA GLY Q 12 -14.96 -17.62 16.35
C GLY Q 12 -15.62 -17.12 17.61
N LEU Q 13 -16.62 -16.25 17.50
CA LEU Q 13 -17.34 -15.73 18.65
C LEU Q 13 -18.81 -16.14 18.56
N THR Q 14 -19.43 -16.34 19.72
CA THR Q 14 -20.88 -16.34 19.79
C THR Q 14 -21.42 -14.91 19.73
N ILE Q 15 -22.75 -14.83 19.56
CA ILE Q 15 -23.44 -13.54 19.65
C ILE Q 15 -23.20 -12.89 21.00
N ALA Q 16 -23.21 -13.68 22.08
CA ALA Q 16 -22.96 -13.14 23.41
C ALA Q 16 -21.56 -12.56 23.53
N GLU Q 17 -20.54 -13.30 23.10
CA GLU Q 17 -19.18 -12.78 23.14
C GLU Q 17 -19.00 -11.57 22.24
N SER Q 18 -19.71 -11.53 21.11
CA SER Q 18 -19.69 -10.35 20.24
C SER Q 18 -20.29 -9.14 20.94
N GLU Q 19 -21.47 -9.30 21.54
CA GLU Q 19 -22.10 -8.21 22.27
C GLU Q 19 -21.34 -7.83 23.53
N GLU Q 20 -20.66 -8.79 24.16
CA GLU Q 20 -19.74 -8.46 25.25
C GLU Q 20 -18.55 -7.64 24.76
N LEU Q 21 -17.94 -8.05 23.65
CA LEU Q 21 -16.84 -7.27 23.08
C LEU Q 21 -17.29 -5.86 22.72
N HIS Q 22 -18.47 -5.72 22.11
CA HIS Q 22 -18.97 -4.40 21.75
C HIS Q 22 -19.27 -3.54 22.97
N LYS Q 23 -19.54 -4.17 24.12
CA LYS Q 23 -19.75 -3.44 25.36
C LYS Q 23 -18.53 -2.61 25.74
N HIS Q 24 -17.33 -3.16 25.58
CA HIS Q 24 -16.10 -2.39 25.73
C HIS Q 24 -15.98 -1.29 24.68
N VAL Q 25 -16.42 -1.57 23.44
CA VAL Q 25 -16.33 -0.58 22.37
C VAL Q 25 -17.23 0.63 22.62
N ILE Q 26 -18.46 0.39 23.08
CA ILE Q 26 -19.35 1.51 23.43
C ILE Q 26 -18.83 2.29 24.63
N ASP Q 27 -18.34 1.61 25.65
CA ASP Q 27 -17.76 2.30 26.80
C ASP Q 27 -16.55 3.14 26.41
N GLY Q 28 -15.63 2.57 25.64
CA GLY Q 28 -14.50 3.34 25.14
C GLY Q 28 -14.88 4.54 24.29
N SER Q 29 -15.91 4.40 23.46
CA SER Q 29 -16.42 5.52 22.67
C SER Q 29 -16.97 6.63 23.56
N ARG Q 30 -17.75 6.27 24.57
CA ARG Q 30 -18.29 7.26 25.50
C ARG Q 30 -17.21 7.99 26.28
N ILE Q 31 -16.18 7.27 26.73
CA ILE Q 31 -15.06 7.92 27.42
C ILE Q 31 -14.33 8.87 26.49
N PHE Q 32 -14.06 8.45 25.25
CA PHE Q 32 -13.45 9.32 24.25
C PHE Q 32 -14.21 10.62 24.05
N VAL Q 33 -15.53 10.54 23.91
CA VAL Q 33 -16.34 11.74 23.72
C VAL Q 33 -16.30 12.66 24.95
N ALA Q 34 -16.36 12.08 26.15
CA ALA Q 34 -16.28 12.89 27.36
C ALA Q 34 -14.95 13.65 27.45
N ILE Q 35 -13.84 12.97 27.18
CA ILE Q 35 -12.54 13.63 27.14
C ILE Q 35 -12.50 14.71 26.07
N ALA Q 36 -13.07 14.43 24.90
CA ALA Q 36 -13.13 15.42 23.82
C ALA Q 36 -14.00 16.62 24.15
N ILE Q 37 -15.14 16.39 24.83
CA ILE Q 37 -15.98 17.51 25.27
C ILE Q 37 -15.23 18.47 26.19
N VAL Q 38 -14.43 17.93 27.11
CA VAL Q 38 -13.58 18.79 27.94
C VAL Q 38 -12.55 19.54 27.10
N ALA Q 39 -11.88 18.84 26.20
CA ALA Q 39 -10.91 19.49 25.32
C ALA Q 39 -11.53 20.60 24.47
N HIS Q 40 -12.77 20.42 24.01
CA HIS Q 40 -13.46 21.49 23.31
C HIS Q 40 -13.86 22.64 24.25
N PHE Q 41 -14.27 22.31 25.47
CA PHE Q 41 -14.54 23.34 26.48
C PHE Q 41 -13.29 24.14 26.84
N LEU Q 42 -12.16 23.44 27.04
CA LEU Q 42 -10.90 24.14 27.26
C LEU Q 42 -10.52 25.05 26.10
N ALA Q 43 -10.71 24.59 24.87
CA ALA Q 43 -10.46 25.44 23.70
C ALA Q 43 -11.40 26.64 23.67
N TYR Q 44 -12.67 26.45 24.01
CA TYR Q 44 -13.59 27.57 24.11
C TYR Q 44 -13.16 28.59 25.16
N VAL Q 45 -12.59 28.13 26.27
CA VAL Q 45 -12.12 29.06 27.30
C VAL Q 45 -10.83 29.75 26.87
N TYR Q 46 -9.85 28.98 26.38
CA TYR Q 46 -8.49 29.49 26.23
C TYR Q 46 -8.10 29.81 24.79
N SER Q 47 -9.00 29.67 23.82
CA SER Q 47 -8.68 29.98 22.43
C SER Q 47 -9.71 30.92 21.84
N PRO Q 48 -9.34 31.65 20.79
CA PRO Q 48 -10.29 32.58 20.14
C PRO Q 48 -11.41 31.91 19.37
N TRP Q 49 -11.43 30.57 19.29
CA TRP Q 49 -12.27 29.81 18.38
C TRP Q 49 -13.69 30.36 18.23
N LEU Q 50 -14.48 30.35 19.30
CA LEU Q 50 -15.84 30.85 19.22
C LEU Q 50 -16.02 32.25 19.76
N HIS Q 51 -14.93 32.94 20.10
CA HIS Q 51 -15.04 34.24 20.76
C HIS Q 51 -15.51 35.32 19.78
N CXM R 1 -31.40 -1.17 -1.12
CA CXM R 1 -32.29 -2.07 -0.44
CB CXM R 1 -33.67 -1.41 -0.16
CG CXM R 1 -33.56 0.03 0.27
SD CXM R 1 -35.13 0.85 0.51
CE CXM R 1 -36.24 -0.49 0.81
C CXM R 1 -32.59 -3.39 -1.21
O CXM R 1 -33.24 -4.32 -0.63
CN CXM R 1 -30.01 -1.38 -1.21
ON1 CXM R 1 -29.24 -0.46 -1.65
ON2 CXM R 1 -29.56 -2.52 -0.85
N ASN R 2 -32.12 -3.48 -2.44
CA ASN R 2 -32.22 -4.71 -3.23
C ASN R 2 -30.89 -5.43 -3.37
N GLN R 3 -29.83 -4.84 -2.81
CA GLN R 3 -28.49 -5.40 -2.88
C GLN R 3 -28.16 -6.32 -1.71
N GLY R 4 -29.16 -6.72 -0.92
CA GLY R 4 -28.92 -7.44 0.32
C GLY R 4 -28.10 -8.71 0.21
N ARG R 5 -28.05 -9.31 -0.98
CA ARG R 5 -27.29 -10.54 -1.18
C ARG R 5 -25.80 -10.32 -1.42
N ILE R 6 -25.35 -9.06 -1.55
CA ILE R 6 -23.94 -8.75 -1.75
C ILE R 6 -23.04 -9.51 -0.78
N TRP R 7 -23.49 -9.69 0.46
CA TRP R 7 -22.71 -10.37 1.49
C TRP R 7 -22.69 -11.88 1.36
N THR R 8 -23.38 -12.46 0.37
CA THR R 8 -23.14 -13.86 0.02
C THR R 8 -21.90 -14.04 -0.84
N VAL R 9 -21.43 -12.98 -1.49
CA VAL R 9 -20.32 -13.08 -2.41
C VAL R 9 -19.14 -12.19 -2.04
N VAL R 10 -19.35 -11.15 -1.23
CA VAL R 10 -18.27 -10.36 -0.64
C VAL R 10 -18.23 -10.64 0.86
N LYS R 11 -17.05 -11.03 1.34
CA LYS R 11 -16.88 -11.36 2.75
C LYS R 11 -17.17 -10.12 3.62
N PRO R 12 -18.04 -10.25 4.63
CA PRO R 12 -18.29 -9.11 5.53
C PRO R 12 -17.05 -8.58 6.22
N THR R 13 -16.13 -9.45 6.64
CA THR R 13 -14.87 -9.02 7.24
C THR R 13 -13.93 -8.35 6.24
N VAL R 14 -14.33 -8.20 4.99
CA VAL R 14 -13.66 -7.35 4.01
C VAL R 14 -14.50 -6.13 3.67
N GLY R 15 -15.74 -6.34 3.22
CA GLY R 15 -16.53 -5.26 2.69
C GLY R 15 -17.06 -4.27 3.71
N LEU R 16 -17.33 -4.73 4.94
CA LEU R 16 -17.72 -3.78 5.98
C LEU R 16 -16.56 -2.90 6.44
N PRO R 17 -15.37 -3.42 6.73
CA PRO R 17 -14.23 -2.51 6.94
C PRO R 17 -13.96 -1.58 5.77
N LEU R 18 -14.02 -2.09 4.53
CA LEU R 18 -13.83 -1.25 3.36
C LEU R 18 -14.94 -0.22 3.18
N LEU R 19 -16.19 -0.59 3.44
CA LEU R 19 -17.27 0.39 3.36
C LEU R 19 -17.08 1.51 4.38
N LEU R 20 -17.01 1.17 5.67
CA LEU R 20 -16.86 2.17 6.71
C LEU R 20 -15.57 2.96 6.57
N GLY R 21 -14.46 2.28 6.29
CA GLY R 21 -13.20 2.96 6.05
C GLY R 21 -13.21 3.92 4.87
N SER R 22 -13.82 3.51 3.76
CA SER R 22 -13.90 4.40 2.60
C SER R 22 -14.78 5.62 2.86
N VAL R 23 -15.88 5.45 3.57
CA VAL R 23 -16.71 6.60 3.96
C VAL R 23 -15.91 7.56 4.85
N ALA R 24 -15.23 7.03 5.86
CA ALA R 24 -14.40 7.86 6.72
C ALA R 24 -13.30 8.58 5.95
N ILE R 25 -12.58 7.85 5.09
CA ILE R 25 -11.55 8.48 4.25
C ILE R 25 -12.14 9.62 3.42
N MET R 26 -13.27 9.36 2.76
CA MET R 26 -13.83 10.33 1.82
C MET R 26 -14.61 11.46 2.49
N VAL R 27 -15.14 11.25 3.69
CA VAL R 27 -15.58 12.39 4.52
C VAL R 27 -14.44 13.36 4.77
N PHE R 28 -13.26 12.85 5.16
CA PHE R 28 -12.11 13.70 5.39
C PHE R 28 -11.64 14.40 4.12
N LEU R 29 -11.66 13.71 2.99
CA LEU R 29 -11.33 14.34 1.71
C LEU R 29 -12.25 15.52 1.38
N VAL R 30 -13.56 15.38 1.60
CA VAL R 30 -14.45 16.52 1.38
C VAL R 30 -14.18 17.67 2.35
N HIS R 31 -13.90 17.36 3.62
CA HIS R 31 -13.50 18.42 4.55
C HIS R 31 -12.22 19.13 4.10
N PHE R 32 -11.17 18.38 3.79
CA PHE R 32 -9.93 18.99 3.30
C PHE R 32 -10.14 19.76 2.00
N ALA R 33 -11.00 19.28 1.12
CA ALA R 33 -11.32 20.02 -0.10
C ALA R 33 -11.94 21.38 0.22
N VAL R 34 -13.02 21.39 1.00
CA VAL R 34 -13.70 22.65 1.32
C VAL R 34 -12.82 23.54 2.20
N LEU R 35 -12.08 22.94 3.13
CA LEU R 35 -11.15 23.69 3.97
C LEU R 35 -10.10 24.43 3.15
N THR R 36 -9.52 23.78 2.15
CA THR R 36 -8.45 24.41 1.38
C THR R 36 -8.96 25.32 0.25
N HIS R 37 -10.24 25.26 -0.10
CA HIS R 37 -10.77 26.10 -1.17
C HIS R 37 -11.83 27.08 -0.69
N THR R 38 -11.88 27.37 0.61
CA THR R 38 -12.69 28.47 1.11
C THR R 38 -11.88 29.28 2.11
N THR R 39 -12.34 30.50 2.36
CA THR R 39 -11.85 31.31 3.46
C THR R 39 -12.62 31.10 4.76
N TRP R 40 -13.94 30.87 4.67
CA TRP R 40 -14.80 30.98 5.84
C TRP R 40 -14.58 29.82 6.82
N VAL R 41 -14.15 28.66 6.35
CA VAL R 41 -13.86 27.56 7.26
C VAL R 41 -12.60 27.86 8.08
N ALA R 42 -11.54 28.31 7.41
CA ALA R 42 -10.33 28.73 8.11
C ALA R 42 -10.60 29.90 9.06
N LYS R 43 -11.42 30.86 8.64
CA LYS R 43 -11.84 31.93 9.55
C LYS R 43 -12.59 31.38 10.75
N PHE R 44 -13.51 30.44 10.53
CA PHE R 44 -14.22 29.82 11.65
C PHE R 44 -13.28 29.09 12.61
N MET R 45 -12.28 28.39 12.07
CA MET R 45 -11.28 27.77 12.94
C MET R 45 -10.41 28.81 13.64
N ASN R 46 -10.04 29.87 12.93
CA ASN R 46 -9.16 30.89 13.51
C ASN R 46 -9.90 31.76 14.53
N GLY R 47 -11.22 31.90 14.37
CA GLY R 47 -12.04 32.63 15.30
C GLY R 47 -11.68 34.11 15.34
N LYS R 48 -11.81 34.70 16.53
CA LYS R 48 -11.49 36.11 16.73
C LYS R 48 -10.00 36.37 16.51
N ASP S 3 -31.27 -27.59 -0.79
CA ASP S 3 -30.10 -26.74 -0.56
C ASP S 3 -30.45 -25.26 -0.72
N ASP S 4 -30.70 -24.84 -1.97
CA ASP S 4 -30.72 -23.45 -2.43
C ASP S 4 -31.27 -22.47 -1.40
N PRO S 5 -32.51 -22.64 -0.90
CA PRO S 5 -33.04 -21.64 0.05
C PRO S 5 -32.27 -21.59 1.36
N ASN S 6 -31.45 -22.59 1.65
CA ASN S 6 -30.63 -22.62 2.86
C ASN S 6 -29.16 -22.85 2.53
N LYS S 7 -28.79 -22.63 1.26
CA LYS S 7 -27.40 -22.71 0.85
C LYS S 7 -26.52 -21.78 1.68
N VAL S 8 -25.45 -22.33 2.25
CA VAL S 8 -24.38 -21.53 2.83
C VAL S 8 -23.42 -21.16 1.72
N TRP S 9 -23.33 -19.86 1.43
CA TRP S 9 -22.49 -19.35 0.36
C TRP S 9 -21.05 -19.25 0.83
N PRO S 10 -20.09 -19.05 -0.08
CA PRO S 10 -18.67 -19.09 0.33
C PRO S 10 -18.28 -18.07 1.39
N THR S 11 -19.07 -17.01 1.59
CA THR S 11 -18.83 -16.10 2.71
C THR S 11 -19.27 -16.69 4.05
N GLY S 12 -19.92 -17.84 4.05
CA GLY S 12 -20.42 -18.44 5.27
C GLY S 12 -21.78 -17.97 5.71
N LEU S 13 -22.50 -17.21 4.87
CA LEU S 13 -23.81 -16.70 5.20
C LEU S 13 -24.86 -17.33 4.30
N THR S 14 -26.06 -17.52 4.85
CA THR S 14 -27.22 -17.72 4.00
C THR S 14 -27.69 -16.38 3.42
N ILE S 15 -28.64 -16.47 2.49
CA ILE S 15 -29.31 -15.28 1.98
C ILE S 15 -30.01 -14.52 3.10
N ALA S 16 -30.64 -15.24 4.03
CA ALA S 16 -31.29 -14.59 5.16
C ALA S 16 -30.31 -13.88 6.07
N GLU S 17 -29.16 -14.50 6.32
CA GLU S 17 -28.13 -13.85 7.12
C GLU S 17 -27.51 -12.66 6.38
N SER S 18 -27.31 -12.80 5.07
CA SER S 18 -26.84 -11.68 4.25
C SER S 18 -27.84 -10.54 4.24
N GLU S 19 -29.13 -10.84 4.05
CA GLU S 19 -30.16 -9.81 4.08
C GLU S 19 -30.34 -9.20 5.46
N GLU S 20 -30.18 -9.99 6.53
CA GLU S 20 -30.14 -9.42 7.87
C GLU S 20 -28.97 -8.46 8.04
N LEU S 21 -27.77 -8.85 7.60
CA LEU S 21 -26.62 -7.97 7.69
C LEU S 21 -26.84 -6.67 6.93
N HIS S 22 -27.32 -6.77 5.68
CA HIS S 22 -27.56 -5.59 4.87
C HIS S 22 -28.63 -4.68 5.46
N LYS S 23 -29.54 -5.25 6.27
CA LYS S 23 -30.51 -4.44 7.00
C LYS S 23 -29.84 -3.42 7.92
N HIS S 24 -28.73 -3.81 8.53
CA HIS S 24 -27.92 -2.85 9.30
C HIS S 24 -27.25 -1.83 8.40
N VAL S 25 -26.72 -2.26 7.25
CA VAL S 25 -26.05 -1.36 6.32
C VAL S 25 -26.98 -0.28 5.79
N ILE S 26 -28.24 -0.64 5.49
CA ILE S 26 -29.21 0.36 5.05
C ILE S 26 -29.59 1.32 6.18
N ASP S 27 -29.86 0.78 7.37
CA ASP S 27 -30.22 1.64 8.50
C ASP S 27 -29.11 2.63 8.83
N GLY S 28 -27.86 2.16 8.88
CA GLY S 28 -26.73 3.06 9.06
C GLY S 28 -26.61 4.13 8.00
N SER S 29 -26.80 3.76 6.74
CA SER S 29 -26.78 4.74 5.65
C SER S 29 -27.86 5.81 5.81
N ARG S 30 -29.08 5.41 6.18
CA ARG S 30 -30.14 6.39 6.39
C ARG S 30 -29.86 7.32 7.57
N ILE S 31 -29.31 6.79 8.66
CA ILE S 31 -28.92 7.65 9.79
C ILE S 31 -27.80 8.61 9.40
N PHE S 32 -26.79 8.10 8.69
CA PHE S 32 -25.70 8.95 8.20
C PHE S 32 -26.21 10.11 7.35
N VAL S 33 -27.13 9.83 6.42
CA VAL S 33 -27.71 10.88 5.58
C VAL S 33 -28.53 11.87 6.40
N ALA S 34 -29.34 11.39 7.34
CA ALA S 34 -30.11 12.28 8.19
C ALA S 34 -29.24 13.23 8.99
N ILE S 35 -28.16 12.71 9.59
CA ILE S 35 -27.19 13.58 10.27
C ILE S 35 -26.57 14.58 9.30
N ALA S 36 -26.13 14.09 8.14
CA ALA S 36 -25.53 14.96 7.13
C ALA S 36 -26.50 16.02 6.60
N ILE S 37 -27.79 15.69 6.50
CA ILE S 37 -28.79 16.68 6.09
C ILE S 37 -28.85 17.84 7.09
N VAL S 38 -28.87 17.52 8.38
CA VAL S 38 -28.89 18.57 9.40
C VAL S 38 -27.58 19.36 9.42
N ALA S 39 -26.44 18.68 9.21
CA ALA S 39 -25.18 19.39 9.05
C ALA S 39 -25.18 20.34 7.85
N HIS S 40 -25.81 19.94 6.74
CA HIS S 40 -25.97 20.86 5.62
C HIS S 40 -26.93 21.99 5.91
N PHE S 41 -28.01 21.73 6.65
CA PHE S 41 -28.90 22.80 7.09
C PHE S 41 -28.20 23.80 7.99
N LEU S 42 -27.40 23.33 8.95
CA LEU S 42 -26.59 24.23 9.78
C LEU S 42 -25.61 25.04 8.96
N ALA S 43 -24.93 24.41 8.00
CA ALA S 43 -24.07 25.14 7.09
C ALA S 43 -24.83 26.17 6.26
N TYR S 44 -26.06 25.86 5.86
CA TYR S 44 -26.88 26.84 5.15
C TYR S 44 -27.26 28.02 6.05
N VAL S 45 -27.57 27.76 7.32
CA VAL S 45 -27.92 28.85 8.23
C VAL S 45 -26.72 29.71 8.58
N TYR S 46 -25.58 29.10 8.86
CA TYR S 46 -24.46 29.85 9.44
C TYR S 46 -23.34 30.17 8.46
N SER S 47 -23.10 29.34 7.47
CA SER S 47 -22.06 29.66 6.50
C SER S 47 -22.60 30.53 5.38
N PRO S 48 -21.70 31.20 4.64
CA PRO S 48 -22.13 31.97 3.45
C PRO S 48 -22.51 31.11 2.25
N TRP S 49 -22.46 29.78 2.37
CA TRP S 49 -22.42 28.87 1.24
C TRP S 49 -23.46 29.19 0.16
N LEU S 50 -24.74 29.22 0.51
CA LEU S 50 -25.76 29.51 -0.49
C LEU S 50 -26.33 30.92 -0.39
N HIS S 51 -25.60 31.85 0.23
CA HIS S 51 -26.11 33.20 0.42
C HIS S 51 -25.65 34.09 -0.73
MG BCL T . -19.98 16.52 -7.47
CHA BCL T . -21.22 13.76 -9.10
CHB BCL T . -21.06 15.16 -4.53
CHC BCL T . -19.19 19.39 -5.90
CHD BCL T . -20.13 18.30 -10.49
NA BCL T . -21.03 14.70 -6.93
C1A BCL T . -21.37 13.63 -7.74
C2A BCL T . -21.88 12.46 -6.95
C3A BCL T . -22.04 13.04 -5.54
C4A BCL T . -21.28 14.33 -5.61
CMA BCL T . -23.51 13.30 -5.20
CAA BCL T . -20.92 11.26 -6.99
CBA BCL T . -21.51 9.98 -6.40
CGA BCL T . -20.49 8.93 -6.14
O1A BCL T . -19.33 9.12 -6.05
O2A BCL T . -20.99 7.74 -6.04
NB BCL T . -20.15 17.21 -5.53
C1B BCL T . -20.52 16.44 -4.42
C2B BCL T . -20.27 17.14 -3.24
C3B BCL T . -19.70 18.39 -3.59
C4B BCL T . -19.67 18.39 -5.04
CMB BCL T . -20.61 16.56 -1.86
CAB BCL T . -19.18 19.50 -2.78
OBB BCL T . -18.95 20.62 -3.27
CBB BCL T . -18.90 19.38 -1.30
NC BCL T . -19.70 18.54 -8.11
C1C BCL T . -19.39 19.58 -7.28
C2C BCL T . -19.15 20.86 -7.99
C3C BCL T . -19.22 20.44 -9.47
C4C BCL T . -19.81 19.06 -9.39
CMC BCL T . -20.16 21.94 -7.62
CAC BCL T . -17.87 20.49 -10.22
CBC BCL T . -16.75 19.73 -9.51
ND BCL T . -20.55 16.16 -9.39
C1D BCL T . -20.57 16.94 -10.54
C2D BCL T . -21.04 16.21 -11.66
C3D BCL T . -21.31 14.92 -11.16
C4D BCL T . -21.01 14.95 -9.81
CMD BCL T . -21.20 16.75 -13.06
CAD BCL T . -21.43 13.56 -11.52
OBD BCL T . -21.54 13.01 -12.63
CBD BCL T . -21.40 12.72 -10.21
CGD BCL T . -22.61 11.86 -10.13
O1D BCL T . -23.75 12.26 -10.08
O2D BCL T . -22.32 10.57 -10.11
CED BCL T . -23.42 9.64 -9.96
C1 BCL T . -20.01 6.67 -5.88
C2 BCL T . -20.75 5.53 -5.24
C3 BCL T . -20.49 4.26 -5.43
C4 BCL T . -19.43 3.73 -6.38
C5 BCL T . -21.21 3.18 -4.63
C6 BCL T . -20.39 2.52 -3.53
C7 BCL T . -19.90 3.55 -2.50
C8 BCL T . -18.83 3.01 -1.54
C9 BCL T . -18.80 3.86 -0.25
C10 BCL T . -17.46 3.04 -2.22
C11 BCL T . -16.36 2.24 -1.55
C12 BCL T . -16.50 0.74 -1.75
C13 BCL T . -15.55 -0.09 -0.88
C14 BCL T . -14.10 0.00 -1.35
C15 BCL T . -16.00 -1.55 -0.95
C16 BCL T . -17.24 -1.90 -0.17
C17 BCL T . -17.87 -3.24 -0.52
C18 BCL T . -19.18 -3.46 0.22
C19 BCL T . -19.58 -4.90 -0.13
C20 BCL T . -20.30 -2.48 -0.17
MG BCL U . -20.35 -3.24 -20.88
CHA BCL U . -17.35 -3.00 -19.18
CHB BCL U . -21.82 -1.52 -18.34
CHC BCL U . -23.05 -2.71 -22.86
CHD BCL U . -18.59 -4.31 -23.70
NA BCL U . -19.64 -2.37 -19.02
C1A BCL U . -18.37 -2.41 -18.48
C2A BCL U . -18.31 -1.77 -17.13
C3A BCL U . -19.79 -1.51 -16.81
C4A BCL U . -20.47 -1.73 -18.12
CMA BCL U . -20.32 -2.49 -15.76
CAA BCL U . -17.45 -0.50 -17.10
CBA BCL U . -17.75 0.52 -18.19
CGA BCL U . -16.83 1.70 -18.20
O1A BCL U . -15.94 1.87 -17.45
O2A BCL U . -17.12 2.56 -19.13
NB BCL U . -22.15 -2.25 -20.66
C1B BCL U . -22.60 -1.63 -19.49
C2B BCL U . -23.90 -1.14 -19.67
C3B BCL U . -24.31 -1.44 -20.98
C4B BCL U . -23.17 -2.16 -21.57
CMB BCL U . -24.66 -0.40 -18.58
CAB BCL U . -25.60 -1.13 -21.57
OBB BCL U . -26.62 -0.90 -20.89
CBB BCL U . -25.81 -1.03 -23.07
NC BCL U . -20.75 -3.46 -22.97
C1C BCL U . -21.96 -3.23 -23.56
C2C BCL U . -22.08 -3.84 -24.91
C3C BCL U . -20.65 -4.35 -25.18
C4C BCL U . -19.89 -3.96 -23.94
CMC BCL U . -23.14 -4.92 -24.97
CAC BCL U . -20.05 -3.78 -26.50
CBC BCL U . -19.72 -2.31 -26.41
ND BCL U . -18.40 -3.52 -21.39
C1D BCL U . -17.80 -4.09 -22.52
C2D BCL U . -16.44 -4.39 -22.30
C3D BCL U . -16.19 -3.98 -21.00
C4D BCL U . -17.38 -3.47 -20.49
CMD BCL U . -15.51 -5.02 -23.29
CAD BCL U . -15.20 -3.76 -20.01
OBD BCL U . -13.96 -3.94 -20.04
CBD BCL U . -15.89 -3.21 -18.74
CGD BCL U . -15.70 -4.09 -17.59
O1D BCL U . -15.48 -3.72 -16.46
O2D BCL U . -15.81 -5.38 -17.88
CED BCL U . -15.63 -6.33 -16.78
C1 BCL U . -16.31 3.78 -19.24
C2 BCL U . -16.83 4.44 -20.49
C3 BCL U . -16.40 4.47 -21.72
C4 BCL U . -15.10 3.84 -22.23
C5 BCL U . -17.26 5.14 -22.79
C6 BCL U . -18.70 4.61 -22.80
C7 BCL U . -19.47 4.89 -24.08
C8 BCL U . -19.66 6.35 -24.50
C9 BCL U . -20.28 7.16 -23.34
C10 BCL U . -20.58 6.40 -25.73
C11 BCL U . -20.74 7.73 -26.47
C12 BCL U . -19.43 8.37 -26.93
C13 BCL U . -18.52 7.49 -27.81
C14 BCL U . -17.17 8.16 -28.07
C15 BCL U . -19.21 7.22 -29.16
C16 BCL U . -18.57 6.14 -30.05
C17 BCL U . -18.84 4.65 -29.75
C18 BCL U . -18.41 3.74 -30.90
C19 BCL U . -18.61 2.31 -30.40
C20 BCL U . -16.95 3.95 -31.34
O1 ZE0 V . -15.91 -18.02 -19.62
C1 ZE0 V . -14.56 -17.67 -20.00
C2 ZE0 V . -14.55 -17.41 -21.49
C3 ZE0 V . -13.66 -18.84 -19.64
C4 ZE0 V . -14.17 -16.42 -19.22
C5 ZE0 V . -14.75 -15.09 -19.71
C6 ZE0 V . -14.47 -13.98 -18.71
C7 ZE0 V . -14.78 -12.59 -19.23
C8 ZE0 V . -16.24 -12.30 -19.47
C9 ZE0 V . -13.82 -11.71 -19.47
C10 ZE0 V . -13.99 -10.36 -19.88
C11 ZE0 V . -12.96 -9.54 -20.13
C12 ZE0 V . -13.02 -8.14 -20.53
C13 ZE0 V . -14.36 -7.46 -20.52
C14 ZE0 V . -11.88 -7.51 -20.89
C15 ZE0 V . -11.73 -6.18 -21.35
C16 ZE0 V . -10.55 -5.67 -21.71
C17 ZE0 V . -10.26 -4.32 -22.15
C18 ZE0 V . -11.40 -3.35 -22.26
C19 ZE0 V . -8.98 -3.99 -22.43
C20 ZE0 V . -8.47 -2.70 -22.78
C21 ZE0 V . -7.16 -2.50 -23.00
C22 ZE0 V . -6.56 -1.25 -23.24
C23 ZE0 V . -5.23 -0.99 -23.38
C24 ZE0 V . -4.19 -2.07 -23.43
C25 ZE0 V . -4.77 0.38 -23.42
C26 ZE0 V . -3.50 0.79 -23.38
C27 ZE0 V . -3.09 2.15 -23.37
C28 ZE0 V . -1.82 2.62 -23.27
C29 ZE0 V . -0.63 1.71 -23.13
C30 ZE0 V . -1.60 4.05 -23.24
C31 ZE0 V . -0.42 4.67 -23.06
C32 ZE0 V . -0.28 6.08 -23.01
C33 ZE0 V . 0.89 6.69 -22.85
C34 ZE0 V . 2.20 5.97 -22.67
C35 ZE0 V . 0.99 8.20 -22.83
C36 ZE0 V . 1.90 8.74 -21.72
C37 ZE0 V . 2.02 10.23 -21.82
C38 ZE0 V . 1.92 11.13 -20.86
C39 ZE0 V . 2.03 12.61 -21.10
C40 ZE0 V . 1.67 10.75 -19.43
MG BCL W . -18.52 14.73 -16.50
CHA BCL W . -18.48 12.18 -14.13
CHB BCL W . -18.52 12.33 -18.91
CHC BCL W . -17.51 17.04 -18.76
CHD BCL W . -17.77 17.01 -13.97
NA BCL W . -18.48 12.55 -16.49
C1A BCL W . -18.59 11.70 -15.41
C2A BCL W . -18.88 10.29 -15.85
C3A BCL W . -18.56 10.34 -17.34
C4A BCL W . -18.59 11.80 -17.65
CMA BCL W . -17.19 9.73 -17.66
CAA BCL W . -20.34 9.88 -15.55
CBA BCL W . -20.96 8.64 -16.25
CGA BCL W . -20.12 7.40 -16.31
O1A BCL W . -19.28 7.12 -15.54
O2A BCL W . -20.36 6.62 -17.35
NB BCL W . -18.13 14.72 -18.53
C1B BCL W . -18.04 13.58 -19.33
C2B BCL W . -17.43 13.88 -20.56
C3B BCL W . -17.12 15.25 -20.56
C4B BCL W . -17.59 15.74 -19.27
CMB BCL W . -17.19 12.81 -21.63
CAB BCL W . -16.45 16.12 -21.54
OBB BCL W . -16.63 17.34 -21.56
CBB BCL W . -15.50 15.58 -22.58
NC BCL W . -17.76 16.74 -16.38
C1C BCL W . -17.42 17.51 -17.44
C2C BCL W . -17.13 18.92 -17.10
C3C BCL W . -17.31 18.94 -15.57
C4C BCL W . -17.55 17.49 -15.24
CMC BCL W . -15.76 19.40 -17.55
CAC BCL W . -18.44 19.89 -15.10
CBC BCL W . -19.81 19.42 -15.50
ND BCL W . -18.20 14.66 -14.49
C1D BCL W . -17.88 15.65 -13.55
C2D BCL W . -17.69 15.09 -12.26
C3D BCL W . -17.92 13.73 -12.41
C4D BCL W . -18.22 13.51 -13.76
CMD BCL W . -17.33 15.88 -11.02
CAD BCL W . -18.11 12.50 -11.75
OBD BCL W . -18.14 12.22 -10.54
CBD BCL W . -18.29 11.40 -12.83
CGD BCL W . -17.15 10.48 -12.82
O1D BCL W . -16.00 10.78 -13.06
O2D BCL W . -17.47 9.24 -12.51
CED BCL W . -16.36 8.30 -12.42
C1 BCL W . -19.48 5.46 -17.51
C2 BCL W . -20.31 4.37 -18.20
C3 BCL W . -20.95 3.45 -17.53
C4 BCL W . -20.97 3.34 -16.01
C5 BCL W . -21.80 2.37 -18.19
C6 BCL W . -21.91 2.37 -19.71
C7 BCL W . -22.93 3.36 -20.29
C8 BCL W . -22.85 3.64 -21.80
C9 BCL W . -23.69 4.89 -22.14
C10 BCL W . -23.32 2.46 -22.70
C11 BCL W . -22.50 1.19 -22.86
C12 BCL W . -21.05 1.48 -23.24
C13 BCL W . -20.09 0.31 -22.98
C14 BCL W . -19.83 0.09 -21.49
C15 BCL W . -18.75 0.57 -23.68
C16 BCL W . -17.59 -0.21 -23.06
C17 BCL W . -16.21 -0.02 -23.68
C18 BCL W . -15.13 -0.70 -22.87
C19 BCL W . -14.99 0.18 -21.61
C20 BCL W . -13.79 -0.82 -23.60
O1 ZE0 X . -27.38 -12.99 -5.57
C1 ZE0 X . -26.15 -13.29 -6.26
C2 ZE0 X . -26.43 -13.19 -7.76
C3 ZE0 X . -25.73 -14.70 -5.89
C4 ZE0 X . -25.11 -12.26 -5.83
C5 ZE0 X . -25.48 -10.80 -6.04
C6 ZE0 X . -24.45 -9.86 -5.42
C7 ZE0 X . -24.80 -8.41 -5.54
C8 ZE0 X . -26.03 -7.99 -4.78
C9 ZE0 X . -24.07 -7.57 -6.27
C10 ZE0 X . -24.31 -6.17 -6.42
C11 ZE0 X . -23.55 -5.39 -7.19
C12 ZE0 X . -23.69 -3.95 -7.40
C13 ZE0 X . -24.73 -3.22 -6.58
C14 ZE0 X . -22.90 -3.34 -8.29
C15 ZE0 X . -22.91 -1.96 -8.66
C16 ZE0 X . -22.10 -1.47 -9.60
C17 ZE0 X . -21.98 -0.08 -10.01
C18 ZE0 X . -22.85 0.94 -9.35
C19 ZE0 X . -21.09 0.22 -10.99
C20 ZE0 X . -20.76 1.50 -11.50
C21 ZE0 X . -19.81 1.66 -12.46
C22 ZE0 X . -19.37 2.91 -12.96
C23 ZE0 X . -18.39 3.11 -13.87
C24 ZE0 X . -17.72 1.98 -14.62
C25 ZE0 X . -17.91 4.45 -14.13
C26 ZE0 X . -16.84 4.78 -14.86
C27 ZE0 X . -16.36 6.10 -15.05
C28 ZE0 X . -15.24 6.48 -15.70
C29 ZE0 X . -14.30 5.50 -16.35
C30 ZE0 X . -14.85 7.88 -15.70
C31 ZE0 X . -13.73 8.40 -16.21
C32 ZE0 X . -13.41 9.78 -16.14
C33 ZE0 X . -12.27 10.29 -16.63
C34 ZE0 X . -11.22 9.46 -17.30
C35 ZE0 X . -11.96 11.77 -16.54
C36 ZE0 X . -10.51 12.05 -16.14
C37 ZE0 X . -10.21 13.52 -16.20
C38 ZE0 X . -9.47 14.23 -15.37
C39 ZE0 X . -9.25 15.71 -15.55
C40 ZE0 X . -8.78 13.64 -14.18
MG BCL Y . -33.46 1.80 -18.78
CHA BCL Y . -35.98 0.65 -20.87
CHB BCL Y . -31.21 0.78 -21.09
CHC BCL Y . -31.17 3.93 -17.44
CHD BCL Y . -35.89 3.29 -16.78
NA BCL Y . -33.61 0.82 -20.72
C1A BCL Y . -34.75 0.46 -21.42
C2A BCL Y . -34.40 -0.25 -22.71
C3A BCL Y . -32.87 -0.41 -22.61
C4A BCL Y . -32.51 0.52 -21.49
CMA BCL Y . -32.47 -1.84 -22.27
CAA BCL Y . -34.85 0.48 -24.00
CBA BCL Y . -34.38 1.94 -24.18
CGA BCL Y . -35.43 2.98 -23.99
O1A BCL Y . -35.82 3.72 -24.82
O2A BCL Y . -35.86 2.99 -22.75
NB BCL Y . -31.49 2.28 -19.18
C1B BCL Y . -30.72 1.76 -20.22
C2B BCL Y . -29.45 2.35 -20.24
C3B BCL Y . -29.40 3.30 -19.20
C4B BCL Y . -30.70 3.22 -18.56
CMB BCL Y . -28.39 1.94 -21.26
CAB BCL Y . -28.36 4.24 -18.75
OBB BCL Y . -28.60 5.18 -17.98
CBB BCL Y . -26.92 4.14 -19.21
NC BCL Y . -33.53 3.39 -17.34
C1C BCL Y . -32.45 4.09 -16.89
C2C BCL Y . -32.70 4.78 -15.59
C3C BCL Y . -34.21 4.63 -15.41
C4C BCL Y . -34.62 3.79 -16.60
CMC BCL Y . -31.88 4.23 -14.45
CAC BCL Y . -34.97 5.97 -15.31
CBC BCL Y . -34.91 6.77 -16.59
ND BCL Y . -35.48 1.99 -18.80
C1D BCL Y . -36.39 2.55 -17.89
C2D BCL Y . -37.73 2.29 -18.27
C3D BCL Y . -37.64 1.54 -19.44
C4D BCL Y . -36.29 1.38 -19.72
CMD BCL Y . -38.96 2.76 -17.51
CAD BCL Y . -38.35 0.99 -20.53
OBD BCL Y . -39.55 1.09 -20.87
CBD BCL Y . -37.35 0.15 -21.37
CGD BCL Y . -37.58 -1.28 -21.15
O1D BCL Y . -36.72 -2.10 -20.92
O2D BCL Y . -38.86 -1.63 -21.23
CED BCL Y . -39.17 -3.02 -20.95
C1 BCL Y . -36.83 3.98 -22.28
C2 BCL Y . -36.07 5.28 -22.09
C3 BCL Y . -34.98 5.55 -21.41
C4 BCL Y . -34.12 4.55 -20.67
C5 BCL Y . -34.48 6.99 -21.28
C6 BCL Y . -35.50 8.08 -21.57
C7 BCL Y . -35.04 9.44 -21.02
C8 BCL Y . -35.97 10.62 -21.31
C9 BCL Y . -35.54 11.35 -22.60
C10 BCL Y . -35.96 11.58 -20.12
C11 BCL Y . -36.78 11.09 -18.93
C12 BCL Y . -36.80 12.10 -17.78
C13 BCL Y . -37.63 11.66 -16.56
C14 BCL Y . -39.13 11.72 -16.81
C15 BCL Y . -37.25 12.60 -15.41
C16 BCL Y . -37.93 12.46 -14.05
C17 BCL Y . -37.97 11.10 -13.31
C18 BCL Y . -36.67 10.50 -12.77
C19 BCL Y . -35.80 11.67 -12.26
C20 BCL Y . -35.90 9.66 -13.80
MG BCL Z . -13.51 -4.83 -36.33
CHA BCL Z . -14.07 -6.61 -39.25
CHB BCL Z . -10.21 -5.64 -36.58
CHC BCL Z . -12.76 -2.38 -34.10
CHD BCL Z . -16.72 -3.49 -36.58
NA BCL Z . -12.33 -5.98 -37.75
C1A BCL Z . -12.75 -6.64 -38.89
C2A BCL Z . -11.60 -7.29 -39.60
C3A BCL Z . -10.45 -7.18 -38.59
C4A BCL Z . -10.96 -6.17 -37.61
CMA BCL Z . -10.17 -8.52 -37.90
CAA BCL Z . -11.25 -6.64 -40.95
CBA BCL Z . -11.11 -5.11 -40.88
CGA BCL Z . -11.35 -4.38 -42.15
O1A BCL Z . -10.59 -3.62 -42.64
O2A BCL Z . -12.57 -4.52 -42.63
NB BCL Z . -11.77 -4.14 -35.43
C1B BCL Z . -10.48 -4.53 -35.77
C2B BCL Z . -9.53 -3.67 -35.21
C3B BCL Z . -10.23 -2.69 -34.46
C4B BCL Z . -11.64 -3.03 -34.63
CMB BCL Z . -8.02 -3.84 -35.43
CAB BCL Z . -9.79 -1.56 -33.64
OBB BCL Z . -10.56 -0.66 -33.27
CBB BCL Z . -8.36 -1.41 -33.15
NC BCL Z . -14.58 -3.17 -35.49
C1C BCL Z . -14.09 -2.35 -34.51
C2C BCL Z . -15.16 -1.60 -33.80
C3C BCL Z . -16.44 -2.10 -34.47
C4C BCL Z . -15.91 -2.86 -35.67
CMC BCL Z . -15.13 -1.83 -32.29
CAC BCL Z . -17.42 -0.96 -34.83
CBC BCL Z . -16.87 0.02 -35.85
ND BCL Z . -15.06 -4.94 -37.64
C1D BCL Z . -16.37 -4.44 -37.58
C2D BCL Z . -17.18 -5.01 -38.60
C3D BCL Z . -16.34 -5.88 -39.30
C4D BCL Z . -15.08 -5.80 -38.70
CMD BCL Z . -18.64 -4.70 -38.84
CAD BCL Z . -16.23 -6.80 -40.37
OBD BCL Z . -17.10 -7.26 -41.14
CBD BCL Z . -14.75 -7.23 -40.48
CGD BCL Z . -14.62 -8.70 -40.61
O1D BCL Z . -13.71 -9.28 -41.17
O2D BCL Z . -15.62 -9.37 -40.04
CED BCL Z . -15.67 -10.80 -40.26
C1 BCL Z . -13.11 -3.64 -43.63
C2 BCL Z . -13.41 -2.34 -42.90
C3 BCL Z . -14.23 -2.19 -41.89
C4 BCL Z . -15.09 -3.29 -41.26
C5 BCL Z . -14.40 -0.83 -41.20
C6 BCL Z . -13.41 0.25 -41.61
C7 BCL Z . -13.53 1.47 -40.70
C8 BCL Z . -12.78 2.74 -41.14
C9 BCL Z . -11.30 2.44 -41.42
C10 BCL Z . -12.92 3.82 -40.04
C11 BCL Z . -14.30 4.43 -39.87
C12 BCL Z . -14.38 5.28 -38.60
C13 BCL Z . -15.81 5.80 -38.30
C14 BCL Z . -16.12 7.11 -39.03
C15 BCL Z . -15.90 6.04 -36.78
C16 BCL Z . -17.21 6.61 -36.23
C17 BCL Z . -18.52 5.81 -36.41
C18 BCL Z . -18.95 4.92 -35.25
C19 BCL Z . -19.16 5.89 -34.07
C20 BCL Z . -17.97 3.81 -34.85
MG BCL AA . 13.31 -9.79 -36.45
CHA BCL AA . 14.81 -11.80 -38.83
CHB BCL AA . 16.04 -10.21 -34.49
CHC BCL AA . 12.42 -7.06 -34.64
CHD BCL AA . 10.89 -8.91 -38.81
NA BCL AA . 15.18 -10.87 -36.67
C1A BCL AA . 15.59 -11.68 -37.71
C2A BCL AA . 16.94 -12.27 -37.44
C3A BCL AA . 17.16 -11.96 -35.95
C4A BCL AA . 16.14 -10.92 -35.66
CMA BCL AA . 16.96 -13.19 -35.07
CAA BCL AA . 18.06 -11.70 -38.34
CBA BCL AA . 18.04 -10.17 -38.45
CGA BCL AA . 18.86 -9.64 -39.56
O1A BCL AA . 19.66 -8.76 -39.48
O2A BCL AA . 18.53 -10.14 -40.74
NB BCL AA . 14.07 -8.81 -34.79
C1B BCL AA . 15.30 -9.07 -34.20
C2B BCL AA . 15.66 -8.04 -33.31
C3B BCL AA . 14.62 -7.10 -33.32
C4B BCL AA . 13.65 -7.62 -34.27
CMB BCL AA . 16.97 -8.08 -32.53
CAB BCL AA . 14.42 -5.83 -32.59
OBB BCL AA . 13.55 -5.01 -32.92
CBB BCL AA . 15.24 -5.45 -31.38
NC BCL AA . 11.87 -8.22 -36.69
C1C BCL AA . 11.64 -7.21 -35.79
C2C BCL AA . 10.31 -6.56 -35.98
C3C BCL AA . 9.81 -7.19 -37.28
C4C BCL AA . 10.94 -8.08 -37.71
CMC BCL AA . 9.38 -6.77 -34.79
CAC BCL AA . 9.38 -6.13 -38.34
CBC BCL AA . 10.54 -5.30 -38.84
ND BCL AA . 12.93 -10.19 -38.41
C1D BCL AA . 11.86 -9.86 -39.24
C2D BCL AA . 11.93 -10.56 -40.47
C3D BCL AA . 13.07 -11.34 -40.39
C4D BCL AA . 13.64 -11.10 -39.14
CMD BCL AA . 10.95 -10.43 -41.62
CAD BCL AA . 13.96 -12.21 -41.07
OBD BCL AA . 13.98 -12.59 -42.26
CBD BCL AA . 15.05 -12.68 -40.07
CGD BCL AA . 14.96 -14.13 -39.83
O1D BCL AA . 14.86 -14.65 -38.74
O2D BCL AA . 14.98 -14.86 -40.94
CED BCL AA . 14.82 -16.29 -40.79
C1 BCL AA . 18.98 -9.54 -41.98
C2 BCL AA . 18.17 -8.26 -42.16
C3 BCL AA . 16.86 -8.14 -42.26
C4 BCL AA . 15.86 -9.29 -42.21
C5 BCL AA . 16.22 -6.77 -42.44
C6 BCL AA . 16.22 -6.22 -43.86
C7 BCL AA . 15.53 -4.86 -43.97
C8 BCL AA . 15.55 -4.29 -45.39
C9 BCL AA . 16.96 -3.75 -45.75
C10 BCL AA . 14.50 -3.18 -45.57
C11 BCL AA . 13.09 -3.70 -45.75
C12 BCL AA . 12.05 -2.58 -45.72
C13 BCL AA . 10.61 -3.07 -45.91
C14 BCL AA . 10.27 -3.31 -47.38
C15 BCL AA . 9.65 -2.00 -45.35
C16 BCL AA . 8.17 -2.40 -45.28
C17 BCL AA . 7.74 -3.66 -44.50
C18 BCL AA . 7.95 -3.74 -42.98
C19 BCL AA . 7.67 -2.33 -42.40
C20 BCL AA . 9.33 -4.25 -42.55
MG BCL BA . 2.72 4.41 39.85
CHA BCL BA . 1.77 3.78 43.14
CHB BCL BA . -0.56 4.71 39.07
CHC BCL BA . 3.57 6.14 37.06
CHD BCL BA . 6.01 4.70 40.94
NA BCL BA . 0.86 4.22 40.98
C1A BCL BA . 0.68 4.04 42.35
C2A BCL BA . -0.78 3.98 42.71
C3A BCL BA . -1.48 4.05 41.34
C4A BCL BA . -0.38 4.45 40.41
CMA BCL BA . -2.09 2.71 40.93
CAA BCL BA . -1.27 5.07 43.69
CBA BCL BA . -0.90 6.52 43.32
CGA BCL BA . -0.59 7.38 44.51
O1A BCL BA . -1.17 8.37 44.79
O2A BCL BA . 0.45 6.99 45.22
NB BCL BA . 1.68 5.27 38.28
C1B BCL BA . 0.30 5.34 38.17
C2B BCL BA . -0.08 6.14 37.08
C3B BCL BA . 1.11 6.58 36.45
C4B BCL BA . 2.19 6.01 37.26
CMB BCL BA . -1.54 6.42 36.74
CAB BCL BA . 1.37 7.41 35.26
OBB BCL BA . 2.50 7.84 34.98
CBB BCL BA . 0.28 7.79 34.27
NC BCL BA . 4.54 5.29 39.12
C1C BCL BA . 4.66 5.93 37.92
C2C BCL BA . 6.08 6.06 37.48
C3C BCL BA . 6.86 5.58 38.71
C4C BCL BA . 5.77 5.28 39.71
CMC BCL BA . 6.38 5.27 36.22
CAC BCL BA . 7.91 6.62 39.21
CBC BCL BA . 7.28 7.90 39.74
ND BCL BA . 3.71 4.28 41.63
C1D BCL BA . 5.07 4.40 41.96
C2D BCL BA . 5.28 4.21 43.35
C3D BCL BA . 4.02 3.95 43.88
C4D BCL BA . 3.11 4.01 42.83
CMD BCL BA . 6.61 4.26 44.05
CAD BCL BA . 3.25 3.76 45.05
OBD BCL BA . 3.58 3.81 46.26
CBD BCL BA . 1.80 3.42 44.63
CGD BCL BA . 1.48 2.01 44.95
O1D BCL BA . 1.96 1.04 44.40
O2D BCL BA . 0.60 1.88 45.93
CED BCL BA . 0.23 0.53 46.31
C1 BCL BA . 0.90 7.83 46.33
C2 BCL BA . 1.72 8.97 45.71
C3 BCL BA . 2.93 8.82 45.23
C4 BCL BA . 3.72 7.52 45.20
C5 BCL BA . 3.68 10.02 44.63
C6 BCL BA . 4.21 11.06 45.62
C7 BCL BA . 5.01 12.16 44.93
C8 BCL BA . 5.65 13.18 45.86
C9 BCL BA . 4.57 14.16 46.40
C10 BCL BA . 6.75 13.96 45.13
C11 BCL BA . 8.07 13.22 44.96
C12 BCL BA . 9.07 14.02 44.11
C13 BCL BA . 10.36 13.25 43.77
C14 BCL BA . 11.32 13.14 44.95
C15 BCL BA . 11.04 14.01 42.62
C16 BCL BA . 12.29 13.44 41.95
C17 BCL BA . 12.34 12.03 41.31
C18 BCL BA . 11.48 11.72 40.10
C19 BCL BA . 11.39 13.00 39.23
C20 BCL BA . 10.06 11.21 40.43
MG BCL CA . -22.63 7.72 30.93
CHA BCL CA . -25.40 7.35 32.99
CHB BCL CA . -24.72 7.58 28.28
CHC BCL CA . -20.26 9.24 29.03
CHD BCL CA . -20.72 8.44 33.75
NA BCL CA . -24.78 7.47 30.69
C1A BCL CA . -25.77 7.40 31.68
C2A BCL CA . -27.13 7.24 31.07
C3A BCL CA . -26.83 7.03 29.58
C4A BCL CA . -25.40 7.47 29.45
CMA BCL CA . -26.99 5.57 29.17
CAA BCL CA . -28.08 8.45 31.31
CBA BCL CA . -27.55 9.82 30.85
CGA BCL CA . -27.10 10.75 31.92
O1A BCL CA . -27.69 11.72 32.27
O2A BCL CA . -25.93 10.43 32.43
NB BCL CA . -22.48 8.30 28.94
C1B BCL CA . -23.50 8.20 28.01
C2B BCL CA . -23.14 8.86 26.82
C3B BCL CA . -21.83 9.37 26.99
C4B BCL CA . -21.47 8.99 28.36
CMB BCL CA . -24.07 8.93 25.61
CAB BCL CA . -20.92 10.10 26.10
OBB BCL CA . -19.89 10.66 26.52
CBB BCL CA . -21.15 10.22 24.62
NC BCL CA . -20.77 8.69 31.34
C1C BCL CA . -19.94 9.24 30.39
C2C BCL CA . -18.58 9.57 30.91
C3C BCL CA . -18.70 9.22 32.40
C4C BCL CA . -20.16 8.87 32.56
CMC BCL CA . -17.47 8.80 30.20
CAC BCL CA . -18.21 10.36 33.34
CBC BCL CA . -19.08 11.59 33.29
ND BCL CA . -22.95 7.91 32.93
C1D BCL CA . -22.08 8.12 34.01
C2D BCL CA . -22.74 7.98 35.26
C3D BCL CA . -24.07 7.68 34.93
C4D BCL CA . -24.15 7.65 33.54
CMD BCL CA . -22.11 8.14 36.61
CAD BCL CA . -25.35 7.38 35.43
OBD BCL CA . -25.78 7.28 36.60
CBD BCL CA . -26.32 7.17 34.22
CGD BCL CA . -26.99 5.87 34.31
O1D BCL CA . -28.14 5.65 33.97
O2D BCL CA . -26.23 4.90 34.81
CED BCL CA . -26.87 3.63 35.09
C1 BCL CA . -25.29 11.30 33.40
C2 BCL CA . -24.73 12.50 32.61
C3 BCL CA . -23.78 12.43 31.70
C4 BCL CA . -23.06 11.15 31.28
C5 BCL CA . -23.29 13.68 30.97
C6 BCL CA . -23.88 15.02 31.41
C7 BCL CA . -23.34 16.17 30.57
C8 BCL CA . -23.77 17.59 30.94
C9 BCL CA . -24.13 18.39 29.67
C10 BCL CA . -22.67 18.32 31.72
C11 BCL CA . -22.25 17.79 33.09
C12 BCL CA . -21.24 18.71 33.78
C13 BCL CA . -20.71 18.19 35.12
C14 BCL CA . -21.75 18.28 36.24
C15 BCL CA . -19.49 19.03 35.50
C16 BCL CA . -18.72 18.65 36.78
C17 BCL CA . -18.16 17.23 36.99
C18 BCL CA . -17.06 16.67 36.08
C19 BCL CA . -16.12 17.85 35.75
C20 BCL CA . -17.57 16.00 34.80
MG BCL DA . -36.84 6.69 7.78
CHA BCL DA . -40.24 6.01 7.71
CHB BCL DA . -36.70 5.93 4.49
CHC BCL DA . -33.92 8.44 7.52
CHD BCL DA . -37.21 7.94 11.01
NA BCL DA . -38.31 6.06 6.32
C1A BCL DA . -39.66 5.81 6.49
C2A BCL DA . -40.29 5.35 5.20
C3A BCL DA . -39.08 5.03 4.32
C4A BCL DA . -37.97 5.78 5.00
CMA BCL DA . -38.79 3.54 4.26
CAA BCL DA . -41.25 6.38 4.54
CBA BCL DA . -40.63 7.77 4.34
CGA BCL DA . -41.61 8.88 4.53
O1A BCL DA . -41.79 9.75 3.75
O2A BCL DA . -42.19 8.84 5.71
NB BCL DA . -35.49 7.11 6.26
C1B BCL DA . -35.66 6.75 4.92
C2B BCL DA . -34.66 7.32 4.13
C3B BCL DA . -33.81 8.06 4.99
C4B BCL DA . -34.40 7.92 6.31
CMB BCL DA . -34.60 7.12 2.62
CAB BCL DA . -32.57 8.83 4.74
OBB BCL DA . -32.13 9.65 5.55
CBB BCL DA . -31.75 8.65 3.48
NC BCL DA . -35.73 7.99 9.08
C1C BCL DA . -34.53 8.59 8.78
C2C BCL DA . -33.82 9.08 9.99
C3C BCL DA . -34.89 8.99 11.08
C4C BCL DA . -36.05 8.35 10.37
CMC BCL DA . -32.56 8.29 10.30
CAC BCL DA . -35.22 10.36 11.75
CBC BCL DA . -35.85 11.34 10.78
ND BCL DA . -38.37 6.98 9.09
C1D BCL DA . -38.39 7.40 10.42
C2D BCL DA . -39.67 7.22 11.00
C3D BCL DA . -40.45 6.67 9.99
C4D BCL DA . -39.64 6.55 8.86
CMD BCL DA . -40.05 7.57 12.42
CAD BCL DA . -41.75 6.27 9.60
OBD BCL DA . -42.79 6.13 10.27
CBD BCL DA . -41.74 5.99 8.08
CGD BCL DA . -42.47 4.76 7.76
O1D BCL DA . -43.18 4.60 6.79
O2D BCL DA . -42.30 3.80 8.64
CED BCL DA . -43.10 2.59 8.48
C1 BCL DA . -43.00 9.95 6.19
C2 BCL DA . -42.05 11.11 6.49
C3 BCL DA . -41.04 11.08 7.33
C4 BCL DA . -40.62 9.90 8.19
C5 BCL DA . -40.15 12.31 7.52
C6 BCL DA . -40.69 13.36 8.50
C7 BCL DA . -39.87 14.64 8.52
C8 BCL DA . -40.38 15.68 9.54
C9 BCL DA . -40.39 17.08 8.91
C10 BCL DA . -39.54 15.69 10.83
C11 BCL DA . -39.34 14.38 11.58
C12 BCL DA . -38.86 14.55 13.02
C13 BCL DA . -38.29 13.26 13.63
C14 BCL DA . -39.20 12.05 13.41
C15 BCL DA . -38.12 13.48 15.15
C16 BCL DA . -37.33 12.40 15.91
C17 BCL DA . -35.86 12.09 15.51
C18 BCL DA . -34.80 13.20 15.65
C19 BCL DA . -35.11 14.00 16.93
C20 BCL DA . -34.66 14.12 14.44
MG BCL EA . -11.27 12.60 -21.50
CHA BCL EA . -11.01 9.56 -23.09
CHB BCL EA . -13.80 11.31 -19.62
CHC BCL EA . -11.91 15.68 -20.32
CHD BCL EA . -9.59 14.08 -24.21
NA BCL EA . -12.27 10.67 -21.40
C1A BCL EA . -11.96 9.51 -22.10
C2A BCL EA . -12.74 8.33 -21.58
C3A BCL EA . -13.79 8.99 -20.67
C4A BCL EA . -13.26 10.38 -20.48
CMA BCL EA . -15.17 9.01 -21.31
CAA BCL EA . -11.86 7.31 -20.83
CBA BCL EA . -12.60 6.05 -20.40
CGA BCL EA . -11.88 5.25 -19.36
O1A BCL EA . -11.69 5.60 -18.25
O2A BCL EA . -11.53 4.06 -19.76
NB BCL EA . -12.68 13.40 -20.21
C1B BCL EA . -13.57 12.68 -19.43
C2B BCL EA . -14.16 13.49 -18.46
C3B BCL EA . -13.62 14.79 -18.62
C4B BCL EA . -12.71 14.68 -19.76
CMB BCL EA . -15.20 12.98 -17.48
CAB BCL EA . -13.79 16.04 -17.87
OBB BCL EA . -13.41 17.13 -18.30
CBB BCL EA . -14.44 16.09 -16.50
NC BCL EA . -10.81 14.59 -22.17
C1C BCL EA . -11.19 15.73 -21.52
C2C BCL EA . -10.61 16.96 -22.10
C3C BCL EA . -9.69 16.40 -23.20
C4C BCL EA . -10.13 14.97 -23.30
CMC BCL EA . -11.65 17.93 -22.63
CAC BCL EA . -8.18 16.58 -22.91
CBC BCL EA . -7.74 16.03 -21.57
ND BCL EA . -10.50 12.00 -23.29
C1D BCL EA . -9.77 12.67 -24.28
C2D BCL EA . -9.29 11.76 -25.27
C3D BCL EA . -9.74 10.50 -24.86
C4D BCL EA . -10.46 10.70 -23.67
CMD BCL EA . -8.49 12.15 -26.49
CAD BCL EA . -9.53 9.10 -24.98
OBD BCL EA . -8.83 8.45 -25.78
CBD BCL EA . -10.36 8.39 -23.88
CGD BCL EA . -11.28 7.40 -24.46
O1D BCL EA . -12.29 7.66 -25.07
O2D BCL EA . -10.90 6.15 -24.25
CED BCL EA . -11.82 5.10 -24.64
C1 BCL EA . -10.94 3.16 -18.79
C2 BCL EA . -12.05 2.17 -18.44
C3 BCL EA . -11.84 0.88 -18.37
C4 BCL EA . -10.49 0.21 -18.61
C5 BCL EA . -12.97 -0.09 -18.05
C6 BCL EA . -13.03 -0.64 -16.62
C7 BCL EA . -13.49 0.41 -15.60
C8 BCL EA . -13.27 -0.05 -14.17
C9 BCL EA . -14.23 0.69 -13.21
C10 BCL EA . -11.83 0.20 -13.75
C11 BCL EA . -11.37 -0.46 -12.45
C12 BCL EA . -11.22 -1.97 -12.56
C13 BCL EA . -10.95 -2.67 -11.22
C14 BCL EA . -9.50 -2.51 -10.75
C15 BCL EA . -11.24 -4.16 -11.38
C16 BCL EA . -12.68 -4.63 -11.39
C17 BCL EA . -12.84 -6.04 -11.95
C18 BCL EA . -14.29 -6.47 -12.08
C19 BCL EA . -14.22 -7.95 -12.49
C20 BCL EA . -15.10 -5.66 -13.10
MG BCL FA . -1.83 -7.95 -29.07
CHA BCL FA . -0.60 -7.18 -25.94
CHB BCL FA . -4.66 -6.25 -28.26
CHC BCL FA . -2.74 -7.98 -32.33
CHD BCL FA . 1.39 -8.92 -30.04
NA BCL FA . -2.51 -6.87 -27.31
C1A BCL FA . -1.85 -6.66 -26.12
C2A BCL FA . -2.67 -5.88 -25.14
C3A BCL FA . -4.04 -5.81 -25.84
C4A BCL FA . -3.74 -6.25 -27.23
CMA BCL FA . -5.05 -6.75 -25.17
CAA BCL FA . -2.08 -4.50 -24.81
CBA BCL FA . -1.73 -3.63 -26.02
CGA BCL FA . -1.09 -2.33 -25.65
O1A BCL FA . -0.99 -1.90 -24.56
O2A BCL FA . -0.66 -1.67 -26.69
NB BCL FA . -3.44 -7.22 -30.14
C1B BCL FA . -4.55 -6.56 -29.61
C2B BCL FA . -5.48 -6.26 -30.63
C3B BCL FA . -4.96 -6.75 -31.84
C4B BCL FA . -3.66 -7.34 -31.49
CMB BCL FA . -6.78 -5.55 -30.36
CAB BCL FA . -5.62 -6.65 -33.16
OBB BCL FA . -6.84 -6.48 -33.28
CBB BCL FA . -4.85 -6.76 -34.45
NC BCL FA . -0.81 -8.37 -30.91
C1C BCL FA . -1.41 -8.36 -32.14
C2C BCL FA . -0.61 -9.06 -33.19
C3C BCL FA . 0.68 -9.44 -32.43
C4C BCL FA . 0.49 -8.79 -31.08
CMC BCL FA . -1.34 -10.25 -33.79
CAC BCL FA . 1.97 -9.00 -33.17
CBC BCL FA . 2.16 -7.50 -33.21
ND BCL FA . 0.02 -7.98 -28.24
C1D BCL FA . 1.23 -8.51 -28.68
C2D BCL FA . 2.18 -8.58 -27.64
C3D BCL FA . 1.53 -8.06 -26.51
C4D BCL FA . 0.24 -7.72 -26.92
CMD BCL FA . 3.58 -9.10 -27.75
CAD BCL FA . 1.66 -7.69 -25.16
OBD BCL FA . 2.64 -7.72 -24.39
CBD BCL FA . 0.28 -7.14 -24.68
CGD BCL FA . -0.23 -7.91 -23.54
O1D BCL FA . -0.86 -7.46 -22.61
O2D BCL FA . 0.05 -9.21 -23.60
CED BCL FA . -0.47 -10.06 -22.55
C1 BCL FA . -0.04 -0.37 -26.48
C2 BCL FA . 0.27 0.12 -27.86
C3 BCL FA . 1.35 0.07 -28.60
C4 BCL FA . 2.72 -0.42 -28.12
C5 BCL FA . 1.30 0.51 -30.05
C6 BCL FA . 0.19 -0.18 -30.84
C7 BCL FA . 0.44 -0.23 -32.35
C8 BCL FA . 0.53 1.12 -33.06
C9 BCL FA . -0.71 1.98 -32.74
C10 BCL FA . 0.63 0.87 -34.57
C11 BCL FA . 0.94 2.02 -35.51
C12 BCL FA . 2.25 2.76 -35.21
C13 BCL FA . 3.49 1.87 -35.14
C14 BCL FA . 4.72 2.65 -34.65
C15 BCL FA . 3.81 1.32 -36.54
C16 BCL FA . 4.77 0.13 -36.52
C17 BCL FA . 4.14 -1.17 -36.01
C18 BCL FA . 5.00 -2.40 -36.19
C19 BCL FA . 4.34 -3.46 -35.28
C20 BCL FA . 6.47 -2.23 -35.80
O1 ZE0 GA . 1.86 -21.29 -24.14
C1 ZE0 GA . 2.72 -21.22 -22.97
C2 ZE0 GA . 4.15 -21.26 -23.45
C3 ZE0 GA . 2.41 -22.43 -22.10
C4 ZE0 GA . 2.40 -19.92 -22.23
C5 ZE0 GA . 2.51 -18.63 -23.05
C6 ZE0 GA . 2.02 -17.45 -22.25
C7 ZE0 GA . 2.02 -16.15 -23.01
C8 ZE0 GA . 0.95 -16.02 -24.06
C9 ZE0 GA . 2.91 -15.19 -22.75
C10 ZE0 GA . 2.94 -13.89 -23.34
C11 ZE0 GA . 3.88 -12.98 -23.07
C12 ZE0 GA . 3.97 -11.62 -23.57
C13 ZE0 GA . 2.83 -11.10 -24.41
C14 ZE0 GA . 5.06 -10.88 -23.27
C15 ZE0 GA . 5.37 -9.56 -23.71
C16 ZE0 GA . 6.50 -8.93 -23.38
C17 ZE0 GA . 6.88 -7.57 -23.73
C18 ZE0 GA . 5.95 -6.75 -24.56
C19 ZE0 GA . 8.06 -7.10 -23.26
C20 ZE0 GA . 8.58 -5.78 -23.36
C21 ZE0 GA . 9.74 -5.43 -22.80
C22 ZE0 GA . 10.29 -4.11 -22.77
C23 ZE0 GA . 11.41 -3.71 -22.15
C24 ZE0 GA . 12.36 -4.66 -21.50
C25 ZE0 GA . 11.71 -2.29 -22.07
C26 ZE0 GA . 12.69 -1.75 -21.34
C27 ZE0 GA . 12.95 -0.34 -21.25
C28 ZE0 GA . 13.85 0.27 -20.44
C29 ZE0 GA . 14.72 -0.47 -19.48
C30 ZE0 GA . 13.90 1.72 -20.44
C31 ZE0 GA . 14.67 2.49 -19.65
C32 ZE0 GA . 14.63 3.91 -19.69
C33 ZE0 GA . 15.37 4.71 -18.91
C34 ZE0 GA . 16.30 4.20 -17.84
C35 ZE0 GA . 15.32 6.21 -19.06
C36 ZE0 GA . 15.16 6.97 -17.74
C37 ZE0 GA . 15.19 8.45 -17.99
C38 ZE0 GA . 14.39 9.37 -17.49
C39 ZE0 GA . 14.49 10.81 -17.89
C40 ZE0 GA . 13.29 9.07 -16.51
MG BCL HA . -4.20 10.33 -27.30
CHA BCL HA . -5.48 8.03 -25.05
CHB BCL HA . -2.53 7.77 -28.80
CHC BCL HA . -2.20 12.57 -28.88
CHD BCL HA . -5.24 12.90 -25.18
NA BCL HA . -4.04 8.19 -26.93
C1A BCL HA . -4.74 7.42 -26.02
C2A BCL HA . -4.62 5.97 -26.33
C3A BCL HA . -3.43 5.92 -27.30
C4A BCL HA . -3.35 7.34 -27.78
CMA BCL HA . -2.15 5.49 -26.60
CAA BCL HA . -5.91 5.41 -26.94
CBA BCL HA . -5.89 4.04 -27.65
CGA BCL HA . -5.20 2.93 -26.93
O1A BCL HA . -5.04 2.87 -25.76
O2A BCL HA . -4.69 2.00 -27.69
NB BCL HA . -2.65 10.20 -28.69
C1B BCL HA . -1.99 9.03 -29.04
C2B BCL HA . -0.75 9.32 -29.62
C3B BCL HA . -0.61 10.72 -29.67
C4B BCL HA . -1.85 11.22 -29.08
CMB BCL HA . 0.20 8.22 -30.09
CAB BCL HA . 0.47 11.58 -30.15
OBB BCL HA . 0.26 12.77 -30.46
CBB BCL HA . 1.90 11.11 -30.29
NC BCL HA . -3.79 12.42 -27.07
C1C BCL HA . -2.94 13.16 -27.85
C2C BCL HA . -3.05 14.62 -27.65
C3C BCL HA . -4.02 14.73 -26.47
C4C BCL HA . -4.34 13.29 -26.14
CMC BCL HA . -1.72 15.30 -27.41
CAC BCL HA . -5.25 15.62 -26.78
CBC BCL HA . -6.19 14.99 -27.78
ND BCL HA . -5.12 10.48 -25.49
C1D BCL HA . -5.54 11.58 -24.74
C2D BCL HA . -6.26 11.17 -23.58
C3D BCL HA . -6.27 9.78 -23.65
C4D BCL HA . -5.58 9.40 -24.79
CMD BCL HA . -6.85 12.09 -22.56
CAD BCL HA . -6.73 8.58 -23.04
OBD BCL HA . -7.49 8.40 -22.07
CBD BCL HA . -6.11 7.38 -23.81
CGD BCL HA . -5.17 6.63 -22.96
O1D BCL HA . -4.04 6.97 -22.70
O2D BCL HA . -5.68 5.51 -22.48
CED BCL HA . -4.80 4.74 -21.61
C1 BCL HA . -3.91 0.97 -27.02
C2 BCL HA . -3.99 -0.28 -27.89
C3 BCL HA . -4.90 -1.22 -27.70
C4 BCL HA . -5.97 -1.20 -26.63
C5 BCL HA . -5.01 -2.46 -28.59
C6 BCL HA . -4.13 -2.55 -29.82
C7 BCL HA . -4.64 -1.73 -31.01
C8 BCL HA . -3.73 -1.61 -32.25
C9 BCL HA . -4.32 -0.56 -33.22
C10 BCL HA . -3.50 -2.93 -33.02
C11 BCL HA . -2.64 -4.07 -32.48
C12 BCL HA . -1.28 -3.57 -31.96
C13 BCL HA . -0.61 -4.58 -31.00
C14 BCL HA . -1.29 -4.63 -29.64
C15 BCL HA . 0.86 -4.18 -30.79
C16 BCL HA . 1.46 -4.72 -29.49
C17 BCL HA . 2.93 -4.43 -29.21
C18 BCL HA . 3.37 -4.94 -27.87
C19 BCL HA . 2.80 -3.92 -26.86
C20 BCL HA . 4.90 -5.03 -27.71
MG BCL IA . 18.02 -10.60 -23.27
CHA BCL IA . 17.06 -9.29 -20.21
CHB BCL IA . 15.20 -9.26 -24.62
CHC BCL IA . 19.34 -11.02 -26.36
CHD BCL IA . 21.14 -11.33 -21.91
NA BCL IA . 16.37 -9.41 -22.49
C1A BCL IA . 16.14 -9.02 -21.18
C2A BCL IA . 14.83 -8.29 -21.05
C3A BCL IA . 14.16 -8.55 -22.41
C4A BCL IA . 15.29 -9.03 -23.26
CMA BCL IA . 13.06 -9.60 -22.30
CAA BCL IA . 14.99 -6.79 -20.71
CBA BCL IA . 15.99 -6.00 -21.57
CGA BCL IA . 16.08 -4.54 -21.22
O1A BCL IA . 15.42 -4.00 -20.41
O2A BCL IA . 16.96 -3.87 -21.93
NB BCL IA . 17.39 -10.20 -25.20
C1B BCL IA . 16.16 -9.65 -25.56
C2B BCL IA . 16.05 -9.56 -26.95
C3B BCL IA . 17.24 -10.05 -27.51
C4B BCL IA . 18.06 -10.45 -26.36
CMB BCL IA . 14.82 -9.01 -27.65
CAB BCL IA . 17.55 -10.14 -28.94
OBB BCL IA . 16.67 -10.10 -29.83
CBB BCL IA . 18.96 -10.26 -29.47
NC BCL IA . 19.96 -11.10 -24.02
C1C BCL IA . 20.28 -11.22 -25.34
C2C BCL IA . 21.57 -11.91 -25.56
C3C BCL IA . 22.21 -11.91 -24.15
C4C BCL IA . 21.10 -11.35 -23.29
CMC BCL IA . 21.42 -13.30 -26.15
CAC BCL IA . 23.53 -11.11 -24.07
CBC BCL IA . 23.35 -9.62 -24.22
ND BCL IA . 18.96 -10.31 -21.50
C1D BCL IA . 20.19 -10.78 -21.01
C2D BCL IA . 20.27 -10.63 -19.61
C3D BCL IA . 19.07 -10.05 -19.22
C4D BCL IA . 18.32 -9.87 -20.37
CMD BCL IA . 21.43 -11.05 -18.75
CAD BCL IA . 18.30 -9.56 -18.15
OBD BCL IA . 18.57 -9.45 -16.93
CBD BCL IA . 16.91 -9.14 -18.70
CGD BCL IA . 15.85 -9.94 -18.09
O1D BCL IA . 14.75 -9.51 -17.77
O2D BCL IA . 16.18 -11.20 -17.89
CED BCL IA . 15.18 -12.08 -17.31
C1 BCL IA . 17.10 -2.43 -21.66
C2 BCL IA . 18.13 -1.94 -22.65
C3 BCL IA . 19.43 -1.83 -22.50
C4 BCL IA . 20.18 -2.12 -21.21
C5 BCL IA . 20.33 -1.43 -23.66
C6 BCL IA . 19.70 -1.50 -25.05
C7 BCL IA . 20.74 -1.54 -26.17
C8 BCL IA . 21.75 -0.40 -26.32
C9 BCL IA . 21.04 0.96 -26.45
C10 BCL IA . 22.62 -0.67 -27.55
C11 BCL IA . 23.81 0.22 -27.89
C12 BCL IA . 24.90 0.28 -26.80
C13 BCL IA . 25.39 -1.07 -26.24
C14 BCL IA . 26.54 -0.89 -25.26
C15 BCL IA . 25.86 -2.00 -27.38
C16 BCL IA . 26.24 -3.43 -27.01
C17 BCL IA . 25.06 -4.28 -26.48
C18 BCL IA . 25.38 -5.76 -26.33
C19 BCL IA . 24.03 -6.42 -26.06
C20 BCL IA . 26.37 -6.12 -25.21
MG BCL JA . 4.67 8.88 -26.35
CHA BCL JA . 5.99 5.77 -26.97
CHB BCL JA . 1.56 7.44 -26.28
CHC BCL JA . 3.28 11.95 -26.27
CHD BCL JA . 7.59 10.33 -27.65
NA BCL JA . 3.91 6.86 -26.63
C1A BCL JA . 4.64 5.69 -26.77
C2A BCL JA . 3.77 4.47 -26.65
C3A BCL JA . 2.35 5.06 -26.64
C4A BCL JA . 2.58 6.52 -26.45
CMA BCL JA . 1.61 4.78 -27.95
CAA BCL JA . 4.06 3.61 -25.39
CBA BCL JA . 3.20 2.34 -25.32
CGA BCL JA . 3.17 1.69 -23.97
O1A BCL JA . 2.54 2.08 -23.05
O2A BCL JA . 3.87 0.58 -23.90
NB BCL JA . 2.72 9.60 -26.33
C1B BCL JA . 1.57 8.84 -26.18
C2B BCL JA . 0.47 9.66 -25.90
C3B BCL JA . 0.93 10.99 -25.88
C4B BCL JA . 2.35 10.91 -26.18
CMB BCL JA . -0.93 9.09 -25.70
CAB BCL JA . 0.26 12.27 -25.58
OBB BCL JA . 0.78 13.36 -25.83
CBB BCL JA . -1.11 12.35 -24.95
NC BCL JA . 5.34 10.85 -26.87
C1C BCL JA . 4.59 11.97 -26.78
C2C BCL JA . 5.35 13.22 -27.04
C3C BCL JA . 6.77 12.70 -27.27
C4C BCL JA . 6.57 11.21 -27.39
CMC BCL JA . 4.79 14.03 -28.19
CAC BCL JA . 7.79 13.12 -26.18
CBC BCL JA . 7.34 12.77 -24.77
ND BCL JA . 6.41 8.24 -27.18
C1D BCL JA . 7.56 8.90 -27.60
C2D BCL JA . 8.59 7.99 -27.93
C3D BCL JA . 8.05 6.73 -27.69
C4D BCL JA . 6.74 6.92 -27.25
CMD BCL JA . 9.96 8.37 -28.43
CAD BCL JA . 8.34 5.36 -27.50
OBD BCL JA . 9.40 4.72 -27.64
CBD BCL JA . 7.04 4.64 -27.01
CGD BCL JA . 6.75 3.48 -27.87
O1D BCL JA . 6.31 3.54 -29.01
O2D BCL JA . 7.01 2.33 -27.29
CED BCL JA . 6.63 1.12 -27.98
C1 BCL JA . 3.80 -0.18 -22.65
C2 BCL JA . 2.70 -1.21 -22.87
C3 BCL JA . 2.89 -2.48 -22.56
C4 BCL JA . 4.18 -3.03 -21.98
C5 BCL JA . 1.81 -3.54 -22.79
C6 BCL JA . 0.96 -3.93 -21.59
C7 BCL JA . -0.04 -2.85 -21.18
C8 BCL JA . -0.76 -3.17 -19.87
C9 BCL JA . -2.07 -2.36 -19.78
C10 BCL JA . 0.14 -2.82 -18.68
C11 BCL JA . -0.28 -3.38 -17.33
C12 BCL JA . -0.02 -4.88 -17.19
C13 BCL JA . -0.58 -5.46 -15.89
C14 BCL JA . 0.23 -5.06 -14.66
C15 BCL JA . -0.55 -6.99 -16.01
C16 BCL JA . -1.63 -7.62 -16.85
C17 BCL JA . -1.39 -9.11 -17.09
C18 BCL JA . -2.41 -9.74 -18.01
C19 BCL JA . -2.04 -11.22 -18.04
C20 BCL JA . -2.41 -9.16 -19.44
O1 ZE0 KA . 18.65 -23.00 -15.33
C1 ZE0 KA . 18.65 -22.76 -13.91
C2 ZE0 KA . 20.09 -22.64 -13.45
C3 ZE0 KA . 17.96 -23.95 -13.24
C4 ZE0 KA . 17.87 -21.47 -13.65
C5 ZE0 KA . 18.34 -20.24 -14.42
C6 ZE0 KA . 17.39 -19.07 -14.21
C7 ZE0 KA . 17.76 -17.83 -14.98
C8 ZE0 KA . 17.61 -17.92 -16.48
C9 ZE0 KA . 18.19 -16.73 -14.36
C10 ZE0 KA . 18.50 -15.49 -15.00
C11 ZE0 KA . 18.96 -14.42 -14.33
C12 ZE0 KA . 19.28 -13.12 -14.88
C13 ZE0 KA . 18.98 -12.86 -16.33
C14 ZE0 KA . 19.83 -12.19 -14.07
C15 ZE0 KA . 20.25 -10.87 -14.42
C16 ZE0 KA . 20.82 -10.04 -13.53
C17 ZE0 KA . 21.26 -8.67 -13.77
C18 ZE0 KA . 21.10 -8.10 -15.14
C19 ZE0 KA . 21.81 -7.98 -12.74
C20 ZE0 KA . 22.23 -6.63 -12.72
C21 ZE0 KA . 22.73 -6.06 -11.61
C22 ZE0 KA . 23.11 -4.70 -11.47
C23 ZE0 KA . 23.56 -4.09 -10.35
C24 ZE0 KA . 23.89 -4.85 -9.10
C25 ZE0 KA . 23.72 -2.65 -10.32
C26 ZE0 KA . 23.99 -1.91 -9.24
C27 ZE0 KA . 24.09 -0.49 -9.23
C28 ZE0 KA . 24.21 0.32 -8.16
C29 ZE0 KA . 24.30 -0.19 -6.74
C30 ZE0 KA . 24.19 1.76 -8.35
C31 ZE0 KA . 24.20 2.70 -7.39
C32 ZE0 KA . 24.12 4.09 -7.68
C33 ZE0 KA . 24.14 5.06 -6.75
C34 ZE0 KA . 24.21 4.77 -5.27
C35 ZE0 KA . 24.10 6.51 -7.12
C36 ZE0 KA . 23.05 7.32 -6.35
C37 ZE0 KA . 23.15 8.77 -6.68
C38 ZE0 KA . 22.18 9.66 -6.79
C39 ZE0 KA . 22.42 11.10 -7.15
C40 ZE0 KA . 20.73 9.30 -6.58
MG BCL LA . 13.88 7.19 -26.08
CHA BCL LA . 11.57 4.94 -24.80
CHB BCL LA . 16.25 4.77 -25.74
CHC BCL LA . 16.29 9.53 -26.44
CHD BCL LA . 11.59 9.77 -25.51
NA BCL LA . 13.88 5.14 -25.35
C1A BCL LA . 12.81 4.37 -24.94
C2A BCL LA . 13.15 2.91 -24.92
C3A BCL LA . 14.67 2.91 -25.00
C4A BCL LA . 15.00 4.33 -25.39
CMA BCL LA . 15.33 2.55 -23.67
CAA BCL LA . 12.47 2.15 -26.07
CBA BCL LA . 12.99 0.74 -26.45
CGA BCL LA . 13.20 -0.20 -25.31
O1A BCL LA . 12.59 -0.21 -24.32
O2A BCL LA . 14.18 -1.05 -25.51
NB BCL LA . 15.95 7.16 -26.14
C1B BCL LA . 16.75 6.07 -25.84
C2B BCL LA . 18.09 6.45 -25.66
C3B BCL LA . 18.15 7.85 -25.86
C4B BCL LA . 16.79 8.24 -26.17
CMB BCL LA . 19.19 5.46 -25.32
CAB BCL LA . 19.25 8.82 -25.78
OBB BCL LA . 19.19 9.94 -26.31
CBB BCL LA . 20.55 8.54 -25.05
NC BCL LA . 13.93 9.33 -26.00
C1C BCL LA . 15.05 10.10 -26.18
C2C BCL LA . 14.76 11.54 -26.31
C3C BCL LA . 13.29 11.63 -25.92
C4C BCL LA . 12.88 10.18 -25.76
CMC BCL LA . 15.68 12.39 -25.45
CAC BCL LA . 12.44 12.44 -26.92
CBC BCL LA . 12.34 11.78 -28.29
ND BCL LA . 12.01 7.37 -25.30
C1D BCL LA . 11.15 8.47 -25.16
C2D BCL LA . 9.90 8.07 -24.65
C3D BCL LA . 9.98 6.69 -24.48
C4D BCL LA . 11.26 6.31 -24.88
CMD BCL LA . 8.74 9.00 -24.36
CAD BCL LA . 9.31 5.50 -24.09
OBD BCL LA . 8.13 5.31 -23.77
CBD BCL LA . 10.34 4.35 -24.10
CGD BCL LA . 10.62 3.83 -22.75
O1D BCL LA . 11.29 4.38 -21.91
O2D BCL LA . 10.06 2.67 -22.50
CED BCL LA . 10.29 2.11 -21.18
C1 BCL LA . 14.48 -1.97 -24.41
C2 BCL LA . 15.18 -3.15 -25.05
C3 BCL LA . 14.63 -4.31 -25.32
C4 BCL LA . 13.20 -4.70 -24.97
C5 BCL LA . 15.38 -5.38 -26.10
C6 BCL LA . 16.56 -4.88 -26.90
C7 BCL LA . 17.06 -5.93 -27.89
C8 BCL LA . 18.41 -5.52 -28.49
C9 BCL LA . 18.75 -6.42 -29.68
C10 BCL LA . 19.50 -5.62 -27.42
C11 BCL LA . 19.82 -7.03 -26.93
C12 BCL LA . 20.51 -7.10 -25.57
C13 BCL LA . 19.65 -7.32 -24.30
C14 BCL LA . 18.43 -6.42 -24.20
C15 BCL LA . 20.58 -7.03 -23.12
C16 BCL LA . 19.97 -6.92 -21.74
C17 BCL LA . 21.14 -6.86 -20.74
C18 BCL LA . 20.77 -6.59 -19.29
C19 BCL LA . 20.32 -5.13 -19.19
C20 BCL LA . 21.97 -6.85 -18.37
MG BCL MA . 20.22 7.09 -19.67
CHA BCL MA . 21.86 4.17 -18.84
CHB BCL MA . 17.87 5.20 -21.27
CHC BCL MA . 18.92 9.90 -21.00
CHD BCL MA . 23.21 8.85 -19.07
NA BCL MA . 19.95 4.95 -20.01
C1A BCL MA . 20.69 3.90 -19.51
C2A BCL MA . 20.03 2.58 -19.78
C3A BCL MA . 18.94 2.95 -20.78
C4A BCL MA . 18.83 4.43 -20.65
CMA BCL MA . 19.32 2.56 -22.20
CAA BCL MA . 19.48 1.90 -18.51
CBA BCL MA . 18.99 0.46 -18.71
CGA BCL MA . 18.06 0.00 -17.64
O1A BCL MA . 17.31 0.67 -17.03
O2A BCL MA . 18.14 -1.29 -17.44
NB BCL MA . 18.67 7.50 -20.99
C1B BCL MA . 17.72 6.59 -21.42
C2B BCL MA . 16.63 7.25 -22.02
C3B BCL MA . 16.89 8.64 -21.95
C4B BCL MA . 18.20 8.74 -21.32
CMB BCL MA . 15.45 6.50 -22.60
CAB BCL MA . 16.11 9.81 -22.34
OBB BCL MA . 16.61 10.94 -22.46
CBB BCL MA . 14.62 9.74 -22.63
NC BCL MA . 20.97 9.08 -19.99
C1C BCL MA . 20.24 10.09 -20.55
C2C BCL MA . 20.86 11.42 -20.36
C3C BCL MA . 22.17 11.10 -19.65
C4C BCL MA . 22.20 9.59 -19.66
CMC BCL MA . 21.06 12.18 -21.66
CAC BCL MA . 22.28 11.72 -18.22
CBC BCL MA . 21.10 11.40 -17.34
ND BCL MA . 22.14 6.65 -19.10
C1D BCL MA . 23.25 7.44 -18.85
C2D BCL MA . 24.34 6.67 -18.39
C3D BCL MA . 23.86 5.35 -18.35
C4D BCL MA . 22.54 5.39 -18.79
CMD BCL MA . 25.71 7.19 -18.03
CAD BCL MA . 24.07 4.06 -17.81
OBD BCL MA . 25.05 3.57 -17.22
CBD BCL MA . 22.79 3.21 -18.08
CGD BCL MA . 23.15 1.94 -18.75
O1D BCL MA . 23.59 1.84 -19.87
O2D BCL MA . 22.95 0.88 -17.98
CED BCL MA . 23.23 -0.43 -18.54
C1 BCL MA . 17.30 -1.85 -16.38
C2 BCL MA . 16.87 -3.22 -16.88
C3 BCL MA . 16.82 -4.30 -16.14
C4 BCL MA . 17.20 -4.37 -14.68
C5 BCL MA . 16.32 -5.63 -16.73
C6 BCL MA . 14.88 -6.02 -16.39
C7 BCL MA . 13.85 -5.01 -16.89
C8 BCL MA . 12.48 -5.23 -16.25
C9 BCL MA . 11.37 -4.59 -17.11
C10 BCL MA . 12.47 -4.61 -14.85
C11 BCL MA . 11.33 -5.10 -13.97
C12 BCL MA . 11.54 -6.53 -13.46
C13 BCL MA . 10.30 -7.11 -12.76
C14 BCL MA . 10.04 -6.48 -11.38
C15 BCL MA . 10.51 -8.62 -12.56
C16 BCL MA . 10.36 -9.51 -13.77
C17 BCL MA . 10.82 -10.96 -13.57
C18 BCL MA . 10.80 -11.74 -14.87
C19 BCL MA . 11.05 -13.20 -14.44
C20 BCL MA . 11.84 -11.30 -15.89
MG BCL NA . 29.84 -10.03 -6.22
CHA BCL NA . 27.10 -8.62 -4.66
CHB BCL NA . 28.41 -9.27 -9.21
CHC BCL NA . 32.83 -10.54 -7.74
CHD BCL NA . 31.47 -10.13 -3.14
NA BCL NA . 28.00 -9.05 -6.82
C1A BCL NA . 26.98 -8.56 -6.02
C2A BCL NA . 25.86 -7.99 -6.82
C3A BCL NA . 26.21 -8.43 -8.26
C4A BCL NA . 27.63 -8.89 -8.14
CMA BCL NA . 25.31 -9.55 -8.75
CAA BCL NA . 25.72 -6.47 -6.67
CBA BCL NA . 27.00 -5.66 -6.85
CGA BCL NA . 26.80 -4.19 -6.67
O1A BCL NA . 25.77 -3.66 -6.46
O2A BCL NA . 27.90 -3.49 -6.80
NB BCL NA . 30.54 -9.93 -8.17
C1B BCL NA . 29.78 -9.58 -9.29
C2B BCL NA . 30.58 -9.59 -10.44
C3B BCL NA . 31.88 -9.94 -10.06
C4B BCL NA . 31.81 -10.15 -8.61
CMB BCL NA . 30.03 -9.25 -11.82
CAB BCL NA . 33.03 -10.07 -10.96
OBB BCL NA . 32.90 -10.27 -12.19
CBB BCL NA . 34.46 -9.97 -10.47
NC BCL NA . 31.85 -10.30 -5.54
C1C BCL NA . 32.94 -10.50 -6.34
C2C BCL NA . 34.14 -10.94 -5.60
C3C BCL NA . 33.69 -10.87 -4.13
C4C BCL NA . 32.30 -10.31 -4.23
CMC BCL NA . 34.64 -12.31 -6.03
CAC BCL NA . 34.65 -10.05 -3.23
CBC BCL NA . 34.62 -8.56 -3.54
ND BCL NA . 29.46 -9.42 -4.32
C1D BCL NA . 30.12 -9.67 -3.11
C2D BCL NA . 29.29 -9.43 -2.00
C3D BCL NA . 28.08 -9.00 -2.54
C4D BCL NA . 28.21 -9.01 -3.92
CMD BCL NA . 29.68 -9.62 -0.56
CAD BCL NA . 26.75 -8.59 -2.25
OBD BCL NA . 26.17 -8.43 -1.17
CBD BCL NA . 26.03 -8.33 -3.61
CGD BCL NA . 24.82 -9.14 -3.71
O1D BCL NA . 23.73 -8.74 -4.10
O2D BCL NA . 24.99 -10.41 -3.34
CED BCL NA . 23.83 -11.27 -3.38
C1 BCL NA . 27.78 -2.04 -6.68
C2 BCL NA . 29.20 -1.51 -6.77
C3 BCL NA . 30.08 -1.33 -5.81
C4 BCL NA . 29.82 -1.56 -4.33
C5 BCL NA . 31.51 -0.92 -6.14
C6 BCL NA . 31.97 -1.26 -7.55
C7 BCL NA . 33.49 -1.32 -7.67
C8 BCL NA . 34.26 -0.04 -7.35
C9 BCL NA . 33.67 1.16 -8.13
C10 BCL NA . 35.73 -0.22 -7.73
C11 BCL NA . 36.63 0.98 -7.44
C12 BCL NA . 36.63 1.40 -5.98
C13 BCL NA . 36.97 0.33 -4.93
C14 BCL NA . 37.00 0.91 -3.52
C15 BCL NA . 38.33 -0.35 -5.21
C16 BCL NA . 38.88 -1.24 -4.09
C17 BCL NA . 38.11 -2.47 -3.57
C18 BCL NA . 38.68 -2.96 -2.27
C19 BCL NA . 37.91 -4.26 -1.92
C20 BCL NA . 38.55 -1.96 -1.11
O1 ZE0 OA . 25.42 -21.80 2.19
C1 ZE0 OA . 25.10 -21.04 3.36
C2 ZE0 OA . 26.42 -20.61 4.01
C3 ZE0 OA . 24.31 -21.93 4.30
C4 ZE0 OA . 24.29 -19.83 2.94
C5 ZE0 OA . 25.05 -18.72 2.21
C6 ZE0 OA . 24.10 -17.66 1.66
C7 ZE0 OA . 24.82 -16.45 1.11
C8 ZE0 OA . 25.73 -16.71 -0.06
C9 ZE0 OA . 24.66 -15.25 1.66
C10 ZE0 OA . 25.28 -14.04 1.22
C11 ZE0 OA . 25.09 -12.87 1.84
C12 ZE0 OA . 25.68 -11.58 1.49
C13 ZE0 OA . 26.55 -11.52 0.26
C14 ZE0 OA . 25.46 -10.52 2.29
C15 ZE0 OA . 25.96 -9.19 2.13
C16 ZE0 OA . 25.70 -8.22 3.02
C17 ZE0 OA . 26.12 -6.84 2.93
C18 ZE0 OA . 26.92 -6.41 1.74
C19 ZE0 OA . 25.79 -6.00 3.95
C20 ZE0 OA . 26.04 -4.60 4.04
C21 ZE0 OA . 25.65 -3.88 5.10
C22 ZE0 OA . 25.78 -2.47 5.23
C23 ZE0 OA . 25.35 -1.71 6.26
C24 ZE0 OA . 24.83 -2.29 7.54
C25 ZE0 OA . 25.37 -0.26 6.14
C26 ZE0 OA . 24.84 0.61 7.02
C27 ZE0 OA . 24.85 2.02 6.86
C28 ZE0 OA . 24.25 2.94 7.65
C29 ZE0 OA . 23.50 2.57 8.90
C30 ZE0 OA . 24.29 4.34 7.27
C31 ZE0 OA . 23.65 5.35 7.86
C32 ZE0 OA . 23.72 6.69 7.40
C33 ZE0 OA . 23.08 7.71 7.97
C34 ZE0 OA . 22.17 7.55 9.16
C35 ZE0 OA . 23.22 9.12 7.45
C36 ZE0 OA . 21.88 9.83 7.27
C37 ZE0 OA . 22.09 11.25 6.82
C38 ZE0 OA . 21.26 12.02 6.16
C39 ZE0 OA . 21.58 13.45 5.81
C40 ZE0 OA . 19.91 11.56 5.69
MG BCL PA . 27.28 6.85 -13.64
CHA BCL PA . 24.85 4.39 -13.70
CHB BCL PA . 29.13 4.84 -11.61
CHC BCL PA . 29.19 9.52 -12.80
CHD BCL PA . 24.96 9.08 -15.01
NA BCL PA . 26.99 4.88 -12.76
C1A BCL PA . 25.96 3.98 -13.00
C2A BCL PA . 26.32 2.60 -12.52
C3A BCL PA . 27.51 2.87 -11.61
C4A BCL PA . 27.96 4.24 -12.02
CMA BCL PA . 27.13 2.83 -10.13
CAA BCL PA . 26.66 1.67 -13.70
CBA BCL PA . 27.42 0.36 -13.41
CGA BCL PA . 26.89 -0.51 -12.32
O1A BCL PA . 25.79 -0.49 -11.91
O2A BCL PA . 27.78 -1.32 -11.77
NB BCL PA . 28.92 7.15 -12.40
C1B BCL PA . 29.51 6.19 -11.59
C2B BCL PA . 30.52 6.77 -10.80
C3B BCL PA . 30.57 8.15 -11.11
C4B BCL PA . 29.55 8.34 -12.14
CMB BCL PA . 31.34 5.95 -9.81
CAB BCL PA . 31.39 9.26 -10.60
OBB BCL PA . 31.46 10.35 -11.18
CBB BCL PA . 32.20 9.16 -9.34
NC BCL PA . 27.10 8.97 -13.88
C1C BCL PA . 28.02 9.89 -13.44
C2C BCL PA . 27.76 11.27 -13.93
C3C BCL PA . 26.47 11.11 -14.74
C4C BCL PA . 26.07 9.67 -14.47
CMC BCL PA . 27.67 12.30 -12.82
CAC BCL PA . 26.63 11.44 -16.24
CBC BCL PA . 27.60 10.51 -16.94
ND BCL PA . 25.33 6.79 -14.23
C1D BCL PA . 24.48 7.76 -14.78
C2D BCL PA . 23.20 7.23 -15.03
C3D BCL PA . 23.27 5.89 -14.63
C4D BCL PA . 24.56 5.67 -14.16
CMD BCL PA . 22.03 7.99 -15.61
CAD BCL PA . 22.58 4.66 -14.56
OBD BCL PA . 21.44 4.33 -14.93
CBD BCL PA . 23.53 3.62 -13.89
CGD BCL PA . 22.93 3.09 -12.67
O1D BCL PA . 22.50 3.75 -11.73
O2D BCL PA . 22.86 1.77 -12.64
CED BCL PA . 22.18 1.18 -11.50
C1 BCL PA . 27.34 -2.09 -10.60
C2 BCL PA . 28.28 -3.29 -10.51
C3 BCL PA . 27.93 -4.47 -10.97
C4 BCL PA . 26.60 -4.79 -11.63
C5 BCL PA . 28.85 -5.70 -10.91
C6 BCL PA . 30.22 -5.54 -10.26
C7 BCL PA . 31.27 -4.86 -11.15
C8 BCL PA . 32.53 -4.34 -10.43
C9 BCL PA . 33.31 -3.40 -11.37
C10 BCL PA . 33.50 -5.44 -9.92
C11 BCL PA . 33.16 -6.35 -8.74
C12 BCL PA . 32.74 -5.56 -7.50
C13 BCL PA . 31.97 -6.40 -6.47
C14 BCL PA . 30.55 -6.72 -6.94
C15 BCL PA . 31.88 -5.61 -5.15
C16 BCL PA . 30.70 -5.99 -4.25
C17 BCL PA . 30.68 -5.43 -2.83
C18 BCL PA . 29.35 -5.58 -2.13
C19 BCL PA . 28.42 -4.49 -2.70
C20 BCL PA . 29.46 -5.45 -0.61
MG BCL QA . 28.20 -6.42 14.16
CHA BCL QA . 24.98 -5.32 13.52
CHB BCL QA . 28.88 -6.05 10.85
CHC BCL QA . 31.51 -6.62 14.87
CHD BCL QA . 27.56 -6.16 17.58
NA BCL QA . 27.06 -5.74 12.45
C1A BCL QA . 25.73 -5.41 12.38
C2A BCL QA . 25.29 -5.12 10.98
C3A BCL QA . 26.48 -5.63 10.14
C4A BCL QA . 27.57 -5.77 11.15
CMA BCL QA . 26.17 -6.98 9.50
CAA BCL QA . 25.00 -3.62 10.76
CBA BCL QA . 26.10 -2.64 11.20
CGA BCL QA . 25.72 -1.21 11.04
O1A BCL QA . 24.71 -0.82 10.57
O2A BCL QA . 26.63 -0.37 11.47
NB BCL QA . 29.94 -6.32 13.06
C1B BCL QA . 30.02 -6.22 11.67
C2B BCL QA . 31.35 -6.30 11.24
C3B BCL QA . 32.15 -6.47 12.38
C4B BCL QA . 31.22 -6.48 13.51
CMB BCL QA . 31.75 -6.23 9.77
CAB BCL QA . 33.62 -6.61 12.38
OBB BCL QA . 34.25 -6.97 11.37
CBB BCL QA . 34.46 -6.32 13.59
NC BCL QA . 29.36 -6.38 15.96
C1C BCL QA . 30.71 -6.53 16.02
C2C BCL QA . 31.21 -6.83 17.39
C3C BCL QA . 29.94 -6.71 18.25
C4C BCL QA . 28.88 -6.31 17.26
CMC BCL QA . 31.90 -8.18 17.49
CAC BCL QA . 30.11 -5.73 19.45
CBC BCL QA . 30.19 -4.28 19.02
ND BCL QA . 26.67 -5.79 15.34
C1D BCL QA . 26.45 -5.88 16.72
C2D BCL QA . 25.10 -5.67 17.04
C3D BCL QA . 24.46 -5.45 15.83
C4D BCL QA . 25.43 -5.52 14.84
CMD BCL QA . 24.52 -5.71 18.43
CAD BCL QA . 23.24 -5.08 15.21
OBD BCL QA . 22.14 -4.80 15.69
CBD BCL QA . 23.48 -5.04 13.68
CGD BCL QA . 22.59 -5.98 12.98
O1D BCL QA . 22.03 -5.75 11.92
O2D BCL QA . 22.43 -7.13 13.61
CED BCL QA . 21.52 -8.10 13.00
C1 BCL QA . 26.33 1.06 11.33
C2 BCL QA . 27.49 1.79 11.96
C3 BCL QA . 27.52 2.30 13.16
C4 BCL QA . 26.35 2.31 14.14
C5 BCL QA . 28.81 2.90 13.72
C6 BCL QA . 30.06 2.62 12.89
C7 BCL QA . 31.36 2.82 13.68
C8 BCL QA . 31.62 4.14 14.40
C9 BCL QA . 31.55 5.32 13.42
C10 BCL QA . 33.00 4.08 15.07
C11 BCL QA . 33.54 5.28 15.84
C12 BCL QA . 32.62 5.75 16.98
C13 BCL QA . 32.24 4.66 17.99
C14 BCL QA . 31.43 5.24 19.16
C15 BCL QA . 33.48 3.97 18.58
C16 BCL QA . 33.21 2.95 19.67
C17 BCL QA . 32.38 1.74 19.18
C18 BCL QA . 31.98 0.78 20.28
C19 BCL QA . 31.23 -0.35 19.56
C20 BCL QA . 31.10 1.39 21.38
MG BCL RA . 28.13 8.04 -4.64
CHA BCL RA . 29.10 5.47 -2.56
CHB BCL RA . 27.58 5.73 -7.10
CHC BCL RA . 27.67 10.54 -6.84
CHD BCL RA . 29.90 10.27 -2.59
NA BCL RA . 28.34 5.87 -4.78
C1A BCL RA . 28.66 4.98 -3.77
C2A BCL RA . 28.47 3.56 -4.21
C3A BCL RA . 28.26 3.69 -5.73
C4A BCL RA . 27.96 5.15 -5.90
CMA BCL RA . 29.51 3.29 -6.51
CAA BCL RA . 27.28 2.89 -3.49
CBA BCL RA . 27.18 1.38 -3.71
CGA BCL RA . 25.84 0.85 -3.33
O1A BCL RA . 24.84 1.47 -3.32
O2A BCL RA . 25.86 -0.42 -3.01
NB BCL RA . 27.74 8.13 -6.67
C1B BCL RA . 27.42 7.05 -7.49
C2B BCL RA . 26.91 7.51 -8.72
C3B BCL RA . 26.91 8.92 -8.69
C4B BCL RA . 27.46 9.26 -7.38
CMB BCL RA . 26.49 6.55 -9.82
CAB BCL RA . 26.45 9.93 -9.65
OBB BCL RA . 26.76 11.13 -9.55
CBB BCL RA . 25.58 9.61 -10.84
NC BCL RA . 28.69 10.10 -4.68
C1C BCL RA . 28.42 10.95 -5.72
C2C BCL RA . 28.76 12.36 -5.43
C3C BCL RA . 29.30 12.29 -4.00
C4C BCL RA . 29.43 10.81 -3.76
CMC BCL RA . 29.75 12.95 -6.42
CAC BCL RA . 28.42 13.01 -2.95
CBC BCL RA . 26.97 12.57 -2.99
ND BCL RA . 29.25 7.94 -2.94
C1D BCL RA . 29.93 8.90 -2.20
C2D BCL RA . 30.61 8.31 -1.10
C3D BCL RA . 30.31 6.95 -1.17
C4D BCL RA . 29.51 6.77 -2.29
CMD BCL RA . 31.46 9.05 -0.09
CAD BCL RA . 30.23 5.75 -0.43
OBD BCL RA . 30.68 5.45 0.70
CBD BCL RA . 29.41 4.71 -1.26
CGD BCL RA . 30.17 3.46 -1.37
O1D BCL RA . 31.22 3.31 -1.95
O2D BCL RA . 29.57 2.44 -0.76
CED BCL RA . 30.22 1.14 -0.83
C1 BCL RA . 24.60 -0.99 -2.55
C2 BCL RA . 24.66 -2.45 -2.90
C3 BCL RA . 24.13 -3.43 -2.19
C4 BCL RA . 23.43 -3.25 -0.86
C5 BCL RA . 24.14 -4.87 -2.71
C6 BCL RA . 22.82 -5.37 -3.29
C7 BCL RA . 22.27 -4.48 -4.40
C8 BCL RA . 20.84 -4.80 -4.81
C9 BCL RA . 20.53 -4.25 -6.21
C10 BCL RA . 19.86 -4.21 -3.78
C11 BCL RA . 18.45 -4.76 -3.81
C12 BCL RA . 18.35 -6.13 -3.15
C13 BCL RA . 16.95 -6.77 -3.29
C14 BCL RA . 15.88 -6.03 -2.49
C15 BCL RA . 17.05 -8.21 -2.77
C16 BCL RA . 17.77 -9.16 -3.70
C17 BCL RA . 18.16 -10.52 -3.10
C18 BCL RA . 18.96 -11.35 -4.09
C19 BCL RA . 19.13 -12.71 -3.40
C20 BCL RA . 20.32 -10.76 -4.45
O1 ZE0 SA . 20.58 -17.44 20.41
C1 ZE0 SA . 19.15 -17.45 20.21
C2 ZE0 SA . 18.50 -16.98 21.49
C3 ZE0 SA . 18.74 -18.87 19.86
C4 ZE0 SA . 18.85 -16.49 19.05
C5 ZE0 SA . 19.51 -15.11 19.12
C6 ZE0 SA . 19.12 -14.25 17.93
C7 ZE0 SA . 19.96 -12.99 17.81
C8 ZE0 SA . 21.41 -13.21 17.55
C9 ZE0 SA . 19.41 -11.77 17.94
C10 ZE0 SA . 20.10 -10.53 17.81
C11 ZE0 SA . 19.52 -9.35 18.00
C12 ZE0 SA . 20.13 -8.04 17.88
C13 ZE0 SA . 21.55 -7.96 17.38
C14 ZE0 SA . 19.41 -6.95 18.21
C15 ZE0 SA . 19.83 -5.58 18.17
C16 ZE0 SA . 19.04 -4.58 18.57
C17 ZE0 SA . 19.33 -3.16 18.54
C18 ZE0 SA . 20.64 -2.72 17.95
C19 ZE0 SA . 18.42 -2.29 19.03
C20 ZE0 SA . 18.46 -0.87 19.03
C21 ZE0 SA . 17.47 -0.13 19.55
C22 ZE0 SA . 17.39 1.29 19.50
C23 ZE0 SA . 16.38 2.07 19.95
C24 ZE0 SA . 15.22 1.52 20.74
C25 ZE0 SA . 16.36 3.48 19.62
C26 ZE0 SA . 15.34 4.33 19.84
C27 ZE0 SA . 15.36 5.70 19.47
C28 ZE0 SA . 14.34 6.59 19.57
C29 ZE0 SA . 12.98 6.22 20.08
C30 ZE0 SA . 14.53 7.94 19.08
C31 ZE0 SA . 13.61 8.90 19.00
C32 ZE0 SA . 13.89 10.19 18.46
C33 ZE0 SA . 12.99 11.18 18.35
C34 ZE0 SA . 11.56 11.04 18.80
C35 ZE0 SA . 13.36 12.52 17.79
C36 ZE0 SA . 12.29 13.10 16.84
C37 ZE0 SA . 12.64 14.49 16.42
C38 ZE0 SA . 12.39 15.08 15.28
C39 ZE0 SA . 12.83 16.49 14.97
C40 ZE0 SA . 11.67 14.41 14.15
MG BCL TA . 29.90 9.20 4.38
CHA BCL TA . 28.13 6.46 3.18
CHB BCL TA . 30.16 7.61 7.36
CHC BCL TA . 30.57 12.16 5.89
CHD BCL TA . 28.92 10.97 1.55
NA BCL TA . 29.20 7.29 5.15
C1A BCL TA . 28.58 6.25 4.46
C2A BCL TA . 28.60 4.98 5.26
C3A BCL TA . 28.93 5.48 6.67
C4A BCL TA . 29.54 6.82 6.42
CMA BCL TA . 27.68 5.60 7.54
CAA BCL TA . 29.62 3.98 4.72
CBA BCL TA . 30.01 2.77 5.58
CGA BCL TA . 28.90 1.99 6.20
O1A BCL TA . 27.77 2.00 5.84
O2A BCL TA . 29.28 1.27 7.23
NB BCL TA . 30.37 9.80 6.31
C1B BCL TA . 30.25 9.00 7.44
C2B BCL TA . 30.21 9.78 8.61
C3B BCL TA . 30.32 11.13 8.22
C4B BCL TA . 30.44 11.08 6.77
CMB BCL TA . 30.09 9.17 10.00
CAB BCL TA . 30.29 12.38 8.98
OBB BCL TA . 30.83 13.42 8.56
CBB BCL TA . 29.58 12.51 10.31
NC BCL TA . 29.79 11.26 3.79
C1C BCL TA . 30.09 12.33 4.59
C2C BCL TA . 30.11 13.63 3.87
C3C BCL TA . 29.58 13.25 2.48
C4C BCL TA . 29.34 11.77 2.58
CMC BCL TA . 29.27 14.70 4.57
CAC BCL TA . 30.55 13.67 1.34
CBC BCL TA . 31.86 12.90 1.37
ND BCL TA . 28.80 8.84 2.71
C1D BCL TA . 28.43 9.65 1.63
C2D BCL TA . 27.58 8.96 0.74
C3D BCL TA . 27.41 7.69 1.29
C4D BCL TA . 28.15 7.66 2.47
CMD BCL TA . 26.98 9.54 -0.53
CAD BCL TA . 26.76 6.45 1.17
OBD BCL TA . 25.99 6.00 0.29
CBD BCL TA . 27.15 5.57 2.39
CGD BCL TA . 25.95 5.14 3.11
O1D BCL TA . 25.17 5.88 3.69
O2D BCL TA . 25.73 3.84 3.08
CED BCL TA . 24.51 3.37 3.70
C1 BCL TA . 28.22 0.54 7.94
C2 BCL TA . 28.94 -0.38 8.89
C3 BCL TA . 29.10 -1.66 8.70
C4 BCL TA . 28.53 -2.45 7.53
C5 BCL TA . 29.93 -2.50 9.65
C6 BCL TA . 30.88 -1.71 10.55
C7 BCL TA . 31.94 -2.59 11.19
C8 BCL TA . 32.81 -1.76 12.12
C9 BCL TA . 34.08 -1.28 11.37
C10 BCL TA . 33.22 -2.57 13.37
C11 BCL TA . 32.09 -3.15 14.19
C12 BCL TA . 31.12 -2.11 14.75
C13 BCL TA . 29.70 -2.69 14.84
C14 BCL TA . 29.00 -2.69 13.48
C15 BCL TA . 28.88 -1.85 15.83
C16 BCL TA . 27.42 -2.24 16.07
C17 BCL TA . 26.32 -1.33 15.48
C18 BCL TA . 24.93 -1.78 15.90
C19 BCL TA . 23.97 -0.83 15.15
C20 BCL TA . 24.68 -1.67 17.40
MG BCL UA . 13.72 -1.49 28.43
CHA BCL UA . 11.58 -0.85 25.80
CHB BCL UA . 16.32 -1.27 26.25
CHC BCL UA . 15.85 -1.28 31.06
CHD BCL UA . 11.07 -0.96 30.64
NA BCL UA . 13.90 -1.09 26.30
C1A BCL UA . 12.88 -0.88 25.38
C2A BCL UA . 13.41 -0.73 24.00
C3A BCL UA . 14.89 -1.09 24.14
C4A BCL UA . 15.10 -1.09 25.63
CMA BCL UA . 15.20 -2.46 23.56
CAA BCL UA . 13.17 0.67 23.42
CBA BCL UA . 13.56 1.87 24.31
CGA BCL UA . 13.31 3.19 23.68
O1A BCL UA . 12.79 3.35 22.64
O2A BCL UA . 13.77 4.24 24.35
NB BCL UA . 15.77 -1.28 28.64
C1B BCL UA . 16.69 -1.25 27.60
C2B BCL UA . 18.00 -1.19 28.11
C3B BCL UA . 17.92 -1.18 29.51
C4B BCL UA . 16.48 -1.24 29.79
CMB BCL UA . 19.24 -1.15 27.21
CAB BCL UA . 19.05 -1.12 30.44
OBB BCL UA . 20.20 -1.46 30.11
CBB BCL UA . 18.90 -0.64 31.86
NC BCL UA . 13.49 -1.15 30.52
C1C BCL UA . 14.51 -1.15 31.44
C2C BCL UA . 14.05 -1.31 32.83
C3C BCL UA . 12.53 -1.08 32.72
C4C BCL UA . 12.31 -1.00 31.23
CMC BCL UA . 14.42 -2.64 33.45
CAC BCL UA . 12.04 0.17 33.49
CBC BCL UA . 12.53 1.47 32.88
ND BCL UA . 11.77 -0.93 28.30
C1D BCL UA . 10.75 -0.90 29.25
C2D BCL UA . 9.47 -0.82 28.63
C3D BCL UA . 9.73 -0.78 27.27
C4D BCL UA . 11.11 -0.86 27.11
CMD BCL UA . 8.17 -0.77 29.36
CAD BCL UA . 9.16 -0.69 25.97
OBD BCL UA . 8.00 -0.49 25.61
CBD BCL UA . 10.31 -0.87 24.94
CGD BCL UA . 10.12 -2.08 24.12
O1D BCL UA . 10.47 -2.21 22.97
O2D BCL UA . 9.50 -3.07 24.76
CED BCL UA . 9.26 -4.29 24.02
C1 BCL UA . 13.55 5.52 23.68
C2 BCL UA . 14.21 6.58 24.54
C3 BCL UA . 13.69 7.19 25.58
C4 BCL UA . 12.30 6.92 26.14
C5 BCL UA . 14.50 8.26 26.32
C6 BCL UA . 15.29 7.86 27.58
C7 BCL UA . 14.43 7.85 28.84
C8 BCL UA . 15.10 8.57 30.02
C9 BCL UA . 16.22 7.69 30.61
C10 BCL UA . 14.07 8.89 31.12
C11 BCL UA . 14.48 9.89 32.18
C12 BCL UA . 13.27 10.41 32.96
C13 BCL UA . 12.54 9.31 33.75
C14 BCL UA . 11.25 9.81 34.42
C15 BCL UA . 13.50 8.77 34.83
C16 BCL UA . 12.82 7.75 35.74
C17 BCL UA . 12.40 6.49 34.97
C18 BCL UA . 11.49 5.59 35.77
C19 BCL UA . 11.51 4.25 35.04
C20 BCL UA . 10.04 6.12 35.86
MG BCL VA . 24.74 11.25 11.69
CHA BCL VA . 24.32 8.99 14.24
CHB BCL VA . 25.99 8.72 9.76
CHC BCL VA . 25.63 13.51 9.36
CHD BCL VA . 24.69 13.85 14.05
NA BCL VA . 25.12 9.14 12.01
C1A BCL VA . 24.78 8.37 13.11
C2A BCL VA . 24.95 6.90 12.84
C3A BCL VA . 25.72 6.89 11.51
C4A BCL VA . 25.58 8.29 11.01
CMA BCL VA . 27.18 6.51 11.69
CAA BCL VA . 23.61 6.13 12.78
CBA BCL VA . 23.77 4.61 12.74
CGA BCL VA . 22.51 3.89 12.40
O1A BCL VA . 21.57 4.37 11.88
O2A BCL VA . 22.50 2.63 12.73
NB BCL VA . 25.71 11.15 9.87
C1B BCL VA . 26.04 9.99 9.17
C2B BCL VA . 26.41 10.28 7.85
C3B BCL VA . 26.30 11.68 7.68
C4B BCL VA . 25.89 12.18 8.99
CMB BCL VA . 26.84 9.20 6.87
CAB BCL VA . 26.50 12.55 6.51
OBB BCL VA . 26.55 13.79 6.61
CBB BCL VA . 26.65 12.03 5.11
NC BCL VA . 25.09 13.37 11.71
C1C BCL VA . 25.47 14.09 10.61
C2C BCL VA . 25.48 15.56 10.86
C3C BCL VA . 24.97 15.66 12.30
C4C BCL VA . 25.03 14.24 12.78
CMC BCL VA . 26.85 16.20 10.65
CAC BCL VA . 23.57 16.30 12.44
CBC BCL VA . 22.52 15.66 11.56
ND BCL VA . 24.58 11.44 13.71
C1D BCL VA . 24.51 12.53 14.56
C2D BCL VA . 24.28 12.13 15.90
C3D BCL VA . 24.19 10.73 15.86
C4D BCL VA . 24.38 10.36 14.53
CMD BCL VA . 24.18 13.05 17.09
CAD BCL VA . 23.68 9.59 16.52
OBD BCL VA . 23.22 9.45 17.67
CBD BCL VA . 23.76 8.38 15.54
CGD BCL VA . 24.51 7.28 16.15
O1D BCL VA . 25.71 7.27 16.36
O2D BCL VA . 23.75 6.23 16.44
CED BCL VA . 24.42 5.03 16.92
C1 BCL VA . 21.26 1.92 12.47
C2 BCL VA . 21.65 0.45 12.37
C3 BCL VA . 20.86 -0.54 12.70
C4 BCL VA . 19.46 -0.37 13.29
C5 BCL VA . 21.28 -1.99 12.49
C6 BCL VA . 20.63 -2.71 11.31
C7 BCL VA . 20.90 -2.04 9.96
C8 BCL VA . 19.96 -2.54 8.87
C9 BCL VA . 20.57 -2.26 7.48
C10 BCL VA . 18.59 -1.84 9.00
C11 BCL VA . 17.47 -2.47 8.23
C12 BCL VA . 16.97 -3.77 8.88
C13 BCL VA . 16.02 -4.58 7.98
C14 BCL VA . 14.65 -3.94 7.85
C15 BCL VA . 15.86 -5.96 8.63
C16 BCL VA . 17.03 -6.91 8.45
C17 BCL VA . 17.13 -8.04 9.48
C18 BCL VA . 18.37 -8.88 9.30
C19 BCL VA . 18.22 -10.03 10.31
C20 BCL VA . 19.69 -8.14 9.52
O1 ZE0 WA . 4.67 -13.00 30.08
C1 ZE0 WA . 3.61 -13.04 29.11
C2 ZE0 WA . 2.37 -12.46 29.76
C3 ZE0 WA . 3.38 -14.50 28.73
C4 ZE0 WA . 4.03 -12.22 27.90
C5 ZE0 WA . 4.51 -10.80 28.18
C6 ZE0 WA . 5.00 -10.13 26.90
C7 ZE0 WA . 5.64 -8.78 27.11
C8 ZE0 WA . 6.99 -8.81 27.77
C9 ZE0 WA . 5.03 -7.64 26.75
C10 ZE0 WA . 5.61 -6.34 26.83
C11 ZE0 WA . 4.94 -5.23 26.49
C12 ZE0 WA . 5.43 -3.86 26.52
C13 ZE0 WA . 6.88 -3.65 26.87
C14 ZE0 WA . 4.59 -2.85 26.26
C15 ZE0 WA . 4.87 -1.45 26.25
C16 ZE0 WA . 3.93 -0.53 26.00
C17 ZE0 WA . 4.11 0.92 25.90
C18 ZE0 WA . 5.50 1.46 26.08
C19 ZE0 WA . 3.04 1.68 25.63
C20 ZE0 WA . 3.00 3.09 25.39
C21 ZE0 WA . 1.86 3.73 25.09
C22 ZE0 WA . 1.77 5.10 24.75
C23 ZE0 WA . 0.64 5.77 24.37
C24 ZE0 WA . -0.72 5.13 24.41
C25 ZE0 WA . 0.74 7.13 23.87
C26 ZE0 WA . -0.24 7.82 23.30
C27 ZE0 WA . -0.11 9.13 22.77
C28 ZE0 WA . -1.04 9.84 22.08
C29 ZE0 WA . -2.40 9.30 21.78
C30 ZE0 WA . -0.68 11.15 21.55
C31 ZE0 WA . -1.46 11.94 20.81
C32 ZE0 WA . -1.01 13.20 20.30
C33 ZE0 WA . -1.76 14.04 19.57
C34 ZE0 WA . -3.17 13.75 19.18
C35 ZE0 WA . -1.21 15.37 19.12
C36 ZE0 WA . -1.44 15.66 17.64
C37 ZE0 WA . -1.03 17.06 17.31
C38 ZE0 WA . -0.27 17.48 16.32
C39 ZE0 WA . 0.12 18.92 16.14
C40 ZE0 WA . 0.28 16.56 15.26
MG BCL XA . 20.25 13.45 19.57
CHA BCL XA . 19.93 10.37 18.01
CHB BCL XA . 18.63 12.14 22.26
CHC BCL XA . 19.71 16.57 20.75
CHD BCL XA . 21.04 14.87 16.47
NA BCL XA . 19.38 11.51 20.03
C1A BCL XA . 19.45 10.33 19.30
C2A BCL XA . 19.06 9.14 20.12
C3A BCL XA . 18.38 9.78 21.34
C4A BCL XA . 18.85 11.20 21.27
CMA BCL XA . 16.86 9.70 21.25
CAA BCL XA . 20.26 8.26 20.50
CBA BCL XA . 20.09 7.20 21.61
CGA BCL XA . 18.88 6.31 21.52
O1A BCL XA . 18.24 6.13 20.56
O2A BCL XA . 18.52 5.77 22.67
NB BCL XA . 19.38 14.25 21.27
C1B BCL XA . 18.60 13.53 22.18
C2B BCL XA . 17.81 14.39 22.97
C3B BCL XA . 18.11 15.71 22.56
C4B BCL XA . 19.10 15.56 21.51
CMB BCL XA . 16.87 13.89 24.05
CAB BCL XA . 17.58 17.01 22.97
OBB BCL XA . 18.22 18.07 22.80
CBB BCL XA . 16.22 17.18 23.63
NC BCL XA . 20.38 15.43 18.73
C1C BCL XA . 20.12 16.58 19.41
C2C BCL XA . 20.52 17.81 18.68
C3C BCL XA . 21.00 17.25 17.34
C4C BCL XA . 20.73 15.78 17.45
CMC BCL XA . 19.40 18.83 18.56
CAC BCL XA . 22.47 17.63 17.02
CBC BCL XA . 23.47 16.94 17.92
ND BCL XA . 20.44 12.81 17.65
C1D BCL XA . 20.79 13.46 16.45
C2D BCL XA . 20.83 12.56 15.36
C3D BCL XA . 20.50 11.32 15.91
C4D BCL XA . 20.27 11.51 17.27
CMD BCL XA . 21.16 12.93 13.94
CAD BCL XA . 20.38 9.93 15.67
OBD BCL XA . 20.66 9.25 14.66
CBD BCL XA . 19.81 9.26 16.94
CGD BCL XA . 18.45 8.78 16.71
O1D BCL XA . 17.49 9.47 16.42
O2D BCL XA . 18.32 7.47 16.85
CED BCL XA . 16.98 6.93 16.61
C1 BCL XA . 17.28 4.99 22.66
C2 BCL XA . 17.23 4.27 23.98
C3 BCL XA . 17.57 3.00 24.15
C4 BCL XA . 18.03 2.07 23.03
C5 BCL XA . 17.59 2.36 25.53
C6 BCL XA . 17.71 3.31 26.71
C7 BCL XA . 18.09 2.59 28.00
C8 BCL XA . 18.12 3.53 29.21
C9 BCL XA . 19.56 4.02 29.48
C10 BCL XA . 17.56 2.83 30.45
C11 BCL XA . 16.17 2.22 30.34
C12 BCL XA . 15.08 3.22 29.97
C13 BCL XA . 13.92 2.52 29.25
C14 BCL XA . 14.22 2.29 27.78
C15 BCL XA . 12.66 3.38 29.37
C16 BCL XA . 11.37 2.84 28.75
C17 BCL XA . 10.86 3.51 27.48
C18 BCL XA . 9.60 2.86 26.95
C19 BCL XA . 9.31 3.60 25.63
C20 BCL XA . 8.40 2.96 27.89
MG BCL YA . 11.66 15.33 21.73
CHA BCL YA . 9.90 13.23 23.80
CHB BCL YA . 13.94 12.85 21.28
CHC BCL YA . 13.70 17.53 20.18
CHD BCL YA . 9.99 18.06 23.19
NA BCL YA . 11.88 13.31 22.48
C1A BCL YA . 10.98 12.58 23.25
C2A BCL YA . 11.37 11.13 23.34
C3A BCL YA . 12.79 11.12 22.75
C4A BCL YA . 12.88 12.45 22.06
CMA BCL YA . 13.86 10.98 23.81
CAA BCL YA . 10.41 10.18 22.61
CBA BCL YA . 10.71 8.70 22.85
CGA BCL YA . 10.07 7.78 21.88
O1A BCL YA . 9.75 8.05 20.78
O2A BCL YA . 9.81 6.59 22.38
NB BCL YA . 13.55 15.23 20.90
C1B BCL YA . 14.29 14.07 20.70
C2B BCL YA . 15.39 14.32 19.87
C3B BCL YA . 15.34 15.68 19.50
C4B BCL YA . 14.18 16.21 20.21
CMB BCL YA . 16.39 13.23 19.51
CAB BCL YA . 16.17 16.49 18.59
OBB BCL YA . 16.07 17.73 18.54
CBB BCL YA . 17.19 15.89 17.65
NC BCL YA . 11.80 17.48 21.69
C1C BCL YA . 12.75 18.17 20.99
C2C BCL YA . 12.49 19.63 20.95
C3C BCL YA . 11.19 19.77 21.76
C4C BCL YA . 11.03 18.40 22.36
CMC BCL YA . 13.63 20.46 21.50
CAC BCL YA . 9.97 20.23 20.91
CBC BCL YA . 9.73 19.39 19.67
ND BCL YA . 10.28 15.64 23.21
C1D BCL YA . 9.61 16.77 23.66
C2D BCL YA . 8.59 16.43 24.57
C3D BCL YA . 8.63 15.05 24.67
C4D BCL YA . 9.66 14.60 23.85
CMD BCL YA . 7.66 17.41 25.25
CAD BCL YA . 7.92 13.88 25.06
OBD BCL YA . 6.86 13.76 25.72
CBD BCL YA . 8.67 12.64 24.53
CGD BCL YA . 8.94 11.68 25.62
O1D BCL YA . 9.82 11.78 26.44
O2D BCL YA . 8.11 10.65 25.62
CED BCL YA . 8.42 9.54 26.50
C1 BCL YA . 9.09 5.66 21.54
C2 BCL YA . 9.62 4.28 21.90
C3 BCL YA . 8.88 3.21 21.98
C4 BCL YA . 7.37 3.18 21.75
C5 BCL YA . 9.49 1.84 22.30
C6 BCL YA . 9.74 0.93 21.11
C7 BCL YA . 10.75 1.50 20.11
C8 BCL YA . 10.75 0.77 18.78
C9 BCL YA . 12.06 1.03 18.02
C10 BCL YA . 9.55 1.23 17.93
C11 BCL YA . 9.17 0.35 16.76
C12 BCL YA . 8.43 -0.92 17.19
C13 BCL YA . 8.28 -1.96 16.05
C14 BCL YA . 7.23 -1.54 15.02
C15 BCL YA . 7.85 -3.29 16.67
C16 BCL YA . 8.90 -4.11 17.37
C17 BCL YA . 8.32 -5.22 18.27
C18 BCL YA . 9.38 -5.86 19.13
C19 BCL YA . 8.70 -7.07 19.77
C20 BCL YA . 9.94 -4.92 20.22
MG BCL ZA . -6.72 2.54 29.78
CHA BCL ZA . -6.69 2.56 26.31
CHB BCL ZA . -3.33 2.89 29.71
CHC BCL ZA . -6.78 3.41 33.05
CHD BCL ZA . -10.19 2.86 29.69
NA BCL ZA . -5.23 2.72 28.19
C1A BCL ZA . -5.42 2.64 26.82
C2A BCL ZA . -4.12 2.66 26.08
C3A BCL ZA . -3.09 2.52 27.21
C4A BCL ZA . -3.88 2.80 28.44
CMA BCL ZA . -2.49 1.11 27.26
CAA BCL ZA . -3.92 3.91 25.22
CBA BCL ZA . -4.24 5.24 25.91
CGA BCL ZA . -4.04 6.47 25.08
O1A BCL ZA . -3.56 6.48 24.00
O2A BCL ZA . -4.39 7.59 25.69
NB BCL ZA . -5.29 3.12 31.17
C1B BCL ZA . -3.92 3.12 30.96
C2B BCL ZA . -3.24 3.36 32.17
C3B BCL ZA . -4.20 3.54 33.17
C4B BCL ZA . -5.49 3.36 32.49
CMB BCL ZA . -1.73 3.41 32.27
CAB BCL ZA . -3.93 3.82 34.59
OBB BCL ZA . -2.85 3.53 35.12
CBB BCL ZA . -4.94 4.49 35.49
NC BCL ZA . -8.26 3.08 31.15
C1C BCL ZA . -8.06 3.33 32.48
C2C BCL ZA . -9.31 3.27 33.29
C3C BCL ZA . -10.40 3.15 32.21
C4C BCL ZA . -9.62 3.07 30.92
CMC BCL ZA . -9.32 2.14 34.30
CAC BCL ZA . -11.45 4.29 32.26
CBC BCL ZA . -10.91 5.62 31.78
ND BCL ZA . -8.15 2.76 28.35
C1D BCL ZA . -9.54 2.73 28.43
C2D BCL ZA . -10.13 2.56 27.16
C3D BCL ZA . -9.06 2.49 26.27
C4D BCL ZA . -7.89 2.61 27.02
CMD BCL ZA . -11.60 2.48 26.87
CAD BCL ZA . -8.67 2.42 24.90
OBD BCL ZA . -9.35 2.37 23.86
CBD BCL ZA . -7.12 2.40 24.84
CGD BCL ZA . -6.61 1.20 24.17
O1D BCL ZA . -5.69 1.17 23.38
O2D BCL ZA . -7.27 0.08 24.49
CED BCL ZA . -6.79 -1.16 23.91
C1 BCL ZA . -4.14 8.84 24.97
C2 BCL ZA . -4.83 9.92 25.80
C3 BCL ZA . -6.12 10.16 25.76
C4 BCL ZA . -7.12 9.45 24.87
C5 BCL ZA . -6.75 11.20 26.68
C6 BCL ZA . -6.01 11.44 27.98
C7 BCL ZA . -6.93 12.07 29.04
C8 BCL ZA . -6.16 12.42 30.31
C9 BCL ZA . -5.47 11.14 30.85
C10 BCL ZA . -7.08 13.00 31.39
C11 BCL ZA . -7.06 14.52 31.53
C12 BCL ZA . -7.82 15.31 30.45
C13 BCL ZA . -9.30 14.96 30.29
C14 BCL ZA . -9.97 15.82 29.22
C15 BCL ZA . -10.00 15.23 31.64
C16 BCL ZA . -11.43 14.74 31.81
C17 BCL ZA . -11.67 13.23 32.07
C18 BCL ZA . -13.13 12.96 32.42
C19 BCL ZA . -13.22 11.43 32.55
C20 BCL ZA . -14.15 13.46 31.38
MG BCL AB . 2.86 17.46 24.41
CHA BCL AB . 3.82 14.24 23.61
CHB BCL AB . -0.02 16.17 25.70
CHC BCL AB . 1.59 20.58 24.61
CHD BCL AB . 5.42 18.70 22.38
NA BCL AB . 2.02 15.46 24.58
C1A BCL AB . 2.66 14.27 24.32
C2A BCL AB . 1.97 13.11 24.99
C3A BCL AB . 0.65 13.74 25.48
C4A BCL AB . 0.87 15.20 25.29
CMA BCL AB . -0.55 13.23 24.68
CAA BCL AB . 2.81 12.50 26.12
CBA BCL AB . 2.10 11.55 27.10
CGA BCL AB . 1.29 10.48 26.45
O1A BCL AB . 1.55 9.96 25.43
O2A BCL AB . 0.21 10.14 27.11
NB BCL AB . 1.07 18.27 25.07
C1B BCL AB . -0.05 17.56 25.48
C2B BCL AB . -1.15 18.41 25.61
C3B BCL AB . -0.72 19.71 25.29
C4B BCL AB . 0.70 19.58 24.98
CMB BCL AB . -2.53 17.91 26.03
CAB BCL AB . -1.43 20.98 25.22
OBB BCL AB . -0.85 22.07 25.37
CBB BCL AB . -2.91 21.09 24.94
NC BCL AB . 3.40 19.35 23.58
C1C BCL AB . 2.80 20.53 23.90
C2C BCL AB . 3.57 21.74 23.50
C3C BCL AB . 4.79 21.14 22.79
C4C BCL AB . 4.56 19.65 22.88
CMC BCL AB . 2.77 22.70 22.63
CAC BCL AB . 6.13 21.65 23.38
CBC BCL AB . 6.40 21.14 24.79
ND BCL AB . 4.28 16.69 23.20
C1D BCL AB . 5.33 17.27 22.48
C2D BCL AB . 6.19 16.30 21.92
C3D BCL AB . 5.66 15.07 22.33
C4D BCL AB . 4.52 15.35 23.10
CMD BCL AB . 7.39 16.58 21.07
CAD BCL AB . 5.71 13.66 22.20
OBD BCL AB . 6.54 12.92 21.62
CBD BCL AB . 4.49 13.05 22.93
CGD BCL AB . 3.59 12.32 22.03
O1D BCL AB . 2.77 12.83 21.30
O2D BCL AB . 3.72 11.00 22.08
CED BCL AB . 2.87 10.24 21.18
C1 BCL AB . -0.63 9.12 26.49
C2 BCL AB . -1.57 8.64 27.57
C3 BCL AB . -1.51 7.45 28.13
C4 BCL AB . -0.50 6.37 27.77
C5 BCL AB . -2.47 7.06 29.24
C6 BCL AB . -1.92 7.21 30.65
C7 BCL AB . -2.94 6.87 31.74
C8 BCL AB . -3.80 8.09 32.04
C9 BCL AB . -3.00 9.10 32.90
C10 BCL AB . -5.09 7.70 32.77
C11 BCL AB . -6.11 6.81 32.07
C12 BCL AB . -6.76 7.47 30.86
C13 BCL AB . -7.13 6.43 29.79
C14 BCL AB . -5.90 5.96 29.01
C15 BCL AB . -8.11 7.08 28.81
C16 BCL AB . -8.34 6.26 27.55
C17 BCL AB . -9.57 6.77 26.82
C18 BCL AB . -9.87 6.00 25.54
C19 BCL AB . -8.73 6.30 24.56
C20 BCL AB . -11.22 6.39 24.92
O1 ZE0 BB . -14.03 -10.03 27.18
C1 ZE0 BB . -14.27 -10.29 25.78
C2 ZE0 BB . -15.68 -9.81 25.45
C3 ZE0 BB . -14.15 -11.79 25.57
C4 ZE0 BB . -13.22 -9.53 24.97
C5 ZE0 BB . -13.11 -8.04 25.24
C6 ZE0 BB . -11.95 -7.43 24.47
C7 ZE0 BB . -11.66 -5.99 24.81
C8 ZE0 BB . -11.00 -5.77 26.14
C9 ZE0 BB . -11.98 -5.00 23.98
C10 ZE0 BB . -11.67 -3.62 24.17
C11 ZE0 BB . -12.03 -2.66 23.32
C12 ZE0 BB . -11.70 -1.25 23.39
C13 ZE0 BB . -10.73 -0.81 24.45
C14 ZE0 BB . -12.26 -0.40 22.52
C15 ZE0 BB . -12.10 1.02 22.43
C16 ZE0 BB . -12.74 1.78 21.54
C17 ZE0 BB . -12.61 3.22 21.35
C18 ZE0 BB . -11.62 3.97 22.19
C19 ZE0 BB . -13.35 3.80 20.38
C20 ZE0 BB . -13.33 5.16 19.96
C21 ZE0 BB . -14.07 5.61 18.93
C22 ZE0 BB . -14.02 6.93 18.39
C23 ZE0 BB . -14.68 7.39 17.31
C24 ZE0 BB . -15.71 6.57 16.57
C25 ZE0 BB . -14.40 8.72 16.81
C26 ZE0 BB . -14.88 9.26 15.68
C27 ZE0 BB . -14.56 10.56 15.20
C28 ZE0 BB . -14.93 11.12 14.03
C29 ZE0 BB . -15.80 10.42 13.03
C30 ZE0 BB . -14.38 12.42 13.66
C31 ZE0 BB . -14.53 13.04 12.50
C32 ZE0 BB . -13.93 14.31 12.20
C33 ZE0 BB . -14.06 14.95 11.05
C34 ZE0 BB . -14.82 14.40 9.87
C35 ZE0 BB . -13.44 16.31 10.83
C36 ZE0 BB . -12.67 16.47 9.52
C37 ZE0 BB . -12.23 17.89 9.34
C38 ZE0 BB . -11.06 18.33 8.93
C39 ZE0 BB . -10.73 19.80 8.84
C40 ZE0 BB . -9.95 17.42 8.51
MG BCL CB . -5.08 18.33 20.76
CHA BCL CB . -7.69 16.21 21.58
CHB BCL CB . -2.94 16.08 22.16
CHC BCL CB . -2.62 20.62 20.57
CHD BCL CB . -7.41 20.93 20.39
NA BCL CB . -5.32 16.41 21.76
C1A BCL CB . -6.48 15.66 21.93
C2A BCL CB . -6.17 14.29 22.47
C3A BCL CB . -4.69 14.39 22.86
C4A BCL CB . -4.24 15.65 22.19
CMA BCL CB . -4.49 14.47 24.37
CAA BCL CB . -6.47 13.18 21.46
CBA BCL CB . -6.35 11.75 22.01
CGA BCL CB . -5.92 10.78 20.97
O1A BCL CB . -5.27 11.03 20.03
O2A BCL CB . -6.36 9.56 21.18
NB BCL CB . -3.10 18.38 21.34
C1B BCL CB . -2.35 17.29 21.77
C2B BCL CB . -0.99 17.58 21.73
C3B BCL CB . -0.84 18.90 21.25
C4B BCL CB . -2.20 19.37 21.05
CMB BCL CB . 0.07 16.58 22.16
CAB BCL CB . 0.34 19.72 20.94
OBB BCL CB . 0.27 20.95 20.74
CBB BCL CB . 1.72 19.15 20.82
NC BCL CB . -5.03 20.45 20.51
C1C BCL CB . -3.89 21.19 20.45
C2C BCL CB . -4.12 22.61 20.04
C3C BCL CB . -5.63 22.62 19.78
C4C BCL CB . -6.10 21.32 20.36
CMC BCL CB . -3.66 23.61 21.09
CAC BCL CB . -6.02 22.84 18.29
CBC BCL CB . -5.31 21.90 17.34
ND BCL CB . -7.09 18.57 20.96
C1D BCL CB . -7.95 19.65 20.73
C2D BCL CB . -9.30 19.29 20.88
C3D BCL CB . -9.28 17.93 21.21
C4D BCL CB . -7.94 17.55 21.26
CMD BCL CB . -10.49 20.21 20.73
CAD BCL CB . -10.04 16.73 21.25
OBD BCL CB . -11.28 16.56 21.16
CBD BCL CB . -9.06 15.54 21.44
CGD BCL CB . -9.51 14.69 22.56
O1D BCL CB . -9.56 15.02 23.73
O2D BCL CB . -9.85 13.48 22.18
CED BCL CB . -10.22 12.52 23.21
C1 BCL CB . -6.04 8.57 20.17
C2 BCL CB . -6.01 7.25 20.88
C3 BCL CB . -6.77 6.20 20.68
C4 BCL CB . -7.94 6.16 19.70
C5 BCL CB . -6.51 4.89 21.39
C6 BCL CB . -5.57 3.92 20.68
C7 BCL CB . -4.12 4.41 20.63
C8 BCL CB . -3.20 3.48 19.84
C9 BCL CB . -1.72 3.82 20.14
C10 BCL CB . -3.49 3.66 18.34
C11 BCL CB . -2.99 2.54 17.45
C12 BCL CB . -3.84 1.27 17.54
C13 BCL CB . -3.21 0.09 16.78
C14 BCL CB . -3.45 0.16 15.26
C15 BCL CB . -3.85 -1.21 17.29
C16 BCL CB . -3.33 -1.68 18.63
C17 BCL CB . -4.14 -2.80 19.26
C18 BCL CB . -3.65 -3.15 20.64
C19 BCL CB . -4.48 -4.36 21.06
C20 BCL CB . -3.79 -2.01 21.68
MG BCL DB . -23.57 3.61 17.51
CHA BCL DB . -21.35 3.31 14.88
CHB BCL DB . -20.94 4.43 19.50
CHC BCL DB . -25.75 4.73 19.85
CHD BCL DB . -26.21 3.50 15.22
NA BCL DB . -21.44 3.84 17.19
C1A BCL DB . -20.71 3.63 16.04
C2A BCL DB . -19.24 3.83 16.26
C3A BCL DB . -19.13 3.93 17.79
C4A BCL DB . -20.56 4.16 18.22
CMA BCL DB . -18.59 2.65 18.40
CAA BCL DB . -18.70 5.07 15.54
CBA BCL DB . -19.53 6.33 15.74
CGA BCL DB . -19.02 7.52 14.99
O1A BCL DB . -18.03 7.56 14.35
O2A BCL DB . -19.77 8.57 15.15
NB BCL DB . -23.39 4.47 19.39
C1B BCL DB . -22.20 4.70 20.06
C2B BCL DB . -22.46 5.22 21.34
C3B BCL DB . -23.85 5.33 21.49
C4B BCL DB . -24.40 4.85 20.23
CMB BCL DB . -21.36 5.57 22.32
CAB BCL DB . -24.54 5.82 22.69
OBB BCL DB . -24.02 5.80 23.81
CBB BCL DB . -25.94 6.39 22.63
NC BCL DB . -25.66 4.06 17.53
C1C BCL DB . -26.37 4.49 18.62
C2C BCL DB . -27.84 4.41 18.44
C3C BCL DB . -27.98 3.94 16.99
C4C BCL DB . -26.56 3.93 16.49
CMC BCL DB . -28.50 3.48 19.46
CAC BCL DB . -28.96 4.83 16.16
CBC BCL DB . -28.41 6.20 15.87
ND BCL DB . -23.78 3.53 15.49
C1D BCL DB . -24.90 3.32 14.68
C2D BCL DB . -24.52 2.94 13.37
C3D BCL DB . -23.14 2.92 13.38
C4D BCL DB . -22.73 3.27 14.65
CMD BCL DB . -25.47 2.64 12.25
CAD BCL DB . -21.97 2.79 12.59
OBD BCL DB . -21.82 2.60 11.36
CBD BCL DB . -20.74 2.93 13.52
CGD BCL DB . -19.91 1.72 13.53
O1D BCL DB . -18.69 1.71 13.53
O2D BCL DB . -20.59 0.59 13.54
CED BCL DB . -19.83 -0.66 13.56
C1 BCL DB . -19.35 9.82 14.51
C2 BCL DB . -20.41 10.82 14.86
C3 BCL DB . -21.41 11.24 14.13
C4 BCL DB . -21.67 10.83 12.68
C5 BCL DB . -22.46 12.17 14.72
C6 BCL DB . -22.89 11.82 16.14
C7 BCL DB . -24.32 12.22 16.47
C8 BCL DB . -24.66 13.70 16.41
C9 BCL DB . -23.69 14.52 17.29
C10 BCL DB . -26.11 13.90 16.91
C11 BCL DB . -26.64 15.33 16.92
C12 BCL DB . -26.60 16.01 15.55
C13 BCL DB . -27.45 15.31 14.48
C14 BCL DB . -27.31 15.97 13.12
C15 BCL DB . -28.92 15.42 14.94
C16 BCL DB . -29.99 14.85 14.01
C17 BCL DB . -29.82 13.36 13.67
C18 BCL DB . -31.15 12.70 13.32
C19 BCL DB . -30.77 11.24 12.97
C20 BCL DB . -31.90 13.36 12.16
O1 ZE0 EB . -25.99 -10.55 12.87
C1 ZE0 EB . -25.68 -10.52 11.46
C2 ZE0 EB . -26.93 -10.04 10.73
C3 ZE0 EB . -25.32 -11.93 11.04
C4 ZE0 EB . -24.52 -9.57 11.25
C5 ZE0 EB . -24.78 -8.10 11.56
C6 ZE0 EB . -23.48 -7.29 11.53
C7 ZE0 EB . -23.66 -5.81 11.80
C8 ZE0 EB . -24.10 -5.47 13.20
C9 ZE0 EB . -23.44 -4.90 10.86
C10 ZE0 EB . -23.50 -3.49 11.02
C11 ZE0 EB . -23.29 -2.64 10.02
C12 ZE0 EB . -23.30 -1.18 10.08
C13 ZE0 EB . -23.45 -0.53 11.43
C14 ZE0 EB . -23.17 -0.48 8.93
C15 ZE0 EB . -23.17 0.94 8.76
C16 ZE0 EB . -23.06 1.52 7.57
C17 ZE0 EB . -23.00 2.94 7.29
C18 ZE0 EB . -23.06 3.90 8.44
C19 ZE0 EB . -22.89 3.34 6.00
C20 ZE0 EB . -22.73 4.66 5.49
C21 ZE0 EB . -22.60 4.89 4.17
C22 ZE0 EB . -22.36 6.16 3.58
C23 ZE0 EB . -22.18 6.42 2.26
C24 ZE0 EB . -22.34 5.38 1.20
C25 ZE0 EB . -21.77 7.75 1.85
C26 ZE0 EB . -21.40 8.11 0.62
C27 ZE0 EB . -20.97 9.41 0.24
C28 ZE0 EB . -20.48 9.80 -0.96
C29 ZE0 EB . -20.37 8.88 -2.13
C30 ZE0 EB . -19.97 11.16 -1.10
C31 ZE0 EB . -19.35 11.67 -2.17
C32 ZE0 EB . -18.83 12.99 -2.22
C33 ZE0 EB . -18.19 13.50 -3.28
C34 ZE0 EB . -17.94 12.72 -4.54
C35 ZE0 EB . -17.69 14.92 -3.28
C36 ZE0 EB . -16.27 15.07 -3.85
C37 ZE0 EB . -15.88 16.51 -3.94
C38 ZE0 EB . -14.70 17.05 -3.75
C39 ZE0 EB . -14.45 18.52 -3.87
C40 ZE0 EB . -13.49 16.25 -3.40
MG BCL FB . -13.70 19.44 17.36
CHA BCL FB . -12.26 16.30 17.65
CHB BCL FB . -16.67 17.92 16.72
CHC BCL FB . -14.90 22.36 16.13
CHD BCL FB . -10.49 20.81 17.15
NA BCL FB . -14.34 17.37 17.19
C1A BCL FB . -13.62 16.22 17.46
C2A BCL FB . -14.52 15.04 17.66
C3A BCL FB . -15.86 15.54 17.09
C4A BCL FB . -15.67 17.02 17.02
CMA BCL FB . -16.16 14.94 15.72
CAA BCL FB . -14.60 14.63 19.14
CBA BCL FB . -15.75 13.68 19.56
CGA BCL FB . -15.91 12.45 18.74
O1A BCL FB . -15.05 11.93 18.12
O2A BCL FB . -17.13 11.97 18.69
NB BCL FB . -15.51 20.06 16.58
C1B BCL FB . -16.60 19.24 16.31
C2B BCL FB . -17.58 19.94 15.58
C3B BCL FB . -17.11 21.26 15.40
C4B BCL FB . -15.80 21.29 16.04
CMB BCL FB . -18.89 19.30 15.15
CAB BCL FB . -17.67 22.42 14.70
OBB BCL FB . -17.32 23.58 14.98
CBB BCL FB . -18.70 22.30 13.61
NC BCL FB . -12.82 21.31 16.75
C1C BCL FB . -13.52 22.39 16.29
C2C BCL FB . -12.71 23.63 16.20
C3C BCL FB . -11.31 23.15 16.61
C4C BCL FB . -11.49 21.66 16.76
CMC BCL FB . -12.77 24.29 14.83
CAC BCL FB . -10.77 23.86 17.87
CBC BCL FB . -11.52 23.48 19.13
ND BCL FB . -11.78 18.75 17.40
C1D BCL FB . -10.54 19.39 17.30
C2D BCL FB . -9.47 18.48 17.36
C3D BCL FB . -10.08 17.23 17.50
C4D BCL FB . -11.45 17.43 17.52
CMD BCL FB . -8.01 18.83 17.29
CAD BCL FB . -9.88 15.83 17.72
OBD BCL FB . -8.83 15.19 17.92
CBD BCL FB . -11.25 15.14 17.66
CGD BCL FB . -11.35 14.23 16.49
O1D BCL FB . -11.44 14.59 15.34
O2D BCL FB . -11.36 12.95 16.81
CED BCL FB . -11.40 12.03 15.69
C1 BCL FB . -17.34 10.84 17.80
C2 BCL FB . -18.51 10.04 18.35
C3 BCL FB . -18.32 8.98 19.10
C4 BCL FB . -16.95 8.44 19.47
C5 BCL FB . -19.46 8.15 19.70
C6 BCL FB . -20.87 8.67 19.52
C7 BCL FB . -21.24 9.83 20.44
C8 BCL FB . -22.55 10.58 20.18
C9 BCL FB . -22.56 11.90 20.98
C10 BCL FB . -23.84 9.78 20.51
C11 BCL FB . -24.27 8.58 19.66
C12 BCL FB . -24.27 8.91 18.16
C13 BCL FB . -24.28 7.68 17.24
C14 BCL FB . -22.95 6.95 17.24
C15 BCL FB . -24.57 8.12 15.79
C16 BCL FB . -24.05 7.16 14.73
C17 BCL FB . -24.28 7.53 13.27
C18 BCL FB . -23.64 6.55 12.30
C19 BCL FB . -22.14 6.89 12.33
C20 BCL FB . -24.19 6.65 10.87
MG BCL GB . -28.92 1.37 -2.48
CHA BCL GB . -25.52 1.19 -3.07
CHB BCL GB . -28.22 2.81 0.52
CHC BCL GB . -32.16 2.27 -2.19
CHD BCL GB . -29.49 0.67 -5.85
NA BCL GB . -27.09 1.94 -1.45
C1A BCL GB . -25.78 1.71 -1.83
C2A BCL GB . -24.81 2.17 -0.79
C3A BCL GB . -25.71 2.39 0.43
C4A BCL GB . -27.08 2.46 -0.16
CMA BCL GB . -25.60 1.24 1.43
CAA BCL GB . -24.03 3.44 -1.21
CBA BCL GB . -24.90 4.59 -1.73
CGA BCL GB . -24.12 5.78 -2.19
O1A BCL GB . -22.95 5.89 -2.16
O2A BCL GB . -24.89 6.73 -2.65
NB BCL GB . -30.03 2.38 -1.07
C1B BCL GB . -29.55 2.91 0.13
C2B BCL GB . -30.59 3.54 0.84
C3B BCL GB . -31.77 3.42 0.08
C4B BCL GB . -31.36 2.68 -1.12
CMB BCL GB . -30.39 4.22 2.18
CAB BCL GB . -33.09 3.92 0.46
OBB BCL GB . -33.39 4.18 1.64
CBB BCL GB . -34.19 4.17 -0.55
NC BCL GB . -30.58 1.45 -3.83
C1C BCL GB . -31.84 1.86 -3.49
C2C BCL GB . -32.85 1.53 -4.52
C3C BCL GB . -32.01 1.00 -5.69
C4C BCL GB . -30.59 1.13 -5.17
CMC BCL GB . -33.89 0.53 -4.02
CAC BCL GB . -32.27 1.75 -7.02
CBC BCL GB . -31.77 3.18 -7.00
ND BCL GB . -27.79 1.09 -4.15
C1D BCL GB . -28.13 0.65 -5.43
C2D BCL GB . -26.98 0.22 -6.15
C3D BCL GB . -25.91 0.40 -5.28
C4D BCL GB . -26.44 0.93 -4.10
CMD BCL GB . -26.98 -0.33 -7.54
CAD BCL GB . -24.51 0.42 -5.14
OBD BCL GB . -23.61 0.18 -5.98
CBD BCL GB . -24.16 0.84 -3.69
CGD BCL GB . -23.40 -0.21 -3.01
O1D BCL GB . -22.40 -0.03 -2.32
O2D BCL GB . -23.89 -1.43 -3.18
CED BCL GB . -23.18 -2.53 -2.55
C1 BCL GB . -24.25 7.96 -3.15
C2 BCL GB . -25.38 8.82 -3.66
C3 BCL GB . -25.77 9.04 -4.89
C4 BCL GB . -25.09 8.50 -6.14
C5 BCL GB . -27.04 9.85 -5.16
C6 BCL GB . -28.26 9.44 -4.31
C7 BCL GB . -29.59 9.85 -4.94
C8 BCL GB . -29.78 11.35 -5.19
C9 BCL GB . -29.52 12.15 -3.90
C10 BCL GB . -31.21 11.61 -5.68
C11 BCL GB . -31.49 13.02 -6.17
C12 BCL GB . -30.59 13.46 -7.33
C13 BCL GB . -30.64 12.56 -8.56
C14 BCL GB . -29.66 13.02 -9.64
C15 BCL GB . -32.07 12.56 -9.16
C16 BCL GB . -32.28 11.79 -10.48
C17 BCL GB . -31.86 10.31 -10.43
C18 BCL GB . -32.51 9.43 -11.49
C19 BCL GB . -31.81 8.06 -11.33
C20 BCL GB . -32.34 9.94 -12.92
MG BCL HB . -17.56 18.80 9.23
CHA BCL HB . -19.99 16.44 8.57
CHB BCL HB . -16.70 17.00 12.01
CHC BCL HB . -15.62 21.36 10.25
CHD BCL HB . -19.25 21.02 7.12
NA BCL HB . -18.29 16.96 10.15
C1A BCL HB . -19.26 16.09 9.68
C2A BCL HB . -19.31 14.84 10.50
C3A BCL HB . -18.48 15.21 11.74
C4A BCL HB . -17.71 16.40 11.28
CMA BCL HB . -19.35 15.53 12.95
CAA BCL HB . -18.77 13.62 9.75
CBA BCL HB . -19.04 12.29 10.42
CGA BCL HB . -18.12 11.21 9.97
O1A BCL HB . -17.10 11.38 9.44
O2A BCL HB . -18.57 10.02 10.23
NB BCL HB . -16.39 19.17 10.90
C1B BCL HB . -16.05 18.23 11.87
C2B BCL HB . -15.00 18.70 12.67
C3B BCL HB . -14.63 19.98 12.17
C4B BCL HB . -15.56 20.23 11.09
CMB BCL HB . -14.43 17.90 13.82
CAB BCL HB . -13.57 20.92 12.56
OBB BCL HB . -13.55 22.09 12.16
CBB BCL HB . -12.42 20.53 13.45
NC BCL HB . -17.46 20.88 8.75
C1C BCL HB . -16.58 21.76 9.30
C2C BCL HB . -16.53 23.07 8.60
C3C BCL HB . -17.57 22.89 7.49
C4C BCL HB . -18.24 21.59 7.86
CMC BCL HB . -16.83 24.25 9.52
CAC BCL HB . -16.96 22.88 6.06
CBC BCL HB . -15.82 21.92 5.89
ND BCL HB . -19.24 18.79 8.09
C1D BCL HB . -19.84 19.74 7.25
C2D BCL HB . -21.01 19.23 6.64
C3D BCL HB . -21.13 17.92 7.11
C4D BCL HB . -20.07 17.70 7.98
CMD BCL HB . -21.90 19.99 5.70
CAD BCL HB . -21.70 16.64 6.86
OBD BCL HB . -22.63 16.31 6.10
CBD BCL HB . -20.97 15.59 7.74
CGD BCL HB . -21.94 14.76 8.46
O1D BCL HB . -22.78 15.18 9.24
O2D BCL HB . -21.83 13.47 8.19
CED BCL HB . -22.75 12.57 8.85
C1 BCL HB . -17.75 8.92 9.75
C2 BCL HB . -18.15 7.73 10.58
C3 BCL HB . -18.35 6.51 10.13
C4 BCL HB . -18.27 6.08 8.68
C5 BCL HB . -18.64 5.36 11.10
C6 BCL HB . -17.44 4.46 11.39
C7 BCL HB . -16.28 5.21 12.05
C8 BCL HB . -14.98 4.43 12.08
C9 BCL HB . -14.06 4.95 13.18
C10 BCL HB . -14.28 4.55 10.72
C11 BCL HB . -13.13 3.58 10.46
C12 BCL HB . -13.60 2.15 10.22
C13 BCL HB . -12.45 1.13 10.24
C14 BCL HB . -11.60 1.17 8.98
C15 BCL HB . -13.04 -0.28 10.37
C16 BCL HB . -13.57 -0.69 11.73
C17 BCL HB . -14.41 -1.96 11.70
C18 BCL HB . -15.08 -2.24 13.04
C19 BCL HB . -15.69 -3.64 12.90
C20 BCL HB . -16.16 -1.21 13.42
MG BCL IB . -22.28 18.34 1.17
CHA BCL IB . -21.15 15.46 2.74
CHB BCL IB . -24.20 16.38 -0.83
CHC BCL IB . -22.61 20.92 -1.01
CHD BCL IB . -19.71 20.12 2.73
NA BCL IB . -22.59 16.20 0.99
C1A BCL IB . -22.12 15.19 1.80
C2A BCL IB . -22.83 13.89 1.54
C3A BCL IB . -23.51 14.15 0.19
C4A BCL IB . -23.53 15.65 0.13
CMA BCL IB . -22.73 13.54 -0.97
CAA BCL IB . -23.83 13.55 2.66
CBA BCL IB . -24.89 12.46 2.39
CGA BCL IB . -24.41 11.18 1.81
O1A BCL IB . -23.31 10.75 1.91
O2A BCL IB . -25.31 10.50 1.12
NB BCL IB . -23.28 18.64 -0.62
C1B BCL IB . -23.94 17.66 -1.35
C2B BCL IB . -24.28 18.13 -2.63
C3B BCL IB . -23.82 19.46 -2.72
C4B BCL IB . -23.23 19.74 -1.43
CMB BCL IB . -25.02 17.28 -3.65
CAB BCL IB . -23.84 20.43 -3.82
OBB BCL IB . -23.79 21.66 -3.61
CBB BCL IB . -23.91 20.02 -5.27
NC BCL IB . -21.31 20.25 0.91
C1C BCL IB . -21.61 21.16 -0.06
C2C BCL IB . -20.95 22.47 0.13
C3C BCL IB . -20.08 22.24 1.36
C4C BCL IB . -20.28 20.77 1.67
CMC BCL IB . -20.18 22.94 -1.10
CAC BCL IB . -20.40 23.19 2.54
CBC BCL IB . -21.79 22.96 3.11
ND BCL IB . -20.75 17.93 2.44
C1D BCL IB . -19.76 18.73 3.02
C2D BCL IB . -18.92 17.97 3.87
C3D BCL IB . -19.41 16.67 3.82
C4D BCL IB . -20.50 16.68 2.94
CMD BCL IB . -17.76 18.52 4.66
CAD BCL IB . -19.27 15.35 4.28
OBD BCL IB . -18.52 14.86 5.15
CBD BCL IB . -20.28 14.46 3.50
CGD BCL IB . -19.58 13.47 2.67
O1D BCL IB . -18.92 13.72 1.68
O2D BCL IB . -19.71 12.22 3.10
CED BCL IB . -18.93 11.22 2.39
C1 BCL IB . -24.86 9.27 0.47
C2 BCL IB . -26.07 8.36 0.32
C3 BCL IB . -26.32 7.37 1.16
C4 BCL IB . -25.46 7.00 2.34
C5 BCL IB . -27.55 6.45 1.03
C6 BCL IB . -28.55 6.74 -0.06
C7 BCL IB . -29.50 7.89 0.22
C8 BCL IB . -30.35 8.42 -0.96
C9 BCL IB . -31.00 9.77 -0.56
C10 BCL IB . -31.47 7.44 -1.42
C11 BCL IB . -31.15 6.16 -2.19
C12 BCL IB . -30.24 6.42 -3.41
C13 BCL IB . -29.51 5.17 -3.91
C14 BCL IB . -28.43 4.70 -2.96
C15 BCL IB . -28.85 5.46 -5.27
C16 BCL IB . -27.69 4.53 -5.61
C17 BCL IB . -26.94 4.73 -6.92
C18 BCL IB . -25.70 3.86 -7.00
C19 BCL IB . -24.67 4.60 -6.12
C20 BCL IB . -25.14 3.71 -8.42
#